data_2YS1
#
_entry.id   2YS1
#
_entity_poly.entity_id   1
_entity_poly.type   'polypeptide(L)'
_entity_poly.pdbx_seq_one_letter_code
;GSSGSSGVIRRGWLTINNISLMKGGSKEYWFVLTAESLSWYKDEEEKEKKYMLPLDNLKIRDVEKGFMSNKHVFAIFNTE
QRNVYKDLRQIELACDSQEDVDSWKASFLRAGV
;
_entity_poly.pdbx_strand_id   A
#
# COMPACT_ATOMS: atom_id res chain seq x y z
N GLY A 1 -14.85 16.61 13.79
CA GLY A 1 -13.42 16.65 14.00
C GLY A 1 -12.74 17.71 13.16
N SER A 2 -12.28 17.32 11.97
CA SER A 2 -11.60 18.25 11.07
C SER A 2 -12.20 18.18 9.68
N SER A 3 -12.54 19.35 9.14
CA SER A 3 -13.14 19.42 7.81
C SER A 3 -12.10 19.83 6.77
N GLY A 4 -11.48 21.00 6.97
CA GLY A 4 -10.48 21.47 6.05
C GLY A 4 -9.11 20.93 6.35
N SER A 5 -8.07 21.70 6.02
CA SER A 5 -6.70 21.28 6.26
C SER A 5 -6.48 19.83 5.83
N SER A 6 -7.01 19.49 4.66
CA SER A 6 -6.88 18.13 4.14
C SER A 6 -6.51 18.15 2.66
N GLY A 7 -5.90 17.06 2.20
CA GLY A 7 -5.50 16.98 0.80
C GLY A 7 -5.12 15.57 0.39
N VAL A 8 -5.90 14.59 0.86
CA VAL A 8 -5.64 13.19 0.53
C VAL A 8 -5.10 13.04 -0.88
N ILE A 9 -4.28 12.02 -1.10
CA ILE A 9 -3.71 11.77 -2.40
C ILE A 9 -4.31 10.52 -3.04
N ARG A 10 -4.63 9.53 -2.22
CA ARG A 10 -5.22 8.28 -2.70
C ARG A 10 -5.72 7.44 -1.53
N ARG A 11 -6.83 6.73 -1.75
CA ARG A 11 -7.41 5.88 -0.72
C ARG A 11 -8.40 4.89 -1.34
N GLY A 12 -8.51 3.72 -0.71
CA GLY A 12 -9.42 2.70 -1.21
C GLY A 12 -9.25 1.38 -0.50
N TRP A 13 -10.10 0.41 -0.83
CA TRP A 13 -10.03 -0.91 -0.21
C TRP A 13 -9.14 -1.84 -1.01
N LEU A 14 -7.96 -2.13 -0.47
CA LEU A 14 -7.00 -3.01 -1.13
C LEU A 14 -6.91 -4.35 -0.41
N THR A 15 -6.19 -5.29 -1.01
CA THR A 15 -6.01 -6.62 -0.42
C THR A 15 -4.54 -6.98 -0.32
N ILE A 16 -4.09 -7.30 0.90
CA ILE A 16 -2.70 -7.67 1.13
C ILE A 16 -2.47 -9.15 0.81
N ASN A 17 -2.18 -9.44 -0.46
CA ASN A 17 -1.93 -10.80 -0.89
C ASN A 17 -1.18 -11.59 0.18
N ASN A 18 0.01 -11.11 0.52
CA ASN A 18 0.84 -11.76 1.54
C ASN A 18 0.53 -11.21 2.93
N ILE A 19 -0.49 -11.78 3.57
CA ILE A 19 -0.89 -11.35 4.90
C ILE A 19 -1.00 -12.53 5.86
N SER A 20 -0.97 -12.24 7.15
CA SER A 20 -1.06 -13.29 8.17
C SER A 20 -2.48 -13.83 8.27
N LEU A 21 -2.77 -14.87 7.50
CA LEU A 21 -4.10 -15.49 7.50
C LEU A 21 -4.40 -16.12 8.86
N MET A 22 -3.61 -17.12 9.23
CA MET A 22 -3.79 -17.82 10.50
C MET A 22 -4.26 -16.85 11.58
N LYS A 23 -3.55 -15.73 11.71
CA LYS A 23 -3.90 -14.72 12.71
C LYS A 23 -4.93 -13.74 12.16
N GLY A 24 -6.20 -14.10 12.28
CA GLY A 24 -7.26 -13.24 11.79
C GLY A 24 -7.23 -13.07 10.29
N GLY A 25 -8.39 -12.81 9.70
CA GLY A 25 -8.47 -12.63 8.25
C GLY A 25 -8.65 -11.18 7.86
N SER A 26 -9.65 -10.91 7.03
CA SER A 26 -9.94 -9.56 6.58
C SER A 26 -8.74 -8.98 5.80
N LYS A 27 -8.11 -9.84 5.01
CA LYS A 27 -6.96 -9.43 4.21
C LYS A 27 -7.18 -8.04 3.62
N GLU A 28 -8.44 -7.68 3.40
CA GLU A 28 -8.78 -6.39 2.83
C GLU A 28 -8.72 -5.30 3.90
N TYR A 29 -8.09 -4.18 3.56
CA TYR A 29 -7.96 -3.07 4.48
C TYR A 29 -8.17 -1.73 3.76
N TRP A 30 -8.40 -0.68 4.54
CA TRP A 30 -8.62 0.65 3.97
C TRP A 30 -7.33 1.45 3.96
N PHE A 31 -6.65 1.44 2.81
CA PHE A 31 -5.39 2.16 2.66
C PHE A 31 -5.65 3.63 2.32
N VAL A 32 -4.93 4.52 3.00
CA VAL A 32 -5.08 5.95 2.78
C VAL A 32 -3.72 6.63 2.60
N LEU A 33 -3.32 6.81 1.35
CA LEU A 33 -2.04 7.44 1.05
C LEU A 33 -2.15 8.96 1.12
N THR A 34 -1.44 9.55 2.09
CA THR A 34 -1.47 10.99 2.27
C THR A 34 -0.07 11.59 2.12
N ALA A 35 -0.01 12.85 1.73
CA ALA A 35 1.27 13.54 1.55
C ALA A 35 2.21 13.26 2.72
N GLU A 36 1.63 13.00 3.89
CA GLU A 36 2.43 12.71 5.08
C GLU A 36 2.94 11.28 5.07
N SER A 37 2.01 10.32 5.09
CA SER A 37 2.37 8.91 5.08
C SER A 37 1.21 8.06 4.60
N LEU A 38 1.43 6.76 4.49
CA LEU A 38 0.40 5.83 4.03
C LEU A 38 0.00 4.87 5.14
N SER A 39 -1.22 5.03 5.64
CA SER A 39 -1.73 4.18 6.71
C SER A 39 -2.97 3.42 6.25
N TRP A 40 -3.15 2.22 6.80
CA TRP A 40 -4.31 1.39 6.45
C TRP A 40 -5.17 1.11 7.67
N TYR A 41 -6.44 1.49 7.60
CA TYR A 41 -7.37 1.28 8.69
C TYR A 41 -8.37 0.18 8.37
N LYS A 42 -9.06 -0.30 9.39
CA LYS A 42 -10.04 -1.36 9.22
C LYS A 42 -11.09 -0.98 8.18
N ASP A 43 -11.50 0.28 8.18
CA ASP A 43 -12.47 0.78 7.24
C ASP A 43 -12.11 2.18 6.75
N GLU A 44 -12.99 2.77 5.95
CA GLU A 44 -12.76 4.11 5.42
C GLU A 44 -13.21 5.17 6.42
N GLU A 45 -13.14 4.84 7.70
CA GLU A 45 -13.54 5.77 8.75
C GLU A 45 -12.33 6.33 9.48
N GLU A 46 -11.21 5.61 9.39
CA GLU A 46 -9.97 6.04 10.04
C GLU A 46 -10.18 6.20 11.55
N LYS A 47 -10.77 5.19 12.17
CA LYS A 47 -11.03 5.22 13.60
C LYS A 47 -9.88 4.59 14.38
N GLU A 48 -9.71 3.29 14.21
CA GLU A 48 -8.64 2.56 14.90
C GLU A 48 -7.50 2.23 13.94
N LYS A 49 -6.52 3.13 13.85
CA LYS A 49 -5.38 2.93 12.97
C LYS A 49 -4.61 1.67 13.37
N LYS A 50 -4.34 0.81 12.39
CA LYS A 50 -3.60 -0.42 12.62
C LYS A 50 -2.10 -0.16 12.67
N TYR A 51 -1.60 0.53 11.65
CA TYR A 51 -0.18 0.84 11.57
C TYR A 51 0.08 1.90 10.50
N MET A 52 0.93 2.87 10.84
CA MET A 52 1.27 3.94 9.90
C MET A 52 2.66 3.72 9.30
N LEU A 53 2.77 3.93 8.00
CA LEU A 53 4.04 3.75 7.30
C LEU A 53 4.36 4.97 6.43
N PRO A 54 5.59 5.48 6.55
CA PRO A 54 6.05 6.64 5.78
C PRO A 54 6.22 6.32 4.29
N LEU A 55 6.63 7.32 3.53
CA LEU A 55 6.83 7.16 2.10
C LEU A 55 8.22 7.63 1.68
N ASP A 56 9.14 7.66 2.63
CA ASP A 56 10.51 8.09 2.36
C ASP A 56 11.47 6.91 2.40
N ASN A 57 11.13 5.89 3.19
CA ASN A 57 11.96 4.70 3.32
C ASN A 57 11.33 3.52 2.62
N LEU A 58 10.44 3.80 1.67
CA LEU A 58 9.76 2.75 0.91
C LEU A 58 10.16 2.79 -0.56
N LYS A 59 9.68 1.82 -1.32
CA LYS A 59 10.00 1.73 -2.74
C LYS A 59 9.09 0.73 -3.45
N ILE A 60 8.80 0.99 -4.71
CA ILE A 60 7.94 0.11 -5.50
C ILE A 60 8.71 -0.55 -6.64
N ARG A 61 8.43 -1.82 -6.89
CA ARG A 61 9.10 -2.55 -7.95
C ARG A 61 8.22 -3.68 -8.48
N ASP A 62 8.71 -4.39 -9.49
CA ASP A 62 7.97 -5.50 -10.07
C ASP A 62 7.78 -6.63 -9.06
N VAL A 63 6.62 -7.26 -9.10
CA VAL A 63 6.32 -8.36 -8.18
C VAL A 63 6.85 -9.68 -8.72
N GLU A 64 7.32 -10.54 -7.81
CA GLU A 64 7.86 -11.83 -8.19
C GLU A 64 6.76 -12.73 -8.76
N LYS A 65 6.81 -12.94 -10.07
CA LYS A 65 5.82 -13.79 -10.74
C LYS A 65 6.32 -15.22 -10.86
N GLY A 66 7.64 -15.38 -10.96
CA GLY A 66 8.23 -16.70 -11.08
C GLY A 66 7.92 -17.35 -12.41
N PHE A 67 6.65 -17.73 -12.60
CA PHE A 67 6.23 -18.37 -13.84
C PHE A 67 5.29 -17.46 -14.63
N MET A 68 4.30 -16.90 -13.93
CA MET A 68 3.34 -16.01 -14.58
C MET A 68 2.43 -15.36 -13.53
N SER A 69 2.21 -14.05 -13.67
CA SER A 69 1.38 -13.32 -12.73
C SER A 69 -0.07 -13.79 -12.82
N ASN A 70 -0.84 -13.51 -11.77
CA ASN A 70 -2.24 -13.89 -11.72
C ASN A 70 -3.15 -12.67 -11.64
N LYS A 71 -2.55 -11.52 -11.38
CA LYS A 71 -3.30 -10.27 -11.26
C LYS A 71 -2.36 -9.08 -11.11
N HIS A 72 -2.94 -7.89 -11.10
CA HIS A 72 -2.15 -6.66 -10.96
C HIS A 72 -1.80 -6.41 -9.49
N VAL A 73 -0.62 -6.86 -9.08
CA VAL A 73 -0.16 -6.68 -7.70
C VAL A 73 1.25 -6.14 -7.67
N PHE A 74 1.46 -5.10 -6.86
CA PHE A 74 2.77 -4.48 -6.72
C PHE A 74 3.33 -4.69 -5.32
N ALA A 75 4.63 -4.99 -5.24
CA ALA A 75 5.28 -5.21 -3.95
C ALA A 75 5.97 -3.95 -3.46
N ILE A 76 5.98 -3.74 -2.16
CA ILE A 76 6.61 -2.57 -1.57
C ILE A 76 7.70 -2.97 -0.59
N PHE A 77 8.94 -2.59 -0.89
CA PHE A 77 10.08 -2.91 -0.03
C PHE A 77 10.69 -1.64 0.54
N ASN A 78 11.27 -1.76 1.74
CA ASN A 78 11.91 -0.63 2.39
C ASN A 78 13.34 -0.44 1.90
N THR A 79 13.67 0.78 1.48
CA THR A 79 15.00 1.09 0.99
C THR A 79 16.04 0.96 2.10
N GLU A 80 15.57 0.90 3.34
CA GLU A 80 16.46 0.78 4.48
C GLU A 80 16.73 -0.69 4.80
N GLN A 81 16.72 -1.53 3.77
CA GLN A 81 16.97 -2.96 3.94
C GLN A 81 16.33 -3.47 5.22
N ARG A 82 15.07 -3.11 5.43
CA ARG A 82 14.33 -3.54 6.62
C ARG A 82 12.98 -4.11 6.24
N ASN A 83 12.35 -4.79 7.19
CA ASN A 83 11.03 -5.39 6.97
C ASN A 83 9.94 -4.33 6.96
N VAL A 84 9.22 -4.24 5.84
CA VAL A 84 8.15 -3.27 5.70
C VAL A 84 7.01 -3.57 6.67
N TYR A 85 6.67 -4.85 6.80
CA TYR A 85 5.60 -5.27 7.69
C TYR A 85 6.16 -5.98 8.91
N LYS A 86 5.26 -6.44 9.78
CA LYS A 86 5.66 -7.15 10.99
C LYS A 86 6.89 -8.02 10.75
N ASP A 87 6.76 -8.94 9.80
CA ASP A 87 7.86 -9.85 9.46
C ASP A 87 8.13 -9.83 7.96
N LEU A 88 7.06 -9.67 7.17
CA LEU A 88 7.18 -9.64 5.72
C LEU A 88 8.13 -8.53 5.27
N ARG A 89 8.97 -8.85 4.29
CA ARG A 89 9.93 -7.88 3.77
C ARG A 89 9.28 -6.96 2.75
N GLN A 90 8.25 -7.46 2.08
CA GLN A 90 7.53 -6.70 1.07
C GLN A 90 6.07 -7.09 1.01
N ILE A 91 5.19 -6.10 1.12
CA ILE A 91 3.75 -6.35 1.09
C ILE A 91 3.23 -6.34 -0.34
N GLU A 92 2.59 -7.44 -0.74
CA GLU A 92 2.04 -7.55 -2.08
C GLU A 92 0.62 -7.02 -2.14
N LEU A 93 0.47 -5.80 -2.66
CA LEU A 93 -0.84 -5.17 -2.77
C LEU A 93 -1.47 -5.46 -4.12
N ALA A 94 -2.54 -6.25 -4.11
CA ALA A 94 -3.24 -6.60 -5.34
C ALA A 94 -4.45 -5.70 -5.57
N CYS A 95 -4.59 -5.21 -6.80
CA CYS A 95 -5.70 -4.32 -7.15
C CYS A 95 -6.70 -5.04 -8.04
N ASP A 96 -7.82 -4.39 -8.29
CA ASP A 96 -8.87 -4.96 -9.14
C ASP A 96 -8.46 -4.92 -10.62
N SER A 97 -8.01 -3.76 -11.06
CA SER A 97 -7.59 -3.58 -12.44
C SER A 97 -6.34 -2.70 -12.53
N GLN A 98 -5.72 -2.68 -13.71
CA GLN A 98 -4.52 -1.87 -13.92
C GLN A 98 -4.78 -0.41 -13.59
N GLU A 99 -5.89 0.12 -14.10
CA GLU A 99 -6.24 1.51 -13.86
C GLU A 99 -5.91 1.92 -12.42
N ASP A 100 -6.31 1.08 -11.48
CA ASP A 100 -6.06 1.36 -10.06
C ASP A 100 -4.56 1.41 -9.79
N VAL A 101 -3.85 0.35 -10.14
CA VAL A 101 -2.40 0.28 -9.93
C VAL A 101 -1.71 1.52 -10.49
N ASP A 102 -1.97 1.82 -11.76
CA ASP A 102 -1.38 2.97 -12.42
C ASP A 102 -1.58 4.24 -11.58
N SER A 103 -2.77 4.40 -11.02
CA SER A 103 -3.08 5.56 -10.21
C SER A 103 -2.29 5.55 -8.91
N TRP A 104 -2.44 4.47 -8.14
CA TRP A 104 -1.73 4.32 -6.87
C TRP A 104 -0.26 4.66 -7.03
N LYS A 105 0.35 4.18 -8.12
CA LYS A 105 1.76 4.43 -8.38
C LYS A 105 2.01 5.92 -8.57
N ALA A 106 1.37 6.51 -9.58
CA ALA A 106 1.54 7.93 -9.86
C ALA A 106 1.33 8.77 -8.61
N SER A 107 0.46 8.30 -7.72
CA SER A 107 0.17 9.01 -6.48
C SER A 107 1.38 8.98 -5.54
N PHE A 108 2.02 7.82 -5.46
CA PHE A 108 3.20 7.66 -4.60
C PHE A 108 4.28 8.66 -4.98
N LEU A 109 4.56 8.76 -6.27
CA LEU A 109 5.59 9.68 -6.76
C LEU A 109 5.36 11.09 -6.20
N ARG A 110 4.12 11.53 -6.21
CA ARG A 110 3.77 12.86 -5.71
C ARG A 110 4.21 13.02 -4.25
N ALA A 111 4.06 11.94 -3.48
CA ALA A 111 4.44 11.96 -2.08
C ALA A 111 5.95 12.04 -1.91
N GLY A 112 6.67 11.45 -2.86
CA GLY A 112 8.12 11.46 -2.80
C GLY A 112 8.72 10.08 -2.94
N VAL A 113 8.07 9.24 -3.74
CA VAL A 113 8.55 7.87 -3.96
C VAL A 113 8.89 7.64 -5.43
N GLY A 1 0.62 30.37 -1.07
CA GLY A 1 -0.19 29.29 -0.51
C GLY A 1 -0.18 29.29 1.01
N SER A 2 -0.74 28.23 1.59
CA SER A 2 -0.80 28.11 3.05
C SER A 2 -0.08 26.86 3.52
N SER A 3 0.81 27.02 4.48
CA SER A 3 1.58 25.89 5.02
C SER A 3 0.63 24.80 5.51
N GLY A 4 0.64 23.66 4.81
CA GLY A 4 -0.21 22.55 5.19
C GLY A 4 0.23 21.24 4.58
N SER A 5 0.82 20.37 5.40
CA SER A 5 1.30 19.08 4.93
C SER A 5 0.16 18.07 4.87
N SER A 6 -0.96 18.42 5.49
CA SER A 6 -2.13 17.54 5.51
C SER A 6 -2.88 17.61 4.19
N GLY A 7 -3.26 16.43 3.68
CA GLY A 7 -3.99 16.38 2.42
C GLY A 7 -3.92 15.01 1.76
N VAL A 8 -4.97 14.22 1.93
CA VAL A 8 -5.02 12.88 1.36
C VAL A 8 -4.78 12.92 -0.15
N ILE A 9 -3.84 12.09 -0.61
CA ILE A 9 -3.51 12.03 -2.03
C ILE A 9 -4.37 10.99 -2.75
N ARG A 10 -4.43 9.79 -2.19
CA ARG A 10 -5.23 8.72 -2.77
C ARG A 10 -5.79 7.81 -1.69
N ARG A 11 -6.95 7.21 -1.97
CA ARG A 11 -7.59 6.32 -1.02
C ARG A 11 -8.31 5.18 -1.74
N GLY A 12 -8.71 4.16 -0.99
CA GLY A 12 -9.40 3.02 -1.58
C GLY A 12 -9.14 1.74 -0.82
N TRP A 13 -10.02 0.76 -1.01
CA TRP A 13 -9.89 -0.52 -0.33
C TRP A 13 -9.00 -1.47 -1.12
N LEU A 14 -7.92 -1.92 -0.48
CA LEU A 14 -6.97 -2.84 -1.13
C LEU A 14 -6.89 -4.16 -0.37
N THR A 15 -6.56 -5.23 -1.08
CA THR A 15 -6.44 -6.55 -0.48
C THR A 15 -4.97 -6.97 -0.36
N ILE A 16 -4.45 -6.97 0.86
CA ILE A 16 -3.07 -7.36 1.10
C ILE A 16 -2.86 -8.85 0.85
N ASN A 17 -2.65 -9.20 -0.41
CA ASN A 17 -2.44 -10.59 -0.79
C ASN A 17 -1.55 -11.30 0.23
N ASN A 18 -0.37 -10.73 0.47
CA ASN A 18 0.57 -11.30 1.43
C ASN A 18 -0.16 -11.96 2.59
N ILE A 19 -0.78 -11.15 3.43
CA ILE A 19 -1.53 -11.65 4.58
C ILE A 19 -2.32 -12.90 4.22
N SER A 20 -1.81 -14.06 4.62
CA SER A 20 -2.47 -15.32 4.34
C SER A 20 -3.38 -15.73 5.49
N LEU A 21 -2.88 -15.57 6.71
CA LEU A 21 -3.65 -15.92 7.90
C LEU A 21 -5.14 -15.63 7.69
N MET A 22 -5.97 -16.65 7.86
CA MET A 22 -7.41 -16.50 7.70
C MET A 22 -8.08 -16.22 9.04
N LYS A 23 -7.62 -15.19 9.73
CA LYS A 23 -8.17 -14.81 11.02
C LYS A 23 -9.67 -14.55 10.91
N GLY A 24 -10.07 -13.88 9.83
CA GLY A 24 -11.47 -13.57 9.62
C GLY A 24 -11.89 -13.74 8.18
N GLY A 25 -12.74 -12.83 7.70
CA GLY A 25 -13.21 -12.91 6.33
C GLY A 25 -12.24 -12.27 5.35
N SER A 26 -12.78 -11.57 4.36
CA SER A 26 -11.96 -10.91 3.35
C SER A 26 -10.76 -10.23 3.99
N LYS A 27 -9.66 -10.16 3.25
CA LYS A 27 -8.43 -9.53 3.74
C LYS A 27 -8.30 -8.11 3.19
N GLU A 28 -9.42 -7.40 3.09
CA GLU A 28 -9.41 -6.04 2.58
C GLU A 28 -9.11 -5.05 3.69
N TYR A 29 -8.67 -3.86 3.30
CA TYR A 29 -8.34 -2.82 4.27
C TYR A 29 -8.45 -1.43 3.65
N TRP A 30 -8.69 -0.42 4.48
CA TRP A 30 -8.82 0.95 4.01
C TRP A 30 -7.47 1.63 3.93
N PHE A 31 -6.87 1.63 2.74
CA PHE A 31 -5.57 2.25 2.54
C PHE A 31 -5.72 3.73 2.24
N VAL A 32 -5.15 4.57 3.11
CA VAL A 32 -5.22 6.02 2.93
C VAL A 32 -3.82 6.63 2.83
N LEU A 33 -3.33 6.78 1.61
CA LEU A 33 -2.02 7.35 1.38
C LEU A 33 -2.04 8.88 1.51
N THR A 34 -1.28 9.40 2.46
CA THR A 34 -1.21 10.83 2.69
C THR A 34 0.20 11.36 2.44
N ALA A 35 0.28 12.51 1.78
CA ALA A 35 1.57 13.13 1.50
C ALA A 35 2.56 12.91 2.64
N GLU A 36 2.04 12.87 3.86
CA GLU A 36 2.88 12.68 5.03
C GLU A 36 3.35 11.23 5.12
N SER A 37 2.39 10.30 5.13
CA SER A 37 2.71 8.87 5.22
C SER A 37 1.55 8.03 4.70
N LEU A 38 1.74 6.72 4.71
CA LEU A 38 0.71 5.79 4.25
C LEU A 38 0.23 4.88 5.37
N SER A 39 -1.07 4.89 5.63
CA SER A 39 -1.64 4.06 6.69
C SER A 39 -2.88 3.32 6.19
N TRP A 40 -3.20 2.21 6.83
CA TRP A 40 -4.35 1.41 6.45
C TRP A 40 -5.22 1.09 7.66
N TYR A 41 -6.51 1.43 7.57
CA TYR A 41 -7.44 1.19 8.67
C TYR A 41 -8.46 0.12 8.29
N LYS A 42 -9.41 -0.13 9.18
CA LYS A 42 -10.44 -1.12 8.93
C LYS A 42 -11.46 -0.63 7.91
N ASP A 43 -11.88 0.62 8.08
CA ASP A 43 -12.85 1.22 7.17
C ASP A 43 -12.47 2.66 6.83
N GLU A 44 -13.30 3.32 6.03
CA GLU A 44 -13.04 4.69 5.63
C GLU A 44 -13.30 5.66 6.78
N GLU A 45 -13.76 5.11 7.90
CA GLU A 45 -14.05 5.92 9.09
C GLU A 45 -12.77 6.27 9.84
N GLU A 46 -11.78 5.38 9.77
CA GLU A 46 -10.51 5.59 10.44
C GLU A 46 -10.70 5.61 11.96
N LYS A 47 -11.41 4.62 12.46
CA LYS A 47 -11.66 4.50 13.89
C LYS A 47 -10.43 3.98 14.62
N GLU A 48 -9.82 2.93 14.09
CA GLU A 48 -8.63 2.34 14.68
C GLU A 48 -7.56 2.09 13.62
N LYS A 49 -6.44 2.79 13.77
CA LYS A 49 -5.33 2.65 12.84
C LYS A 49 -4.48 1.42 13.17
N LYS A 50 -4.26 0.58 12.16
CA LYS A 50 -3.47 -0.63 12.33
C LYS A 50 -1.99 -0.29 12.52
N TYR A 51 -1.36 0.20 11.46
CA TYR A 51 0.06 0.56 11.51
C TYR A 51 0.39 1.57 10.42
N MET A 52 1.05 2.67 10.82
CA MET A 52 1.43 3.71 9.88
C MET A 52 2.82 3.43 9.30
N LEU A 53 3.00 3.77 8.04
CA LEU A 53 4.28 3.56 7.37
C LEU A 53 4.67 4.78 6.53
N PRO A 54 5.94 5.20 6.65
CA PRO A 54 6.46 6.35 5.92
C PRO A 54 6.60 6.08 4.43
N LEU A 55 6.97 7.11 3.68
CA LEU A 55 7.14 6.98 2.23
C LEU A 55 8.50 7.51 1.79
N ASP A 56 9.48 7.42 2.68
CA ASP A 56 10.83 7.90 2.37
C ASP A 56 11.82 6.73 2.33
N ASN A 57 11.58 5.72 3.17
CA ASN A 57 12.44 4.56 3.22
C ASN A 57 11.79 3.36 2.54
N LEU A 58 10.83 3.65 1.66
CA LEU A 58 10.12 2.60 0.93
C LEU A 58 10.32 2.75 -0.58
N LYS A 59 9.87 1.75 -1.33
CA LYS A 59 9.99 1.77 -2.79
C LYS A 59 9.09 0.72 -3.43
N ILE A 60 8.82 0.87 -4.72
CA ILE A 60 7.98 -0.07 -5.44
C ILE A 60 8.75 -0.71 -6.59
N ARG A 61 8.53 -2.01 -6.78
CA ARG A 61 9.20 -2.76 -7.84
C ARG A 61 8.26 -3.77 -8.47
N ASP A 62 8.58 -4.18 -9.69
CA ASP A 62 7.76 -5.15 -10.41
C ASP A 62 8.12 -6.59 -9.99
N VAL A 63 7.12 -7.32 -9.54
CA VAL A 63 7.32 -8.70 -9.09
C VAL A 63 7.44 -9.64 -10.29
N GLU A 64 8.33 -10.62 -10.19
CA GLU A 64 8.53 -11.58 -11.27
C GLU A 64 8.60 -13.00 -10.72
N LYS A 65 7.42 -13.56 -10.42
CA LYS A 65 7.34 -14.92 -9.89
C LYS A 65 7.50 -15.95 -11.00
N GLY A 66 7.72 -15.47 -12.22
CA GLY A 66 7.90 -16.37 -13.35
C GLY A 66 6.74 -16.31 -14.31
N PHE A 67 5.56 -16.72 -13.85
CA PHE A 67 4.36 -16.72 -14.68
C PHE A 67 4.14 -15.35 -15.32
N MET A 68 3.72 -15.35 -16.57
CA MET A 68 3.47 -14.11 -17.31
C MET A 68 2.12 -13.51 -16.92
N SER A 69 1.07 -14.31 -17.05
CA SER A 69 -0.29 -13.85 -16.72
C SER A 69 -0.50 -13.87 -15.20
N ASN A 70 -0.96 -12.74 -14.67
CA ASN A 70 -1.21 -12.62 -13.24
C ASN A 70 -1.86 -11.28 -12.91
N LYS A 71 -2.51 -11.20 -11.75
CA LYS A 71 -3.16 -9.98 -11.32
C LYS A 71 -2.13 -8.88 -11.03
N HIS A 72 -2.54 -7.63 -11.24
CA HIS A 72 -1.65 -6.50 -11.01
C HIS A 72 -1.36 -6.34 -9.53
N VAL A 73 -0.15 -6.75 -9.12
CA VAL A 73 0.26 -6.65 -7.72
C VAL A 73 1.67 -6.07 -7.60
N PHE A 74 1.80 -5.02 -6.81
CA PHE A 74 3.09 -4.37 -6.62
C PHE A 74 3.58 -4.54 -5.17
N ALA A 75 4.82 -4.98 -5.02
CA ALA A 75 5.39 -5.18 -3.70
C ALA A 75 6.19 -3.96 -3.25
N ILE A 76 6.16 -3.69 -1.95
CA ILE A 76 6.87 -2.55 -1.39
C ILE A 76 7.97 -3.00 -0.43
N PHE A 77 9.21 -2.61 -0.73
CA PHE A 77 10.34 -2.98 0.11
C PHE A 77 10.97 -1.74 0.74
N ASN A 78 11.84 -1.96 1.71
CA ASN A 78 12.52 -0.86 2.40
C ASN A 78 13.84 -0.53 1.73
N THR A 79 13.86 0.60 1.02
CA THR A 79 15.07 1.04 0.33
C THR A 79 16.32 0.71 1.13
N GLU A 80 16.17 0.68 2.46
CA GLU A 80 17.30 0.37 3.34
C GLU A 80 17.50 -1.13 3.46
N GLN A 81 17.21 -1.86 2.38
CA GLN A 81 17.36 -3.31 2.37
C GLN A 81 17.05 -3.90 3.75
N ARG A 82 16.03 -3.35 4.40
CA ARG A 82 15.64 -3.82 5.72
C ARG A 82 14.16 -4.23 5.74
N ASN A 83 13.76 -4.96 6.77
CA ASN A 83 12.38 -5.41 6.89
C ASN A 83 11.42 -4.26 6.67
N VAL A 84 10.15 -4.60 6.46
CA VAL A 84 9.12 -3.60 6.22
C VAL A 84 7.93 -3.78 7.17
N TYR A 85 7.30 -4.94 7.09
CA TYR A 85 6.15 -5.24 7.94
C TYR A 85 6.57 -6.11 9.13
N LYS A 86 5.62 -6.36 10.03
CA LYS A 86 5.89 -7.18 11.21
C LYS A 86 6.70 -8.42 10.85
N ASP A 87 6.13 -9.28 10.02
CA ASP A 87 6.80 -10.50 9.59
C ASP A 87 6.67 -10.69 8.09
N LEU A 88 6.84 -9.62 7.34
CA LEU A 88 6.74 -9.66 5.88
C LEU A 88 7.70 -8.68 5.24
N ARG A 89 8.79 -9.18 4.68
CA ARG A 89 9.79 -8.35 4.03
C ARG A 89 9.12 -7.28 3.17
N GLN A 90 8.13 -7.68 2.39
CA GLN A 90 7.41 -6.76 1.52
C GLN A 90 5.90 -6.96 1.65
N ILE A 91 5.16 -5.87 1.49
CA ILE A 91 3.70 -5.93 1.58
C ILE A 91 3.06 -5.97 0.20
N GLU A 92 2.69 -7.17 -0.24
CA GLU A 92 2.08 -7.34 -1.55
C GLU A 92 0.66 -6.76 -1.56
N LEU A 93 0.32 -6.06 -2.64
CA LEU A 93 -0.99 -5.45 -2.78
C LEU A 93 -1.60 -5.74 -4.15
N ALA A 94 -2.76 -6.38 -4.15
CA ALA A 94 -3.43 -6.73 -5.40
C ALA A 94 -4.53 -5.70 -5.72
N CYS A 95 -4.73 -5.48 -7.01
CA CYS A 95 -5.74 -4.52 -7.46
C CYS A 95 -6.71 -5.17 -8.44
N ASP A 96 -7.88 -4.57 -8.59
CA ASP A 96 -8.90 -5.09 -9.50
C ASP A 96 -8.36 -5.16 -10.93
N SER A 97 -7.70 -4.09 -11.36
CA SER A 97 -7.15 -4.04 -12.71
C SER A 97 -6.02 -3.01 -12.79
N GLN A 98 -5.24 -3.07 -13.87
CA GLN A 98 -4.14 -2.14 -14.07
C GLN A 98 -4.56 -0.71 -13.73
N GLU A 99 -5.73 -0.32 -14.23
CA GLU A 99 -6.25 1.03 -13.99
C GLU A 99 -5.93 1.48 -12.56
N ASP A 100 -6.44 0.74 -11.59
CA ASP A 100 -6.22 1.06 -10.19
C ASP A 100 -4.74 1.26 -9.91
N VAL A 101 -3.95 0.22 -10.11
CA VAL A 101 -2.50 0.28 -9.87
C VAL A 101 -1.93 1.58 -10.43
N ASP A 102 -1.88 1.68 -11.75
CA ASP A 102 -1.34 2.87 -12.41
C ASP A 102 -1.66 4.12 -11.61
N SER A 103 -2.92 4.24 -11.18
CA SER A 103 -3.35 5.40 -10.41
C SER A 103 -2.61 5.48 -9.08
N TRP A 104 -2.59 4.36 -8.36
CA TRP A 104 -1.91 4.29 -7.07
C TRP A 104 -0.43 4.64 -7.21
N LYS A 105 0.20 4.10 -8.26
CA LYS A 105 1.62 4.35 -8.50
C LYS A 105 1.88 5.84 -8.72
N ALA A 106 1.08 6.45 -9.60
CA ALA A 106 1.23 7.87 -9.90
C ALA A 106 1.05 8.71 -8.64
N SER A 107 0.20 8.24 -7.73
CA SER A 107 -0.06 8.95 -6.48
C SER A 107 1.16 8.93 -5.58
N PHE A 108 1.73 7.75 -5.38
CA PHE A 108 2.91 7.60 -4.54
C PHE A 108 3.97 8.63 -4.89
N LEU A 109 4.17 8.84 -6.18
CA LEU A 109 5.17 9.79 -6.66
C LEU A 109 4.91 11.18 -6.07
N ARG A 110 3.68 11.65 -6.20
CA ARG A 110 3.31 12.96 -5.68
C ARG A 110 3.88 13.18 -4.29
N ALA A 111 3.92 12.12 -3.50
CA ALA A 111 4.45 12.19 -2.14
C ALA A 111 5.98 12.27 -2.16
N GLY A 112 6.59 11.62 -3.15
CA GLY A 112 8.03 11.63 -3.25
C GLY A 112 8.62 10.23 -3.23
N VAL A 113 7.88 9.27 -3.78
CA VAL A 113 8.34 7.88 -3.84
C VAL A 113 8.87 7.53 -5.21
N GLY A 1 -3.26 28.97 0.58
CA GLY A 1 -4.48 28.44 1.20
C GLY A 1 -4.22 27.83 2.55
N SER A 2 -4.89 28.34 3.58
CA SER A 2 -4.72 27.83 4.94
C SER A 2 -4.56 26.31 4.93
N SER A 3 -5.45 25.63 4.22
CA SER A 3 -5.41 24.17 4.15
C SER A 3 -4.65 23.72 2.90
N GLY A 4 -4.29 22.44 2.87
CA GLY A 4 -3.56 21.91 1.73
C GLY A 4 -2.38 21.06 2.15
N SER A 5 -1.59 21.57 3.10
CA SER A 5 -0.41 20.85 3.58
C SER A 5 -0.79 19.48 4.11
N SER A 6 -1.87 19.43 4.90
CA SER A 6 -2.34 18.18 5.48
C SER A 6 -3.54 17.64 4.71
N GLY A 7 -3.27 17.06 3.54
CA GLY A 7 -4.34 16.51 2.73
C GLY A 7 -4.07 15.08 2.29
N VAL A 8 -5.07 14.45 1.69
CA VAL A 8 -4.93 13.07 1.23
C VAL A 8 -4.70 13.02 -0.28
N ILE A 9 -3.71 12.23 -0.69
CA ILE A 9 -3.38 12.09 -2.11
C ILE A 9 -4.25 11.02 -2.76
N ARG A 10 -4.59 9.99 -1.99
CA ARG A 10 -5.41 8.90 -2.51
C ARG A 10 -5.86 7.98 -1.37
N ARG A 11 -6.93 7.23 -1.61
CA ARG A 11 -7.47 6.32 -0.61
C ARG A 11 -8.50 5.38 -1.22
N GLY A 12 -8.33 4.08 -0.97
CA GLY A 12 -9.24 3.09 -1.52
C GLY A 12 -9.14 1.76 -0.81
N TRP A 13 -9.93 0.79 -1.26
CA TRP A 13 -9.93 -0.55 -0.66
C TRP A 13 -8.98 -1.47 -1.41
N LEU A 14 -7.95 -1.96 -0.72
CA LEU A 14 -6.98 -2.85 -1.33
C LEU A 14 -7.03 -4.23 -0.67
N THR A 15 -6.14 -5.12 -1.11
CA THR A 15 -6.08 -6.47 -0.56
C THR A 15 -4.64 -6.93 -0.38
N ILE A 16 -4.22 -7.06 0.87
CA ILE A 16 -2.87 -7.49 1.18
C ILE A 16 -2.69 -8.98 0.91
N ASN A 17 -2.26 -9.30 -0.31
CA ASN A 17 -2.04 -10.69 -0.70
C ASN A 17 -1.09 -11.39 0.27
N ASN A 18 0.07 -10.79 0.49
CA ASN A 18 1.06 -11.36 1.40
C ASN A 18 0.38 -12.04 2.58
N ILE A 19 -0.30 -11.26 3.41
CA ILE A 19 -0.99 -11.80 4.57
C ILE A 19 -1.93 -12.94 4.18
N SER A 20 -2.12 -13.89 5.10
CA SER A 20 -2.97 -15.03 4.84
C SER A 20 -3.47 -15.64 6.16
N LEU A 21 -4.78 -15.58 6.38
CA LEU A 21 -5.37 -16.13 7.59
C LEU A 21 -5.93 -17.52 7.35
N MET A 22 -5.18 -18.33 6.60
CA MET A 22 -5.61 -19.70 6.31
C MET A 22 -7.01 -19.70 5.69
N LYS A 23 -7.24 -18.80 4.73
CA LYS A 23 -8.52 -18.71 4.06
C LYS A 23 -9.64 -18.47 5.07
N GLY A 24 -9.37 -17.62 6.07
CA GLY A 24 -10.37 -17.33 7.07
C GLY A 24 -10.97 -15.94 6.92
N GLY A 25 -10.20 -14.92 7.29
CA GLY A 25 -10.68 -13.56 7.17
C GLY A 25 -10.09 -12.84 5.99
N SER A 26 -10.95 -12.28 5.14
CA SER A 26 -10.50 -11.56 3.96
C SER A 26 -9.34 -10.64 4.28
N LYS A 27 -8.30 -10.66 3.44
CA LYS A 27 -7.13 -9.83 3.64
C LYS A 27 -7.32 -8.46 2.99
N GLU A 28 -8.44 -7.83 3.27
CA GLU A 28 -8.74 -6.51 2.72
C GLU A 28 -8.58 -5.42 3.78
N TYR A 29 -8.30 -4.20 3.32
CA TYR A 29 -8.11 -3.08 4.23
C TYR A 29 -8.39 -1.75 3.51
N TRP A 30 -8.19 -0.65 4.23
CA TRP A 30 -8.41 0.68 3.66
C TRP A 30 -7.13 1.51 3.72
N PHE A 31 -6.35 1.45 2.64
CA PHE A 31 -5.11 2.20 2.56
C PHE A 31 -5.37 3.68 2.29
N VAL A 32 -4.78 4.54 3.11
CA VAL A 32 -4.94 5.97 2.96
C VAL A 32 -3.60 6.67 2.73
N LEU A 33 -3.24 6.84 1.46
CA LEU A 33 -1.98 7.49 1.12
C LEU A 33 -2.11 9.01 1.20
N THR A 34 -1.18 9.64 1.89
CA THR A 34 -1.18 11.09 2.04
C THR A 34 0.23 11.67 1.88
N ALA A 35 0.34 12.99 2.01
CA ALA A 35 1.62 13.66 1.88
C ALA A 35 2.53 13.31 3.06
N GLU A 36 1.94 13.00 4.20
CA GLU A 36 2.70 12.65 5.39
C GLU A 36 3.17 11.20 5.33
N SER A 37 2.22 10.27 5.44
CA SER A 37 2.54 8.85 5.40
C SER A 37 1.33 8.04 4.94
N LEU A 38 1.51 6.73 4.82
CA LEU A 38 0.43 5.84 4.39
C LEU A 38 0.02 4.91 5.52
N SER A 39 -1.28 4.89 5.82
CA SER A 39 -1.81 4.03 6.87
C SER A 39 -3.06 3.30 6.40
N TRP A 40 -3.16 2.03 6.77
CA TRP A 40 -4.30 1.20 6.39
C TRP A 40 -5.16 0.88 7.60
N TYR A 41 -6.48 1.05 7.46
CA TYR A 41 -7.40 0.76 8.55
C TYR A 41 -8.42 -0.30 8.13
N LYS A 42 -9.35 -0.60 9.04
CA LYS A 42 -10.37 -1.60 8.76
C LYS A 42 -11.36 -1.09 7.72
N ASP A 43 -11.83 0.13 7.89
CA ASP A 43 -12.78 0.74 6.96
C ASP A 43 -12.37 2.17 6.62
N GLU A 44 -13.11 2.79 5.71
CA GLU A 44 -12.83 4.16 5.30
C GLU A 44 -12.89 5.10 6.49
N GLU A 45 -13.52 4.66 7.57
CA GLU A 45 -13.64 5.46 8.78
C GLU A 45 -12.28 5.80 9.36
N GLU A 46 -11.33 4.87 9.20
CA GLU A 46 -9.99 5.07 9.70
C GLU A 46 -10.00 5.31 11.21
N LYS A 47 -10.99 4.75 11.89
CA LYS A 47 -11.13 4.91 13.33
C LYS A 47 -9.98 4.21 14.06
N GLU A 48 -9.64 3.01 13.60
CA GLU A 48 -8.57 2.25 14.22
C GLU A 48 -7.43 2.01 13.22
N LYS A 49 -6.30 2.66 13.46
CA LYS A 49 -5.14 2.52 12.59
C LYS A 49 -4.32 1.29 12.96
N LYS A 50 -4.20 0.36 12.02
CA LYS A 50 -3.44 -0.86 12.25
C LYS A 50 -1.96 -0.57 12.38
N TYR A 51 -1.35 -0.06 11.32
CA TYR A 51 0.06 0.28 11.32
C TYR A 51 0.38 1.35 10.28
N MET A 52 1.09 2.39 10.71
CA MET A 52 1.46 3.48 9.81
C MET A 52 2.80 3.20 9.14
N LEU A 53 2.99 3.76 7.95
CA LEU A 53 4.23 3.57 7.20
C LEU A 53 4.59 4.82 6.40
N PRO A 54 5.85 5.26 6.52
CA PRO A 54 6.34 6.44 5.82
C PRO A 54 6.45 6.22 4.31
N LEU A 55 6.77 7.28 3.58
CA LEU A 55 6.91 7.20 2.13
C LEU A 55 8.23 7.80 1.68
N ASP A 56 9.20 7.83 2.58
CA ASP A 56 10.52 8.38 2.28
C ASP A 56 11.49 7.26 1.92
N ASN A 57 11.71 6.35 2.86
CA ASN A 57 12.62 5.23 2.65
C ASN A 57 11.89 4.03 2.05
N LEU A 58 10.81 4.32 1.31
CA LEU A 58 10.02 3.27 0.68
C LEU A 58 10.30 3.21 -0.82
N LYS A 59 9.99 2.07 -1.43
CA LYS A 59 10.20 1.89 -2.86
C LYS A 59 9.27 0.81 -3.41
N ILE A 60 8.95 0.90 -4.70
CA ILE A 60 8.08 -0.06 -5.35
C ILE A 60 8.84 -0.87 -6.40
N ARG A 61 8.64 -2.19 -6.38
CA ARG A 61 9.30 -3.06 -7.34
C ARG A 61 8.31 -4.11 -7.88
N ASP A 62 8.78 -4.90 -8.84
CA ASP A 62 7.95 -5.93 -9.45
C ASP A 62 7.99 -7.21 -8.62
N VAL A 63 6.81 -7.70 -8.24
CA VAL A 63 6.71 -8.91 -7.43
C VAL A 63 7.29 -10.11 -8.18
N GLU A 64 7.93 -11.02 -7.44
CA GLU A 64 8.52 -12.21 -8.02
C GLU A 64 7.67 -13.44 -7.76
N LYS A 65 6.40 -13.37 -8.13
CA LYS A 65 5.47 -14.48 -7.94
C LYS A 65 6.01 -15.76 -8.57
N GLY A 66 6.31 -15.69 -9.86
CA GLY A 66 6.83 -16.84 -10.57
C GLY A 66 6.09 -17.12 -11.87
N PHE A 67 4.83 -17.53 -11.75
CA PHE A 67 4.02 -17.82 -12.93
C PHE A 67 4.12 -16.70 -13.96
N MET A 68 3.92 -17.05 -15.22
CA MET A 68 3.98 -16.06 -16.30
C MET A 68 2.86 -15.04 -16.17
N SER A 69 1.62 -15.51 -16.13
CA SER A 69 0.47 -14.64 -16.02
C SER A 69 0.06 -14.46 -14.55
N ASN A 70 -0.16 -13.21 -14.15
CA ASN A 70 -0.55 -12.91 -12.78
C ASN A 70 -1.27 -11.57 -12.71
N LYS A 71 -2.22 -11.47 -11.78
CA LYS A 71 -2.99 -10.25 -11.59
C LYS A 71 -2.07 -9.04 -11.44
N HIS A 72 -2.67 -7.88 -11.21
CA HIS A 72 -1.90 -6.65 -11.04
C HIS A 72 -1.65 -6.36 -9.56
N VAL A 73 -0.45 -6.66 -9.10
CA VAL A 73 -0.08 -6.44 -7.71
C VAL A 73 1.36 -5.96 -7.58
N PHE A 74 1.58 -4.95 -6.74
CA PHE A 74 2.91 -4.41 -6.53
C PHE A 74 3.36 -4.59 -5.09
N ALA A 75 4.67 -4.68 -4.89
CA ALA A 75 5.23 -4.86 -3.55
C ALA A 75 6.01 -3.63 -3.12
N ILE A 76 5.85 -3.24 -1.85
CA ILE A 76 6.55 -2.07 -1.31
C ILE A 76 7.54 -2.48 -0.24
N PHE A 77 8.82 -2.19 -0.47
CA PHE A 77 9.87 -2.52 0.47
C PHE A 77 10.55 -1.25 1.01
N ASN A 78 11.14 -1.36 2.19
CA ASN A 78 11.82 -0.24 2.81
C ASN A 78 13.32 -0.25 2.50
N THR A 79 13.77 0.74 1.74
CA THR A 79 15.17 0.84 1.37
C THR A 79 16.07 0.78 2.59
N GLU A 80 17.38 0.80 2.36
CA GLU A 80 18.35 0.74 3.45
C GLU A 80 18.25 -0.59 4.18
N GLN A 81 18.10 -1.67 3.44
CA GLN A 81 18.00 -3.00 4.03
C GLN A 81 17.06 -2.98 5.24
N ARG A 82 15.85 -2.48 5.04
CA ARG A 82 14.88 -2.41 6.12
C ARG A 82 13.56 -3.06 5.71
N ASN A 83 12.65 -3.20 6.66
CA ASN A 83 11.35 -3.81 6.40
C ASN A 83 10.25 -2.75 6.35
N VAL A 84 9.05 -3.17 5.95
CA VAL A 84 7.92 -2.26 5.87
C VAL A 84 6.76 -2.73 6.75
N TYR A 85 6.91 -3.94 7.30
CA TYR A 85 5.88 -4.51 8.17
C TYR A 85 6.51 -5.26 9.34
N LYS A 86 5.66 -5.89 10.14
CA LYS A 86 6.13 -6.65 11.29
C LYS A 86 7.25 -7.61 10.90
N ASP A 87 6.91 -8.61 10.09
CA ASP A 87 7.89 -9.59 9.63
C ASP A 87 7.78 -9.80 8.13
N LEU A 88 7.52 -8.71 7.40
CA LEU A 88 7.40 -8.78 5.95
C LEU A 88 8.32 -7.78 5.28
N ARG A 89 9.30 -8.28 4.54
CA ARG A 89 10.25 -7.42 3.84
C ARG A 89 9.54 -6.56 2.81
N GLN A 90 8.44 -7.06 2.29
CA GLN A 90 7.67 -6.33 1.29
C GLN A 90 6.20 -6.72 1.33
N ILE A 91 5.32 -5.72 1.48
CA ILE A 91 3.89 -5.97 1.54
C ILE A 91 3.27 -5.94 0.14
N GLU A 92 2.67 -7.06 -0.25
CA GLU A 92 2.03 -7.17 -1.56
C GLU A 92 0.64 -6.55 -1.54
N LEU A 93 0.33 -5.77 -2.57
CA LEU A 93 -0.97 -5.12 -2.68
C LEU A 93 -1.60 -5.38 -4.05
N ALA A 94 -2.68 -6.17 -4.05
CA ALA A 94 -3.38 -6.48 -5.29
C ALA A 94 -4.53 -5.51 -5.53
N CYS A 95 -4.76 -5.20 -6.80
CA CYS A 95 -5.83 -4.27 -7.17
C CYS A 95 -6.90 -4.99 -7.98
N ASP A 96 -7.96 -4.26 -8.35
CA ASP A 96 -9.06 -4.83 -9.12
C ASP A 96 -8.69 -4.87 -10.60
N SER A 97 -7.92 -3.89 -11.06
CA SER A 97 -7.51 -3.82 -12.45
C SER A 97 -6.32 -2.87 -12.62
N GLN A 98 -5.61 -3.02 -13.73
CA GLN A 98 -4.45 -2.18 -14.01
C GLN A 98 -4.77 -0.71 -13.76
N GLU A 99 -5.94 -0.28 -14.22
CA GLU A 99 -6.36 1.10 -14.04
C GLU A 99 -6.09 1.59 -12.62
N ASP A 100 -6.61 0.86 -11.64
CA ASP A 100 -6.41 1.21 -10.24
C ASP A 100 -4.93 1.39 -9.92
N VAL A 101 -4.13 0.39 -10.29
CA VAL A 101 -2.69 0.44 -10.06
C VAL A 101 -2.08 1.71 -10.63
N ASP A 102 -2.25 1.90 -11.93
CA ASP A 102 -1.71 3.08 -12.62
C ASP A 102 -1.88 4.32 -11.76
N SER A 103 -3.03 4.44 -11.10
CA SER A 103 -3.32 5.58 -10.25
C SER A 103 -2.57 5.49 -8.93
N TRP A 104 -2.66 4.34 -8.28
CA TRP A 104 -1.97 4.11 -7.01
C TRP A 104 -0.49 4.48 -7.12
N LYS A 105 0.14 4.07 -8.22
CA LYS A 105 1.55 4.35 -8.43
C LYS A 105 1.77 5.84 -8.69
N ALA A 106 1.07 6.38 -9.68
CA ALA A 106 1.19 7.79 -10.01
C ALA A 106 0.99 8.67 -8.79
N SER A 107 0.21 8.16 -7.83
CA SER A 107 -0.07 8.91 -6.60
C SER A 107 1.14 8.90 -5.68
N PHE A 108 1.85 7.78 -5.64
CA PHE A 108 3.04 7.65 -4.81
C PHE A 108 4.11 8.64 -5.22
N LEU A 109 4.30 8.80 -6.52
CA LEU A 109 5.30 9.72 -7.05
C LEU A 109 5.10 11.12 -6.48
N ARG A 110 3.84 11.55 -6.40
CA ARG A 110 3.52 12.87 -5.87
C ARG A 110 4.16 13.09 -4.51
N ALA A 111 4.14 12.05 -3.68
CA ALA A 111 4.71 12.12 -2.35
C ALA A 111 6.24 12.16 -2.41
N GLY A 112 6.81 11.50 -3.42
CA GLY A 112 8.25 11.48 -3.57
C GLY A 112 8.80 10.07 -3.60
N VAL A 113 8.06 9.15 -4.21
CA VAL A 113 8.49 7.76 -4.30
C VAL A 113 9.01 7.44 -5.69
N GLY A 1 -4.96 24.07 2.85
CA GLY A 1 -4.75 25.08 3.86
C GLY A 1 -5.65 26.29 3.69
N SER A 2 -5.08 27.37 3.16
CA SER A 2 -5.85 28.60 2.94
C SER A 2 -6.95 28.37 1.91
N SER A 3 -6.57 27.96 0.71
CA SER A 3 -7.53 27.71 -0.36
C SER A 3 -8.66 26.81 0.13
N GLY A 4 -8.30 25.61 0.58
CA GLY A 4 -9.29 24.67 1.07
C GLY A 4 -9.51 23.51 0.11
N SER A 5 -8.50 22.66 -0.01
CA SER A 5 -8.58 21.50 -0.91
C SER A 5 -8.19 20.22 -0.17
N SER A 6 -8.93 19.15 -0.43
CA SER A 6 -8.66 17.86 0.20
C SER A 6 -7.16 17.67 0.41
N GLY A 7 -6.81 17.05 1.54
CA GLY A 7 -5.41 16.81 1.85
C GLY A 7 -4.93 15.47 1.34
N VAL A 8 -5.66 14.41 1.67
CA VAL A 8 -5.30 13.06 1.26
C VAL A 8 -4.84 13.05 -0.21
N ILE A 9 -4.04 12.05 -0.56
CA ILE A 9 -3.55 11.92 -1.93
C ILE A 9 -4.30 10.83 -2.69
N ARG A 10 -4.65 9.76 -1.98
CA ARG A 10 -5.38 8.64 -2.59
C ARG A 10 -5.98 7.75 -1.51
N ARG A 11 -7.09 7.09 -1.86
CA ARG A 11 -7.76 6.20 -0.93
C ARG A 11 -8.50 5.08 -1.68
N GLY A 12 -8.57 3.91 -1.06
CA GLY A 12 -9.23 2.78 -1.68
C GLY A 12 -8.96 1.48 -0.95
N TRP A 13 -9.93 0.58 -0.98
CA TRP A 13 -9.79 -0.72 -0.32
C TRP A 13 -8.84 -1.63 -1.11
N LEU A 14 -7.77 -2.06 -0.46
CA LEU A 14 -6.78 -2.92 -1.10
C LEU A 14 -6.70 -4.27 -0.38
N THR A 15 -6.24 -5.28 -1.10
CA THR A 15 -6.11 -6.62 -0.53
C THR A 15 -4.64 -7.02 -0.37
N ILE A 16 -4.21 -7.19 0.88
CA ILE A 16 -2.83 -7.56 1.16
C ILE A 16 -2.59 -9.03 0.82
N ASN A 17 -2.19 -9.29 -0.42
CA ASN A 17 -1.92 -10.66 -0.87
C ASN A 17 -1.15 -11.43 0.20
N ASN A 18 -0.23 -10.75 0.88
CA ASN A 18 0.56 -11.38 1.92
C ASN A 18 0.49 -10.59 3.22
N ILE A 19 -0.35 -11.04 4.14
CA ILE A 19 -0.51 -10.37 5.42
C ILE A 19 -0.24 -11.33 6.59
N SER A 20 0.14 -10.77 7.73
CA SER A 20 0.43 -11.58 8.91
C SER A 20 -0.72 -12.52 9.23
N LEU A 21 -1.93 -12.10 8.87
CA LEU A 21 -3.12 -12.91 9.11
C LEU A 21 -3.27 -14.00 8.05
N MET A 22 -3.55 -15.21 8.49
CA MET A 22 -3.72 -16.34 7.58
C MET A 22 -4.97 -16.18 6.72
N LYS A 23 -5.03 -16.89 5.61
CA LYS A 23 -6.18 -16.82 4.71
C LYS A 23 -7.48 -16.90 5.49
N GLY A 24 -8.58 -16.56 4.83
CA GLY A 24 -9.88 -16.60 5.48
C GLY A 24 -10.29 -15.25 6.04
N GLY A 25 -11.59 -14.97 6.00
CA GLY A 25 -12.09 -13.71 6.50
C GLY A 25 -11.70 -12.54 5.62
N SER A 26 -11.91 -11.32 6.11
CA SER A 26 -11.58 -10.12 5.37
C SER A 26 -10.11 -9.76 5.52
N LYS A 27 -9.36 -9.84 4.43
CA LYS A 27 -7.94 -9.53 4.45
C LYS A 27 -7.69 -8.10 3.95
N GLU A 28 -8.66 -7.55 3.23
CA GLU A 28 -8.55 -6.20 2.69
C GLU A 28 -8.39 -5.19 3.82
N TYR A 29 -8.08 -3.95 3.44
CA TYR A 29 -7.90 -2.88 4.42
C TYR A 29 -8.03 -1.51 3.77
N TRP A 30 -8.50 -0.53 4.54
CA TRP A 30 -8.69 0.81 4.03
C TRP A 30 -7.35 1.55 3.96
N PHE A 31 -6.74 1.55 2.79
CA PHE A 31 -5.46 2.21 2.59
C PHE A 31 -5.66 3.69 2.29
N VAL A 32 -5.10 4.55 3.13
CA VAL A 32 -5.21 5.99 2.95
C VAL A 32 -3.84 6.63 2.77
N LEU A 33 -3.53 7.01 1.53
CA LEU A 33 -2.25 7.64 1.21
C LEU A 33 -2.33 9.15 1.41
N THR A 34 -1.61 9.65 2.41
CA THR A 34 -1.60 11.07 2.70
C THR A 34 -0.19 11.65 2.54
N ALA A 35 -0.09 12.97 2.62
CA ALA A 35 1.19 13.65 2.49
C ALA A 35 2.11 13.34 3.67
N GLU A 36 1.50 12.98 4.80
CA GLU A 36 2.26 12.67 6.00
C GLU A 36 2.82 11.25 5.93
N SER A 37 1.94 10.27 5.93
CA SER A 37 2.33 8.86 5.87
C SER A 37 1.19 7.99 5.37
N LEU A 38 1.54 6.78 4.94
CA LEU A 38 0.55 5.84 4.43
C LEU A 38 0.09 4.89 5.52
N SER A 39 -1.16 5.04 5.96
CA SER A 39 -1.72 4.20 7.01
C SER A 39 -2.96 3.47 6.50
N TRP A 40 -3.22 2.30 7.06
CA TRP A 40 -4.37 1.49 6.68
C TRP A 40 -5.23 1.16 7.89
N TYR A 41 -6.55 1.16 7.69
CA TYR A 41 -7.48 0.86 8.76
C TYR A 41 -8.48 -0.22 8.34
N LYS A 42 -9.45 -0.49 9.21
CA LYS A 42 -10.46 -1.50 8.92
C LYS A 42 -11.38 -1.06 7.78
N ASP A 43 -11.86 0.17 7.87
CA ASP A 43 -12.74 0.72 6.85
C ASP A 43 -12.39 2.18 6.55
N GLU A 44 -13.14 2.79 5.64
CA GLU A 44 -12.91 4.18 5.27
C GLU A 44 -13.50 5.13 6.30
N GLU A 45 -13.25 4.84 7.58
CA GLU A 45 -13.76 5.67 8.66
C GLU A 45 -12.63 6.18 9.54
N GLU A 46 -11.40 5.80 9.18
CA GLU A 46 -10.23 6.23 9.93
C GLU A 46 -10.51 6.23 11.44
N LYS A 47 -11.19 5.19 11.90
CA LYS A 47 -11.53 5.08 13.31
C LYS A 47 -10.39 4.46 14.11
N GLU A 48 -9.88 3.32 13.61
CA GLU A 48 -8.79 2.63 14.27
C GLU A 48 -7.61 2.45 13.32
N LYS A 49 -6.50 3.10 13.62
CA LYS A 49 -5.30 3.01 12.79
C LYS A 49 -4.51 1.75 13.11
N LYS A 50 -4.49 0.82 12.15
CA LYS A 50 -3.76 -0.44 12.33
C LYS A 50 -2.27 -0.20 12.39
N TYR A 51 -1.74 0.48 11.38
CA TYR A 51 -0.31 0.77 11.31
C TYR A 51 -0.04 2.02 10.47
N MET A 52 1.15 2.58 10.63
CA MET A 52 1.52 3.78 9.88
C MET A 52 2.90 3.61 9.24
N LEU A 53 2.95 3.73 7.92
CA LEU A 53 4.21 3.58 7.19
C LEU A 53 4.55 4.87 6.44
N PRO A 54 5.82 5.28 6.53
CA PRO A 54 6.30 6.50 5.87
C PRO A 54 6.37 6.34 4.35
N LEU A 55 6.48 7.47 3.66
CA LEU A 55 6.55 7.46 2.20
C LEU A 55 7.90 7.98 1.71
N ASP A 56 8.92 7.83 2.56
CA ASP A 56 10.26 8.28 2.21
C ASP A 56 11.21 7.09 2.09
N ASN A 57 11.01 6.08 2.92
CA ASN A 57 11.84 4.89 2.90
C ASN A 57 11.12 3.73 2.23
N LEU A 58 10.29 4.05 1.23
CA LEU A 58 9.55 3.04 0.50
C LEU A 58 9.95 3.01 -0.96
N LYS A 59 9.58 1.94 -1.66
CA LYS A 59 9.90 1.79 -3.07
C LYS A 59 8.98 0.78 -3.74
N ILE A 60 8.73 0.97 -5.04
CA ILE A 60 7.87 0.07 -5.79
C ILE A 60 8.67 -0.74 -6.80
N ARG A 61 8.39 -2.04 -6.87
CA ARG A 61 9.08 -2.92 -7.81
C ARG A 61 8.15 -4.03 -8.31
N ASP A 62 8.34 -4.41 -9.56
CA ASP A 62 7.51 -5.45 -10.16
C ASP A 62 7.76 -6.79 -9.48
N VAL A 63 6.69 -7.58 -9.33
CA VAL A 63 6.79 -8.89 -8.69
C VAL A 63 6.66 -10.01 -9.72
N GLU A 64 7.59 -10.95 -9.67
CA GLU A 64 7.58 -12.08 -10.61
C GLU A 64 7.73 -13.40 -9.86
N LYS A 65 6.68 -14.21 -9.87
CA LYS A 65 6.69 -15.50 -9.20
C LYS A 65 6.00 -16.57 -10.05
N GLY A 66 6.80 -17.51 -10.56
CA GLY A 66 6.24 -18.57 -11.38
C GLY A 66 6.24 -18.22 -12.86
N PHE A 67 5.48 -18.97 -13.64
CA PHE A 67 5.38 -18.73 -15.08
C PHE A 67 4.01 -18.16 -15.46
N MET A 68 2.96 -18.86 -15.04
CA MET A 68 1.60 -18.43 -15.33
C MET A 68 1.39 -16.98 -14.93
N SER A 69 0.85 -16.19 -15.87
CA SER A 69 0.61 -14.78 -15.62
C SER A 69 -0.19 -14.58 -14.34
N ASN A 70 0.00 -13.42 -13.71
CA ASN A 70 -0.70 -13.09 -12.47
C ASN A 70 -1.37 -11.73 -12.55
N LYS A 71 -2.29 -11.47 -11.62
CA LYS A 71 -3.01 -10.21 -11.60
C LYS A 71 -2.05 -9.04 -11.34
N HIS A 72 -2.60 -7.84 -11.21
CA HIS A 72 -1.80 -6.65 -10.96
C HIS A 72 -1.49 -6.51 -9.46
N VAL A 73 -0.27 -6.88 -9.08
CA VAL A 73 0.14 -6.79 -7.69
C VAL A 73 1.54 -6.19 -7.57
N PHE A 74 1.64 -5.08 -6.85
CA PHE A 74 2.91 -4.40 -6.66
C PHE A 74 3.36 -4.49 -5.21
N ALA A 75 4.63 -4.85 -5.00
CA ALA A 75 5.18 -4.96 -3.66
C ALA A 75 5.96 -3.70 -3.27
N ILE A 76 5.93 -3.35 -1.99
CA ILE A 76 6.64 -2.18 -1.51
C ILE A 76 7.69 -2.56 -0.48
N PHE A 77 8.95 -2.29 -0.80
CA PHE A 77 10.06 -2.61 0.09
C PHE A 77 10.76 -1.34 0.57
N ASN A 78 11.57 -1.47 1.61
CA ASN A 78 12.31 -0.34 2.16
C ASN A 78 13.75 -0.32 1.66
N THR A 79 14.09 0.72 0.90
CA THR A 79 15.44 0.86 0.35
C THR A 79 16.48 0.63 1.43
N GLU A 80 16.08 0.79 2.69
CA GLU A 80 17.00 0.61 3.81
C GLU A 80 16.99 -0.85 4.29
N GLN A 81 17.79 -1.14 5.31
CA GLN A 81 17.87 -2.49 5.85
C GLN A 81 16.59 -2.87 6.58
N ARG A 82 16.10 -1.96 7.43
CA ARG A 82 14.89 -2.20 8.19
C ARG A 82 13.81 -2.81 7.30
N ASN A 83 12.81 -3.42 7.93
CA ASN A 83 11.71 -4.06 7.20
C ASN A 83 10.58 -3.06 6.98
N VAL A 84 9.50 -3.54 6.37
CA VAL A 84 8.33 -2.70 6.09
C VAL A 84 7.15 -3.12 6.94
N TYR A 85 7.00 -4.42 7.15
CA TYR A 85 5.91 -4.95 7.95
C TYR A 85 6.43 -5.77 9.11
N LYS A 86 5.51 -6.36 9.88
CA LYS A 86 5.88 -7.17 11.03
C LYS A 86 6.96 -8.19 10.66
N ASP A 87 6.58 -9.19 9.88
CA ASP A 87 7.51 -10.22 9.45
C ASP A 87 7.53 -10.34 7.92
N LEU A 88 7.53 -9.20 7.25
CA LEU A 88 7.55 -9.17 5.80
C LEU A 88 8.50 -8.09 5.28
N ARG A 89 9.36 -8.48 4.34
CA ARG A 89 10.32 -7.56 3.76
C ARG A 89 9.64 -6.56 2.83
N GLN A 90 8.57 -7.01 2.18
CA GLN A 90 7.82 -6.16 1.27
C GLN A 90 6.35 -6.57 1.22
N ILE A 91 5.47 -5.60 1.35
CA ILE A 91 4.03 -5.86 1.32
C ILE A 91 3.50 -5.88 -0.11
N GLU A 92 2.86 -6.97 -0.49
CA GLU A 92 2.31 -7.10 -1.83
C GLU A 92 0.86 -6.63 -1.88
N LEU A 93 0.63 -5.56 -2.65
CA LEU A 93 -0.71 -5.00 -2.78
C LEU A 93 -1.31 -5.34 -4.14
N ALA A 94 -2.44 -6.04 -4.12
CA ALA A 94 -3.12 -6.43 -5.35
C ALA A 94 -4.24 -5.46 -5.68
N CYS A 95 -4.71 -5.50 -6.93
CA CYS A 95 -5.79 -4.63 -7.37
C CYS A 95 -6.72 -5.36 -8.33
N ASP A 96 -7.77 -4.67 -8.78
CA ASP A 96 -8.73 -5.25 -9.70
C ASP A 96 -8.20 -5.25 -11.13
N SER A 97 -7.71 -4.09 -11.57
CA SER A 97 -7.17 -3.97 -12.92
C SER A 97 -6.07 -2.90 -12.96
N GLN A 98 -5.35 -2.85 -14.08
CA GLN A 98 -4.28 -1.88 -14.25
C GLN A 98 -4.74 -0.48 -13.87
N GLU A 99 -5.93 -0.10 -14.33
CA GLU A 99 -6.47 1.22 -14.04
C GLU A 99 -6.18 1.62 -12.60
N ASP A 100 -6.43 0.71 -11.67
CA ASP A 100 -6.18 0.97 -10.25
C ASP A 100 -4.69 1.17 -10.00
N VAL A 101 -3.91 0.11 -10.16
CA VAL A 101 -2.47 0.18 -9.94
C VAL A 101 -1.88 1.44 -10.54
N ASP A 102 -2.08 1.62 -11.84
CA ASP A 102 -1.58 2.78 -12.55
C ASP A 102 -1.87 4.06 -11.77
N SER A 103 -3.12 4.20 -11.33
CA SER A 103 -3.53 5.38 -10.58
C SER A 103 -2.92 5.37 -9.18
N TRP A 104 -2.48 4.21 -8.74
CA TRP A 104 -1.88 4.05 -7.42
C TRP A 104 -0.39 4.37 -7.46
N LYS A 105 0.17 4.41 -8.67
CA LYS A 105 1.59 4.70 -8.85
C LYS A 105 1.87 6.19 -8.70
N ALA A 106 1.24 7.00 -9.54
CA ALA A 106 1.41 8.45 -9.50
C ALA A 106 1.22 8.98 -8.08
N SER A 107 0.24 8.44 -7.37
CA SER A 107 -0.04 8.86 -6.00
C SER A 107 1.18 8.63 -5.11
N PHE A 108 1.86 7.50 -5.32
CA PHE A 108 3.03 7.16 -4.53
C PHE A 108 4.22 8.04 -4.92
N LEU A 109 4.39 8.25 -6.21
CA LEU A 109 5.49 9.07 -6.72
C LEU A 109 5.45 10.47 -6.10
N ARG A 110 4.30 11.13 -6.24
CA ARG A 110 4.15 12.48 -5.70
C ARG A 110 4.70 12.57 -4.28
N ALA A 111 4.42 11.55 -3.48
CA ALA A 111 4.89 11.51 -2.10
C ALA A 111 6.40 11.32 -2.04
N GLY A 112 6.96 10.69 -3.07
CA GLY A 112 8.39 10.46 -3.12
C GLY A 112 8.76 9.02 -2.83
N VAL A 113 7.98 8.10 -3.38
CA VAL A 113 8.23 6.67 -3.18
C VAL A 113 8.82 6.04 -4.44
N GLY A 1 11.87 25.36 0.98
CA GLY A 1 10.55 25.81 1.40
C GLY A 1 9.76 24.72 2.11
N SER A 2 8.94 25.11 3.08
CA SER A 2 8.14 24.16 3.83
C SER A 2 7.68 23.01 2.94
N SER A 3 7.89 21.79 3.41
CA SER A 3 7.49 20.60 2.65
C SER A 3 6.65 19.67 3.51
N GLY A 4 5.60 19.11 2.90
CA GLY A 4 4.72 18.21 3.62
C GLY A 4 3.46 18.89 4.10
N SER A 5 2.49 19.06 3.21
CA SER A 5 1.24 19.71 3.54
C SER A 5 0.12 18.69 3.70
N SER A 6 -0.53 18.70 4.85
CA SER A 6 -1.63 17.76 5.12
C SER A 6 -2.66 17.81 4.01
N GLY A 7 -3.05 16.63 3.53
CA GLY A 7 -4.04 16.55 2.47
C GLY A 7 -3.98 15.23 1.72
N VAL A 8 -4.92 14.34 2.01
CA VAL A 8 -4.97 13.04 1.37
C VAL A 8 -4.55 13.13 -0.10
N ILE A 9 -3.95 12.07 -0.61
CA ILE A 9 -3.52 12.04 -2.00
C ILE A 9 -4.23 10.93 -2.78
N ARG A 10 -4.48 9.81 -2.11
CA ARG A 10 -5.17 8.69 -2.74
C ARG A 10 -5.71 7.72 -1.69
N ARG A 11 -6.86 7.12 -1.98
CA ARG A 11 -7.49 6.18 -1.06
C ARG A 11 -8.19 5.06 -1.83
N GLY A 12 -8.28 3.89 -1.20
CA GLY A 12 -8.94 2.76 -1.83
C GLY A 12 -8.78 1.48 -1.04
N TRP A 13 -9.65 0.52 -1.30
CA TRP A 13 -9.59 -0.77 -0.60
C TRP A 13 -8.58 -1.70 -1.25
N LEU A 14 -7.46 -1.93 -0.55
CA LEU A 14 -6.42 -2.81 -1.06
C LEU A 14 -6.44 -4.16 -0.34
N THR A 15 -6.19 -5.23 -1.09
CA THR A 15 -6.18 -6.57 -0.54
C THR A 15 -4.76 -7.10 -0.41
N ILE A 16 -4.20 -6.99 0.79
CA ILE A 16 -2.85 -7.47 1.05
C ILE A 16 -2.71 -8.95 0.72
N ASN A 17 -2.38 -9.26 -0.53
CA ASN A 17 -2.21 -10.64 -0.97
C ASN A 17 -1.35 -11.42 0.01
N ASN A 18 -0.46 -10.71 0.70
CA ASN A 18 0.43 -11.34 1.67
C ASN A 18 0.39 -10.60 3.01
N ILE A 19 -0.43 -11.09 3.93
CA ILE A 19 -0.56 -10.49 5.24
C ILE A 19 0.18 -11.29 6.30
N SER A 20 0.21 -12.61 6.12
CA SER A 20 0.88 -13.50 7.06
C SER A 20 1.50 -14.68 6.32
N LEU A 21 2.21 -15.54 7.07
CA LEU A 21 2.86 -16.71 6.51
C LEU A 21 1.86 -17.84 6.32
N MET A 22 1.00 -18.05 7.32
CA MET A 22 0.00 -19.10 7.26
C MET A 22 -1.39 -18.55 7.55
N LYS A 23 -1.54 -17.90 8.70
CA LYS A 23 -2.82 -17.31 9.10
C LYS A 23 -2.63 -16.31 10.24
N GLY A 24 -3.30 -15.18 10.14
CA GLY A 24 -3.20 -14.16 11.18
C GLY A 24 -4.15 -13.01 10.95
N GLY A 25 -3.62 -11.85 10.55
CA GLY A 25 -4.45 -10.69 10.30
C GLY A 25 -5.27 -10.82 9.04
N SER A 26 -6.27 -9.95 8.90
CA SER A 26 -7.14 -9.97 7.73
C SER A 26 -6.33 -9.73 6.46
N LYS A 27 -7.04 -9.65 5.33
CA LYS A 27 -6.40 -9.42 4.04
C LYS A 27 -6.79 -8.05 3.48
N GLU A 28 -8.09 -7.78 3.45
CA GLU A 28 -8.59 -6.51 2.94
C GLU A 28 -8.47 -5.41 3.98
N TYR A 29 -8.21 -4.19 3.52
CA TYR A 29 -8.07 -3.05 4.43
C TYR A 29 -8.33 -1.74 3.68
N TRP A 30 -8.19 -0.63 4.41
CA TRP A 30 -8.42 0.69 3.81
C TRP A 30 -7.13 1.51 3.81
N PHE A 31 -6.40 1.45 2.71
CA PHE A 31 -5.15 2.19 2.57
C PHE A 31 -5.41 3.66 2.27
N VAL A 32 -4.88 4.54 3.12
CA VAL A 32 -5.06 5.97 2.94
C VAL A 32 -3.71 6.67 2.75
N LEU A 33 -3.25 6.72 1.50
CA LEU A 33 -1.98 7.36 1.18
C LEU A 33 -2.09 8.88 1.29
N THR A 34 -1.30 9.45 2.19
CA THR A 34 -1.31 10.89 2.39
C THR A 34 0.07 11.50 2.15
N ALA A 35 0.10 12.73 1.68
CA ALA A 35 1.36 13.43 1.42
C ALA A 35 2.29 13.32 2.61
N GLU A 36 1.74 13.00 3.78
CA GLU A 36 2.53 12.88 5.00
C GLU A 36 3.07 11.45 5.16
N SER A 37 2.16 10.48 5.13
CA SER A 37 2.54 9.08 5.27
C SER A 37 1.46 8.16 4.71
N LEU A 38 1.70 6.85 4.78
CA LEU A 38 0.75 5.87 4.29
C LEU A 38 0.32 4.91 5.39
N SER A 39 -0.97 4.91 5.70
CA SER A 39 -1.49 4.04 6.75
C SER A 39 -2.75 3.32 6.26
N TRP A 40 -3.01 2.14 6.83
CA TRP A 40 -4.18 1.36 6.47
C TRP A 40 -5.08 1.11 7.68
N TYR A 41 -6.38 1.27 7.48
CA TYR A 41 -7.34 1.07 8.55
C TYR A 41 -8.36 0.00 8.18
N LYS A 42 -9.32 -0.23 9.06
CA LYS A 42 -10.36 -1.23 8.82
C LYS A 42 -11.27 -0.80 7.67
N ASP A 43 -11.86 0.37 7.80
CA ASP A 43 -12.75 0.90 6.77
C ASP A 43 -12.38 2.33 6.41
N GLU A 44 -13.17 2.94 5.51
CA GLU A 44 -12.92 4.30 5.08
C GLU A 44 -13.09 5.28 6.24
N GLU A 45 -13.82 4.86 7.26
CA GLU A 45 -14.07 5.69 8.43
C GLU A 45 -12.76 5.98 9.17
N GLU A 46 -11.83 5.03 9.11
CA GLU A 46 -10.54 5.18 9.78
C GLU A 46 -10.73 5.39 11.28
N LYS A 47 -11.68 4.67 11.86
CA LYS A 47 -11.95 4.77 13.29
C LYS A 47 -10.88 4.08 14.11
N GLU A 48 -10.49 2.88 13.68
CA GLU A 48 -9.46 2.11 14.37
C GLU A 48 -8.22 1.96 13.50
N LYS A 49 -7.23 2.81 13.74
CA LYS A 49 -5.99 2.78 12.98
C LYS A 49 -5.17 1.55 13.34
N LYS A 50 -4.62 0.89 12.33
CA LYS A 50 -3.81 -0.31 12.54
C LYS A 50 -2.34 0.05 12.67
N TYR A 51 -1.74 0.50 11.58
CA TYR A 51 -0.33 0.88 11.59
C TYR A 51 -0.07 2.01 10.59
N MET A 52 1.06 2.70 10.77
CA MET A 52 1.42 3.81 9.90
C MET A 52 2.82 3.60 9.32
N LEU A 53 2.93 3.75 8.00
CA LEU A 53 4.21 3.57 7.31
C LEU A 53 4.58 4.83 6.53
N PRO A 54 5.83 5.29 6.70
CA PRO A 54 6.32 6.48 6.00
C PRO A 54 6.51 6.25 4.51
N LEU A 55 6.87 7.31 3.79
CA LEU A 55 7.08 7.21 2.34
C LEU A 55 8.47 7.72 1.97
N ASP A 56 9.42 7.60 2.90
CA ASP A 56 10.78 8.04 2.65
C ASP A 56 11.72 6.85 2.47
N ASN A 57 11.60 5.88 3.36
CA ASN A 57 12.44 4.69 3.30
C ASN A 57 11.71 3.55 2.60
N LEU A 58 10.72 3.90 1.79
CA LEU A 58 9.94 2.91 1.05
C LEU A 58 10.27 2.96 -0.44
N LYS A 59 9.89 1.90 -1.15
CA LYS A 59 10.13 1.83 -2.59
C LYS A 59 9.21 0.81 -3.25
N ILE A 60 9.03 0.95 -4.55
CA ILE A 60 8.17 0.03 -5.31
C ILE A 60 8.92 -0.61 -6.46
N ARG A 61 8.80 -1.93 -6.58
CA ARG A 61 9.47 -2.67 -7.64
C ARG A 61 8.52 -3.66 -8.30
N ASP A 62 8.65 -3.81 -9.62
CA ASP A 62 7.81 -4.74 -10.37
C ASP A 62 8.09 -6.18 -9.98
N VAL A 63 7.19 -6.77 -9.21
CA VAL A 63 7.36 -8.16 -8.77
C VAL A 63 6.77 -9.13 -9.79
N GLU A 64 7.58 -10.08 -10.23
CA GLU A 64 7.15 -11.07 -11.21
C GLU A 64 6.58 -12.31 -10.51
N LYS A 65 5.26 -12.47 -10.61
CA LYS A 65 4.59 -13.61 -10.00
C LYS A 65 4.83 -14.89 -10.80
N GLY A 66 4.77 -14.76 -12.12
CA GLY A 66 4.98 -15.91 -12.98
C GLY A 66 4.58 -15.65 -14.42
N PHE A 67 4.79 -16.63 -15.28
CA PHE A 67 4.45 -16.50 -16.70
C PHE A 67 2.94 -16.34 -16.87
N MET A 68 2.18 -17.18 -16.18
CA MET A 68 0.72 -17.13 -16.26
C MET A 68 0.19 -15.79 -15.75
N SER A 69 -0.37 -15.00 -16.65
CA SER A 69 -0.91 -13.70 -16.28
C SER A 69 -1.53 -13.74 -14.89
N ASN A 70 -1.42 -12.63 -14.16
CA ASN A 70 -1.96 -12.53 -12.82
C ASN A 70 -2.49 -11.13 -12.54
N LYS A 71 -3.22 -10.99 -11.44
CA LYS A 71 -3.78 -9.69 -11.05
C LYS A 71 -2.68 -8.65 -10.90
N HIS A 72 -3.03 -7.39 -11.12
CA HIS A 72 -2.08 -6.29 -10.99
C HIS A 72 -1.76 -6.00 -9.53
N VAL A 73 -0.64 -6.51 -9.06
CA VAL A 73 -0.23 -6.30 -7.67
C VAL A 73 1.24 -5.86 -7.60
N PHE A 74 1.49 -4.85 -6.78
CA PHE A 74 2.85 -4.32 -6.62
C PHE A 74 3.37 -4.61 -5.21
N ALA A 75 4.67 -4.89 -5.12
CA ALA A 75 5.29 -5.19 -3.82
C ALA A 75 6.06 -3.97 -3.31
N ILE A 76 5.93 -3.71 -2.01
CA ILE A 76 6.61 -2.58 -1.39
C ILE A 76 7.64 -3.06 -0.37
N PHE A 77 8.90 -2.68 -0.58
CA PHE A 77 9.97 -3.06 0.32
C PHE A 77 10.58 -1.84 1.00
N ASN A 78 11.43 -2.08 2.00
CA ASN A 78 12.08 -1.00 2.72
C ASN A 78 13.53 -0.83 2.27
N THR A 79 13.81 0.32 1.65
CA THR A 79 15.16 0.61 1.17
C THR A 79 16.17 0.53 2.29
N GLU A 80 15.84 1.14 3.43
CA GLU A 80 16.73 1.12 4.59
C GLU A 80 16.90 -0.28 5.14
N GLN A 81 17.67 -0.41 6.21
CA GLN A 81 17.92 -1.70 6.84
C GLN A 81 16.81 -2.05 7.83
N ARG A 82 15.61 -2.29 7.31
CA ARG A 82 14.47 -2.64 8.16
C ARG A 82 13.39 -3.36 7.34
N ASN A 83 12.32 -3.74 8.03
CA ASN A 83 11.22 -4.44 7.37
C ASN A 83 9.99 -3.55 7.26
N VAL A 84 9.49 -3.39 6.04
CA VAL A 84 8.32 -2.56 5.80
C VAL A 84 7.17 -2.93 6.75
N TYR A 85 7.04 -4.22 7.03
CA TYR A 85 6.00 -4.71 7.92
C TYR A 85 6.59 -5.37 9.16
N LYS A 86 5.73 -5.84 10.04
CA LYS A 86 6.17 -6.50 11.26
C LYS A 86 7.39 -7.36 11.01
N ASP A 87 7.20 -8.44 10.26
CA ASP A 87 8.29 -9.35 9.93
C ASP A 87 8.50 -9.45 8.42
N LEU A 88 7.41 -9.30 7.68
CA LEU A 88 7.45 -9.38 6.22
C LEU A 88 8.36 -8.30 5.65
N ARG A 89 9.32 -8.71 4.82
CA ARG A 89 10.24 -7.78 4.20
C ARG A 89 9.57 -6.98 3.10
N GLN A 90 8.53 -7.57 2.50
CA GLN A 90 7.80 -6.91 1.42
C GLN A 90 6.30 -7.22 1.52
N ILE A 91 5.48 -6.25 1.11
CA ILE A 91 4.04 -6.42 1.16
C ILE A 91 3.44 -6.36 -0.24
N GLU A 92 2.68 -7.40 -0.60
CA GLU A 92 2.05 -7.46 -1.92
C GLU A 92 0.62 -6.90 -1.86
N LEU A 93 0.39 -5.84 -2.62
CA LEU A 93 -0.93 -5.21 -2.66
C LEU A 93 -1.59 -5.40 -4.04
N ALA A 94 -2.74 -6.06 -4.05
CA ALA A 94 -3.46 -6.30 -5.29
C ALA A 94 -4.60 -5.30 -5.47
N CYS A 95 -4.92 -4.98 -6.71
CA CYS A 95 -5.99 -4.04 -7.01
C CYS A 95 -7.10 -4.71 -7.83
N ASP A 96 -8.17 -3.98 -8.07
CA ASP A 96 -9.29 -4.50 -8.84
C ASP A 96 -8.94 -4.60 -10.32
N SER A 97 -8.32 -3.56 -10.85
CA SER A 97 -7.93 -3.54 -12.26
C SER A 97 -6.69 -2.68 -12.46
N GLN A 98 -6.01 -2.88 -13.59
CA GLN A 98 -4.80 -2.12 -13.89
C GLN A 98 -5.01 -0.64 -13.61
N GLU A 99 -6.15 -0.11 -14.03
CA GLU A 99 -6.47 1.30 -13.81
C GLU A 99 -6.15 1.71 -12.38
N ASP A 100 -6.59 0.90 -11.42
CA ASP A 100 -6.36 1.18 -10.02
C ASP A 100 -4.87 1.24 -9.71
N VAL A 101 -4.12 0.27 -10.22
CA VAL A 101 -2.68 0.23 -10.01
C VAL A 101 -2.00 1.48 -10.54
N ASP A 102 -2.26 1.80 -11.81
CA ASP A 102 -1.68 2.97 -12.44
C ASP A 102 -1.87 4.21 -11.57
N SER A 103 -3.11 4.46 -11.18
CA SER A 103 -3.42 5.62 -10.34
C SER A 103 -2.58 5.61 -9.06
N TRP A 104 -2.62 4.50 -8.34
CA TRP A 104 -1.86 4.36 -7.10
C TRP A 104 -0.39 4.68 -7.32
N LYS A 105 0.22 3.99 -8.29
CA LYS A 105 1.63 4.19 -8.61
C LYS A 105 1.93 5.68 -8.76
N ALA A 106 1.17 6.36 -9.61
CA ALA A 106 1.37 7.79 -9.84
C ALA A 106 1.16 8.58 -8.56
N SER A 107 0.24 8.12 -7.71
CA SER A 107 -0.04 8.79 -6.46
C SER A 107 1.16 8.76 -5.53
N PHE A 108 1.79 7.58 -5.44
CA PHE A 108 2.96 7.40 -4.58
C PHE A 108 4.06 8.38 -4.96
N LEU A 109 4.28 8.53 -6.27
CA LEU A 109 5.32 9.42 -6.78
C LEU A 109 5.13 10.84 -6.23
N ARG A 110 3.92 11.36 -6.36
CA ARG A 110 3.61 12.70 -5.88
C ARG A 110 4.10 12.89 -4.45
N ALA A 111 3.90 11.86 -3.62
CA ALA A 111 4.33 11.91 -2.22
C ALA A 111 5.85 11.97 -2.12
N GLY A 112 6.53 11.35 -3.08
CA GLY A 112 7.99 11.33 -3.07
C GLY A 112 8.54 9.92 -3.01
N VAL A 113 7.87 8.99 -3.68
CA VAL A 113 8.31 7.61 -3.70
C VAL A 113 8.75 7.19 -5.10
N GLY A 1 9.12 23.53 0.41
CA GLY A 1 8.33 22.32 0.39
C GLY A 1 7.09 22.45 -0.47
N SER A 2 5.93 22.26 0.15
CA SER A 2 4.66 22.36 -0.56
C SER A 2 4.14 23.79 -0.54
N SER A 3 4.01 24.38 -1.72
CA SER A 3 3.53 25.75 -1.85
C SER A 3 2.02 25.78 -2.05
N GLY A 4 1.30 25.10 -1.16
CA GLY A 4 -0.14 25.06 -1.25
C GLY A 4 -0.75 24.01 -0.33
N SER A 5 -2.05 24.13 -0.07
CA SER A 5 -2.75 23.19 0.78
C SER A 5 -3.12 21.92 0.03
N SER A 6 -2.80 20.77 0.61
CA SER A 6 -3.08 19.49 -0.01
C SER A 6 -2.79 18.34 0.95
N GLY A 7 -3.84 17.62 1.34
CA GLY A 7 -3.69 16.50 2.25
C GLY A 7 -3.62 15.17 1.54
N VAL A 8 -4.48 14.25 1.93
CA VAL A 8 -4.52 12.92 1.33
C VAL A 8 -4.32 13.00 -0.18
N ILE A 9 -3.49 12.12 -0.72
CA ILE A 9 -3.23 12.09 -2.15
C ILE A 9 -4.19 11.15 -2.88
N ARG A 10 -4.49 10.03 -2.24
CA ARG A 10 -5.39 9.04 -2.82
C ARG A 10 -5.87 8.04 -1.76
N ARG A 11 -6.92 7.31 -2.09
CA ARG A 11 -7.47 6.31 -1.17
C ARG A 11 -8.24 5.23 -1.93
N GLY A 12 -8.25 4.03 -1.36
CA GLY A 12 -8.94 2.92 -2.00
C GLY A 12 -8.88 1.64 -1.19
N TRP A 13 -9.77 0.70 -1.49
CA TRP A 13 -9.80 -0.56 -0.78
C TRP A 13 -8.83 -1.56 -1.40
N LEU A 14 -7.68 -1.72 -0.76
CA LEU A 14 -6.66 -2.64 -1.24
C LEU A 14 -6.75 -3.99 -0.52
N THR A 15 -6.00 -4.97 -1.01
CA THR A 15 -5.99 -6.30 -0.41
C THR A 15 -4.58 -6.88 -0.38
N ILE A 16 -4.04 -7.04 0.82
CA ILE A 16 -2.71 -7.60 0.99
C ILE A 16 -2.65 -9.05 0.54
N ASN A 17 -1.61 -9.40 -0.20
CA ASN A 17 -1.43 -10.76 -0.69
C ASN A 17 -0.40 -11.52 0.14
N ASN A 18 0.49 -10.77 0.78
CA ASN A 18 1.53 -11.37 1.61
C ASN A 18 1.11 -11.40 3.07
N ILE A 19 0.06 -12.16 3.37
CA ILE A 19 -0.45 -12.29 4.72
C ILE A 19 -0.71 -13.75 5.08
N SER A 20 -1.45 -14.44 4.22
CA SER A 20 -1.77 -15.84 4.44
C SER A 20 -2.34 -16.48 3.18
N LEU A 21 -2.24 -17.81 3.09
CA LEU A 21 -2.74 -18.54 1.93
C LEU A 21 -4.07 -19.21 2.25
N MET A 22 -4.20 -19.72 3.47
CA MET A 22 -5.42 -20.39 3.90
C MET A 22 -6.49 -19.36 4.28
N LYS A 23 -7.63 -19.86 4.76
CA LYS A 23 -8.72 -18.99 5.16
C LYS A 23 -8.81 -18.90 6.69
N GLY A 24 -8.49 -17.73 7.22
CA GLY A 24 -8.54 -17.54 8.66
C GLY A 24 -8.45 -16.07 9.05
N GLY A 25 -9.11 -15.21 8.29
CA GLY A 25 -9.09 -13.79 8.58
C GLY A 25 -9.47 -12.94 7.37
N SER A 26 -8.83 -11.78 7.24
CA SER A 26 -9.12 -10.89 6.13
C SER A 26 -7.83 -10.34 5.54
N LYS A 27 -7.88 -9.96 4.26
CA LYS A 27 -6.71 -9.42 3.57
C LYS A 27 -6.99 -8.00 3.07
N GLU A 28 -8.27 -7.63 3.05
CA GLU A 28 -8.66 -6.30 2.60
C GLU A 28 -8.45 -5.26 3.70
N TYR A 29 -8.07 -4.06 3.30
CA TYR A 29 -7.82 -2.98 4.26
C TYR A 29 -7.98 -1.61 3.59
N TRP A 30 -8.39 -0.63 4.38
CA TRP A 30 -8.59 0.73 3.86
C TRP A 30 -7.27 1.50 3.87
N PHE A 31 -6.58 1.50 2.73
CA PHE A 31 -5.31 2.20 2.60
C PHE A 31 -5.53 3.68 2.31
N VAL A 32 -4.82 4.53 3.03
CA VAL A 32 -4.94 5.98 2.85
C VAL A 32 -3.57 6.62 2.67
N LEU A 33 -3.12 6.70 1.42
CA LEU A 33 -1.83 7.30 1.10
C LEU A 33 -1.88 8.82 1.24
N THR A 34 -1.24 9.35 2.27
CA THR A 34 -1.21 10.78 2.51
C THR A 34 0.21 11.34 2.40
N ALA A 35 0.31 12.64 2.21
CA ALA A 35 1.62 13.29 2.09
C ALA A 35 2.53 12.93 3.27
N GLU A 36 1.94 12.87 4.46
CA GLU A 36 2.70 12.53 5.66
C GLU A 36 3.17 11.09 5.62
N SER A 37 2.23 10.15 5.68
CA SER A 37 2.56 8.73 5.65
C SER A 37 1.35 7.90 5.21
N LEU A 38 1.59 6.64 4.90
CA LEU A 38 0.53 5.74 4.46
C LEU A 38 0.09 4.82 5.60
N SER A 39 -1.21 4.82 5.89
CA SER A 39 -1.76 3.99 6.95
C SER A 39 -3.01 3.26 6.49
N TRP A 40 -3.22 2.05 6.98
CA TRP A 40 -4.39 1.25 6.62
C TRP A 40 -5.26 0.98 7.83
N TYR A 41 -6.58 1.07 7.64
CA TYR A 41 -7.53 0.85 8.72
C TYR A 41 -8.60 -0.17 8.30
N LYS A 42 -9.51 -0.45 9.22
CA LYS A 42 -10.59 -1.40 8.95
C LYS A 42 -11.45 -0.92 7.77
N ASP A 43 -12.00 0.29 7.91
CA ASP A 43 -12.84 0.86 6.87
C ASP A 43 -12.48 2.33 6.62
N GLU A 44 -13.26 2.98 5.76
CA GLU A 44 -13.03 4.38 5.45
C GLU A 44 -13.51 5.29 6.58
N GLU A 45 -13.04 4.99 7.80
CA GLU A 45 -13.43 5.78 8.97
C GLU A 45 -12.20 6.36 9.65
N GLU A 46 -11.08 5.64 9.58
CA GLU A 46 -9.85 6.08 10.20
C GLU A 46 -10.02 6.27 11.71
N LYS A 47 -10.57 5.24 12.36
CA LYS A 47 -10.80 5.29 13.80
C LYS A 47 -9.79 4.40 14.53
N GLU A 48 -9.55 3.21 14.00
CA GLU A 48 -8.61 2.28 14.59
C GLU A 48 -7.52 1.88 13.60
N LYS A 49 -6.54 2.77 13.43
CA LYS A 49 -5.43 2.52 12.51
C LYS A 49 -4.68 1.25 12.91
N LYS A 50 -4.37 0.42 11.91
CA LYS A 50 -3.65 -0.82 12.15
C LYS A 50 -2.17 -0.55 12.35
N TYR A 51 -1.54 0.08 11.37
CA TYR A 51 -0.13 0.41 11.44
C TYR A 51 0.26 1.41 10.36
N MET A 52 0.85 2.54 10.78
CA MET A 52 1.26 3.58 9.86
C MET A 52 2.62 3.25 9.25
N LEU A 53 2.82 3.70 8.01
CA LEU A 53 4.08 3.45 7.30
C LEU A 53 4.53 4.69 6.55
N PRO A 54 5.82 5.03 6.70
CA PRO A 54 6.42 6.20 6.03
C PRO A 54 6.53 6.01 4.53
N LEU A 55 6.81 7.10 3.82
CA LEU A 55 6.96 7.05 2.36
C LEU A 55 8.30 7.63 1.93
N ASP A 56 9.29 7.52 2.81
CA ASP A 56 10.63 8.03 2.51
C ASP A 56 11.61 6.88 2.28
N ASN A 57 11.63 5.93 3.20
CA ASN A 57 12.52 4.78 3.09
C ASN A 57 11.81 3.61 2.42
N LEU A 58 10.91 3.92 1.50
CA LEU A 58 10.17 2.88 0.78
C LEU A 58 10.43 2.97 -0.71
N LYS A 59 9.96 1.97 -1.45
CA LYS A 59 10.13 1.93 -2.90
C LYS A 59 9.31 0.81 -3.52
N ILE A 60 8.88 1.01 -4.76
CA ILE A 60 8.07 0.02 -5.46
C ILE A 60 8.90 -0.70 -6.52
N ARG A 61 8.73 -2.01 -6.61
CA ARG A 61 9.46 -2.82 -7.59
C ARG A 61 8.55 -3.87 -8.22
N ASP A 62 8.85 -4.24 -9.45
CA ASP A 62 8.06 -5.24 -10.16
C ASP A 62 8.40 -6.65 -9.69
N VAL A 63 7.49 -7.23 -8.90
CA VAL A 63 7.69 -8.57 -8.37
C VAL A 63 7.42 -9.63 -9.44
N GLU A 64 8.34 -10.58 -9.57
CA GLU A 64 8.20 -11.64 -10.56
C GLU A 64 8.28 -13.01 -9.90
N LYS A 65 7.26 -13.83 -10.13
CA LYS A 65 7.22 -15.17 -9.55
C LYS A 65 7.14 -16.23 -10.64
N GLY A 66 8.16 -17.10 -10.69
CA GLY A 66 8.19 -18.15 -11.68
C GLY A 66 8.27 -17.60 -13.10
N PHE A 67 7.94 -18.44 -14.08
CA PHE A 67 7.99 -18.04 -15.48
C PHE A 67 6.58 -17.89 -16.04
N MET A 68 5.71 -17.23 -15.29
CA MET A 68 4.33 -17.02 -15.72
C MET A 68 3.84 -15.63 -15.29
N SER A 69 2.74 -15.19 -15.91
CA SER A 69 2.18 -13.88 -15.59
C SER A 69 1.49 -13.90 -14.23
N ASN A 70 0.95 -12.75 -13.83
CA ASN A 70 0.27 -12.62 -12.55
C ASN A 70 -0.73 -11.47 -12.57
N LYS A 71 -1.46 -11.31 -11.48
CA LYS A 71 -2.44 -10.23 -11.37
C LYS A 71 -1.77 -8.90 -11.09
N HIS A 72 -2.57 -7.83 -11.02
CA HIS A 72 -2.03 -6.50 -10.75
C HIS A 72 -1.73 -6.33 -9.27
N VAL A 73 -0.47 -6.53 -8.90
CA VAL A 73 -0.05 -6.39 -7.51
C VAL A 73 1.39 -5.90 -7.42
N PHE A 74 1.60 -4.83 -6.66
CA PHE A 74 2.94 -4.26 -6.50
C PHE A 74 3.42 -4.45 -5.06
N ALA A 75 4.69 -4.83 -4.92
CA ALA A 75 5.28 -5.04 -3.61
C ALA A 75 6.06 -3.81 -3.15
N ILE A 76 5.95 -3.49 -1.86
CA ILE A 76 6.65 -2.34 -1.30
C ILE A 76 7.71 -2.78 -0.29
N PHE A 77 8.96 -2.41 -0.57
CA PHE A 77 10.07 -2.76 0.31
C PHE A 77 10.70 -1.50 0.90
N ASN A 78 11.47 -1.69 1.97
CA ASN A 78 12.14 -0.57 2.64
C ASN A 78 13.57 -0.42 2.14
N THR A 79 13.80 0.58 1.30
CA THR A 79 15.13 0.84 0.75
C THR A 79 16.21 0.62 1.80
N GLU A 80 16.03 1.25 2.96
CA GLU A 80 16.99 1.12 4.05
C GLU A 80 17.21 -0.34 4.41
N GLN A 81 18.18 -0.59 5.29
CA GLN A 81 18.50 -1.94 5.73
C GLN A 81 17.59 -2.38 6.86
N ARG A 82 16.28 -2.39 6.60
CA ARG A 82 15.31 -2.77 7.61
C ARG A 82 14.12 -3.49 6.96
N ASN A 83 13.28 -4.11 7.79
CA ASN A 83 12.11 -4.82 7.30
C ASN A 83 10.88 -3.92 7.32
N VAL A 84 9.96 -4.16 6.37
CA VAL A 84 8.75 -3.37 6.28
C VAL A 84 7.78 -3.73 7.40
N TYR A 85 7.14 -4.90 7.28
CA TYR A 85 6.18 -5.35 8.28
C TYR A 85 6.90 -6.08 9.42
N LYS A 86 6.11 -6.63 10.34
CA LYS A 86 6.66 -7.35 11.48
C LYS A 86 7.25 -8.68 11.05
N ASP A 87 6.40 -9.57 10.53
CA ASP A 87 6.84 -10.88 10.08
C ASP A 87 6.93 -10.92 8.55
N LEU A 88 7.10 -9.75 7.95
CA LEU A 88 7.20 -9.65 6.49
C LEU A 88 8.22 -8.58 6.10
N ARG A 89 9.00 -8.87 5.05
CA ARG A 89 10.01 -7.94 4.57
C ARG A 89 9.43 -7.00 3.53
N GLN A 90 8.41 -7.47 2.81
CA GLN A 90 7.77 -6.67 1.78
C GLN A 90 6.26 -6.88 1.78
N ILE A 91 5.51 -5.78 1.75
CA ILE A 91 4.05 -5.85 1.75
C ILE A 91 3.49 -5.71 0.35
N GLU A 92 2.79 -6.75 -0.12
CA GLU A 92 2.20 -6.73 -1.45
C GLU A 92 0.82 -6.08 -1.43
N LEU A 93 0.40 -5.56 -2.57
CA LEU A 93 -0.90 -4.91 -2.68
C LEU A 93 -1.57 -5.25 -4.01
N ALA A 94 -2.59 -6.10 -3.96
CA ALA A 94 -3.32 -6.51 -5.16
C ALA A 94 -4.53 -5.61 -5.39
N CYS A 95 -4.95 -5.50 -6.65
CA CYS A 95 -6.09 -4.67 -7.01
C CYS A 95 -7.07 -5.45 -7.88
N ASP A 96 -8.22 -4.85 -8.16
CA ASP A 96 -9.25 -5.49 -8.98
C ASP A 96 -8.98 -5.24 -10.46
N SER A 97 -8.49 -4.05 -10.77
CA SER A 97 -8.20 -3.67 -12.15
C SER A 97 -6.93 -2.84 -12.24
N GLN A 98 -6.30 -2.85 -13.41
CA GLN A 98 -5.07 -2.09 -13.62
C GLN A 98 -5.32 -0.60 -13.40
N GLU A 99 -6.42 -0.09 -13.93
CA GLU A 99 -6.77 1.31 -13.78
C GLU A 99 -6.41 1.82 -12.39
N ASP A 100 -6.74 1.02 -11.37
CA ASP A 100 -6.46 1.40 -9.99
C ASP A 100 -4.95 1.43 -9.74
N VAL A 101 -4.30 0.29 -9.92
CA VAL A 101 -2.86 0.20 -9.72
C VAL A 101 -2.13 1.34 -10.39
N ASP A 102 -2.42 1.56 -11.68
CA ASP A 102 -1.79 2.63 -12.44
C ASP A 102 -1.90 3.96 -11.70
N SER A 103 -3.12 4.34 -11.33
CA SER A 103 -3.36 5.59 -10.62
C SER A 103 -2.62 5.60 -9.29
N TRP A 104 -2.55 4.43 -8.65
CA TRP A 104 -1.88 4.32 -7.36
C TRP A 104 -0.40 4.66 -7.48
N LYS A 105 0.29 4.00 -8.40
CA LYS A 105 1.71 4.24 -8.62
C LYS A 105 1.99 5.73 -8.79
N ALA A 106 1.35 6.34 -9.78
CA ALA A 106 1.52 7.76 -10.04
C ALA A 106 1.28 8.59 -8.78
N SER A 107 0.29 8.17 -8.00
CA SER A 107 -0.05 8.87 -6.76
C SER A 107 1.12 8.85 -5.79
N PHE A 108 1.71 7.68 -5.60
CA PHE A 108 2.83 7.51 -4.69
C PHE A 108 3.96 8.46 -5.05
N LEU A 109 4.33 8.49 -6.33
CA LEU A 109 5.40 9.35 -6.81
C LEU A 109 5.23 10.77 -6.27
N ARG A 110 4.03 11.32 -6.43
CA ARG A 110 3.73 12.66 -5.96
C ARG A 110 4.08 12.81 -4.48
N ALA A 111 3.80 11.77 -3.71
CA ALA A 111 4.07 11.78 -2.28
C ALA A 111 5.58 11.82 -2.00
N GLY A 112 6.34 11.26 -2.92
CA GLY A 112 7.79 11.24 -2.77
C GLY A 112 8.36 9.84 -2.88
N VAL A 113 7.69 8.98 -3.63
CA VAL A 113 8.14 7.60 -3.83
C VAL A 113 8.29 7.28 -5.30
N GLY A 1 1.01 28.80 -12.03
CA GLY A 1 0.56 29.16 -10.70
C GLY A 1 0.85 28.06 -9.69
N SER A 2 -0.21 27.41 -9.20
CA SER A 2 -0.07 26.36 -8.21
C SER A 2 -1.11 25.27 -8.43
N SER A 3 -0.81 24.06 -7.97
CA SER A 3 -1.73 22.93 -8.11
C SER A 3 -1.31 21.78 -7.21
N GLY A 4 -2.28 20.92 -6.88
CA GLY A 4 -2.00 19.79 -6.02
C GLY A 4 -3.06 19.58 -4.96
N SER A 5 -2.64 19.36 -3.73
CA SER A 5 -3.57 19.15 -2.62
C SER A 5 -2.86 19.30 -1.28
N SER A 6 -3.63 19.21 -0.20
CA SER A 6 -3.09 19.35 1.14
C SER A 6 -3.36 18.10 1.98
N GLY A 7 -4.60 17.64 1.94
CA GLY A 7 -4.98 16.46 2.70
C GLY A 7 -4.48 15.17 2.05
N VAL A 8 -5.33 14.15 2.04
CA VAL A 8 -4.97 12.87 1.45
C VAL A 8 -4.69 13.00 -0.04
N ILE A 9 -3.89 12.10 -0.57
CA ILE A 9 -3.54 12.12 -1.99
C ILE A 9 -4.33 11.05 -2.76
N ARG A 10 -4.47 9.88 -2.17
CA ARG A 10 -5.20 8.79 -2.79
C ARG A 10 -5.70 7.80 -1.74
N ARG A 11 -6.92 7.29 -1.95
CA ARG A 11 -7.51 6.34 -1.03
C ARG A 11 -8.27 5.25 -1.77
N GLY A 12 -8.43 4.09 -1.14
CA GLY A 12 -9.13 2.99 -1.77
C GLY A 12 -8.96 1.69 -1.00
N TRP A 13 -9.87 0.75 -1.23
CA TRP A 13 -9.81 -0.55 -0.57
C TRP A 13 -8.88 -1.50 -1.30
N LEU A 14 -7.81 -1.91 -0.63
CA LEU A 14 -6.84 -2.83 -1.22
C LEU A 14 -6.89 -4.18 -0.53
N THR A 15 -6.14 -5.15 -1.08
CA THR A 15 -6.09 -6.49 -0.51
C THR A 15 -4.67 -7.02 -0.48
N ILE A 16 -4.16 -7.28 0.72
CA ILE A 16 -2.81 -7.80 0.88
C ILE A 16 -2.71 -9.25 0.41
N ASN A 17 -1.62 -9.56 -0.27
CA ASN A 17 -1.40 -10.92 -0.78
C ASN A 17 -0.34 -11.64 0.05
N ASN A 18 0.64 -10.88 0.53
CA ASN A 18 1.72 -11.45 1.34
C ASN A 18 1.31 -11.55 2.80
N ILE A 19 0.02 -11.72 3.04
CA ILE A 19 -0.50 -11.83 4.40
C ILE A 19 -1.02 -13.23 4.68
N SER A 20 -0.50 -14.21 3.95
CA SER A 20 -0.93 -15.60 4.12
C SER A 20 -0.72 -16.06 5.55
N LEU A 21 0.44 -15.73 6.12
CA LEU A 21 0.75 -16.11 7.49
C LEU A 21 -0.48 -16.04 8.38
N MET A 22 -1.23 -14.95 8.25
CA MET A 22 -2.44 -14.77 9.03
C MET A 22 -3.59 -15.59 8.48
N LYS A 23 -4.14 -16.48 9.30
CA LYS A 23 -5.25 -17.33 8.89
C LYS A 23 -6.53 -16.53 8.75
N GLY A 24 -7.44 -17.01 7.91
CA GLY A 24 -8.71 -16.32 7.71
C GLY A 24 -9.18 -16.40 6.27
N GLY A 25 -9.95 -15.40 5.85
CA GLY A 25 -10.47 -15.38 4.49
C GLY A 25 -10.02 -14.15 3.72
N SER A 26 -10.94 -13.21 3.56
CA SER A 26 -10.63 -11.97 2.83
C SER A 26 -9.56 -11.17 3.55
N LYS A 27 -8.64 -10.59 2.78
CA LYS A 27 -7.56 -9.79 3.34
C LYS A 27 -7.61 -8.36 2.81
N GLU A 28 -8.80 -7.77 2.82
CA GLU A 28 -8.99 -6.41 2.35
C GLU A 28 -8.73 -5.40 3.47
N TYR A 29 -8.33 -4.19 3.10
CA TYR A 29 -8.05 -3.15 4.06
C TYR A 29 -8.26 -1.76 3.46
N TRP A 30 -8.40 -0.76 4.31
CA TRP A 30 -8.61 0.61 3.86
C TRP A 30 -7.30 1.40 3.88
N PHE A 31 -6.60 1.41 2.76
CA PHE A 31 -5.34 2.14 2.65
C PHE A 31 -5.57 3.61 2.33
N VAL A 32 -5.05 4.48 3.18
CA VAL A 32 -5.20 5.93 3.00
C VAL A 32 -3.85 6.59 2.77
N LEU A 33 -3.39 6.57 1.52
CA LEU A 33 -2.12 7.18 1.17
C LEU A 33 -2.20 8.70 1.20
N THR A 34 -1.57 9.31 2.20
CA THR A 34 -1.57 10.76 2.35
C THR A 34 -0.24 11.37 1.93
N ALA A 35 -0.21 12.68 1.80
CA ALA A 35 1.01 13.39 1.41
C ALA A 35 2.04 13.37 2.53
N GLU A 36 1.69 12.74 3.64
CA GLU A 36 2.58 12.66 4.79
C GLU A 36 3.08 11.22 4.99
N SER A 37 2.15 10.28 5.02
CA SER A 37 2.49 8.87 5.21
C SER A 37 1.38 7.97 4.68
N LEU A 38 1.63 6.67 4.71
CA LEU A 38 0.65 5.69 4.22
C LEU A 38 0.20 4.76 5.34
N SER A 39 -1.07 4.85 5.71
CA SER A 39 -1.62 4.03 6.77
C SER A 39 -2.92 3.35 6.33
N TRP A 40 -3.13 2.13 6.78
CA TRP A 40 -4.32 1.37 6.42
C TRP A 40 -5.18 1.09 7.65
N TYR A 41 -6.46 1.42 7.57
CA TYR A 41 -7.38 1.21 8.68
C TYR A 41 -8.32 0.05 8.38
N LYS A 42 -9.27 -0.18 9.29
CA LYS A 42 -10.24 -1.25 9.12
C LYS A 42 -11.26 -0.91 8.05
N ASP A 43 -11.96 0.20 8.23
CA ASP A 43 -12.96 0.64 7.27
C ASP A 43 -12.70 2.08 6.83
N GLU A 44 -13.45 2.53 5.83
CA GLU A 44 -13.30 3.88 5.31
C GLU A 44 -13.39 4.90 6.44
N GLU A 45 -14.13 4.56 7.49
CA GLU A 45 -14.30 5.45 8.63
C GLU A 45 -12.94 5.78 9.27
N GLU A 46 -12.05 4.80 9.27
CA GLU A 46 -10.72 4.99 9.85
C GLU A 46 -10.82 5.28 11.34
N LYS A 47 -11.76 4.63 12.01
CA LYS A 47 -11.95 4.82 13.45
C LYS A 47 -10.75 4.30 14.23
N GLU A 48 -10.12 3.26 13.72
CA GLU A 48 -8.95 2.67 14.37
C GLU A 48 -7.81 2.47 13.37
N LYS A 49 -6.66 3.04 13.68
CA LYS A 49 -5.49 2.92 12.82
C LYS A 49 -4.71 1.64 13.12
N LYS A 50 -4.33 0.92 12.08
CA LYS A 50 -3.58 -0.33 12.23
C LYS A 50 -2.08 -0.04 12.38
N TYR A 51 -1.46 0.39 11.30
CA TYR A 51 -0.03 0.70 11.31
C TYR A 51 0.30 1.74 10.24
N MET A 52 1.14 2.71 10.61
CA MET A 52 1.54 3.76 9.70
C MET A 52 2.90 3.45 9.07
N LEU A 53 3.09 3.87 7.82
CA LEU A 53 4.33 3.63 7.11
C LEU A 53 4.75 4.87 6.33
N PRO A 54 6.05 5.24 6.45
CA PRO A 54 6.61 6.39 5.76
C PRO A 54 6.71 6.19 4.25
N LEU A 55 6.88 7.28 3.52
CA LEU A 55 6.99 7.22 2.06
C LEU A 55 8.35 7.72 1.59
N ASP A 56 9.32 7.73 2.51
CA ASP A 56 10.66 8.20 2.18
C ASP A 56 11.66 7.05 2.25
N ASN A 57 11.32 6.01 3.01
CA ASN A 57 12.18 4.86 3.17
C ASN A 57 11.56 3.62 2.51
N LEU A 58 10.67 3.85 1.55
CA LEU A 58 10.01 2.76 0.85
C LEU A 58 10.37 2.76 -0.63
N LYS A 59 9.89 1.75 -1.36
CA LYS A 59 10.17 1.64 -2.78
C LYS A 59 9.18 0.68 -3.45
N ILE A 60 8.89 0.93 -4.72
CA ILE A 60 7.98 0.08 -5.47
C ILE A 60 8.71 -0.71 -6.55
N ARG A 61 8.39 -1.99 -6.66
CA ARG A 61 9.02 -2.86 -7.66
C ARG A 61 8.14 -4.06 -7.98
N ASP A 62 8.64 -4.95 -8.83
CA ASP A 62 7.89 -6.14 -9.21
C ASP A 62 7.89 -7.17 -8.08
N VAL A 63 6.87 -8.03 -8.07
CA VAL A 63 6.75 -9.06 -7.05
C VAL A 63 7.14 -10.43 -7.60
N GLU A 64 7.77 -11.25 -6.76
CA GLU A 64 8.19 -12.58 -7.17
C GLU A 64 6.99 -13.50 -7.32
N LYS A 65 6.41 -13.53 -8.52
CA LYS A 65 5.26 -14.36 -8.80
C LYS A 65 5.66 -15.60 -9.59
N GLY A 66 6.64 -15.44 -10.48
CA GLY A 66 7.10 -16.56 -11.28
C GLY A 66 7.08 -16.26 -12.77
N PHE A 67 7.89 -15.30 -13.20
CA PHE A 67 7.96 -14.90 -14.60
C PHE A 67 6.56 -14.90 -15.22
N MET A 68 5.57 -14.51 -14.43
CA MET A 68 4.19 -14.45 -14.90
C MET A 68 3.40 -13.37 -14.17
N SER A 69 2.12 -13.27 -14.48
CA SER A 69 1.26 -12.27 -13.84
C SER A 69 -0.21 -12.64 -14.00
N ASN A 70 -0.88 -12.84 -12.86
CA ASN A 70 -2.29 -13.21 -12.88
C ASN A 70 -3.17 -11.98 -12.64
N LYS A 71 -2.57 -10.91 -12.13
CA LYS A 71 -3.29 -9.69 -11.86
C LYS A 71 -2.32 -8.54 -11.57
N HIS A 72 -2.87 -7.34 -11.34
CA HIS A 72 -2.05 -6.17 -11.06
C HIS A 72 -1.69 -6.10 -9.58
N VAL A 73 -0.54 -6.64 -9.22
CA VAL A 73 -0.07 -6.64 -7.84
C VAL A 73 1.40 -6.26 -7.75
N PHE A 74 1.67 -5.16 -7.05
CA PHE A 74 3.04 -4.69 -6.89
C PHE A 74 3.50 -4.82 -5.44
N ALA A 75 4.78 -5.13 -5.25
CA ALA A 75 5.34 -5.30 -3.92
C ALA A 75 6.00 -4.01 -3.45
N ILE A 76 6.00 -3.78 -2.13
CA ILE A 76 6.60 -2.59 -1.56
C ILE A 76 7.64 -2.96 -0.51
N PHE A 77 8.90 -2.60 -0.77
CA PHE A 77 9.99 -2.89 0.15
C PHE A 77 10.59 -1.61 0.70
N ASN A 78 11.27 -1.71 1.85
CA ASN A 78 11.89 -0.55 2.47
C ASN A 78 13.35 -0.43 2.05
N THR A 79 13.68 0.68 1.40
CA THR A 79 15.04 0.92 0.94
C THR A 79 16.03 0.84 2.09
N GLU A 80 15.71 1.52 3.19
CA GLU A 80 16.57 1.52 4.37
C GLU A 80 16.63 0.13 5.00
N GLN A 81 17.60 -0.05 5.89
CA GLN A 81 17.77 -1.34 6.57
C GLN A 81 16.76 -1.49 7.71
N ARG A 82 15.53 -1.84 7.35
CA ARG A 82 14.47 -2.02 8.34
C ARG A 82 13.34 -2.87 7.76
N ASN A 83 12.34 -3.16 8.60
CA ASN A 83 11.20 -3.96 8.18
C ASN A 83 10.06 -3.06 7.71
N VAL A 84 8.98 -3.69 7.23
CA VAL A 84 7.82 -2.95 6.75
C VAL A 84 6.59 -3.27 7.60
N TYR A 85 6.14 -4.51 7.53
CA TYR A 85 4.96 -4.93 8.29
C TYR A 85 5.38 -5.78 9.49
N LYS A 86 4.38 -6.25 10.24
CA LYS A 86 4.64 -7.08 11.41
C LYS A 86 5.86 -7.96 11.20
N ASP A 87 5.73 -8.95 10.32
CA ASP A 87 6.82 -9.86 10.03
C ASP A 87 6.98 -10.06 8.52
N LEU A 88 6.88 -8.96 7.77
CA LEU A 88 7.01 -9.02 6.31
C LEU A 88 7.91 -7.89 5.81
N ARG A 89 8.97 -8.27 5.10
CA ARG A 89 9.90 -7.29 4.55
C ARG A 89 9.24 -6.45 3.47
N GLN A 90 8.40 -7.08 2.67
CA GLN A 90 7.70 -6.39 1.59
C GLN A 90 6.21 -6.71 1.62
N ILE A 91 5.39 -5.71 1.31
CA ILE A 91 3.94 -5.89 1.30
C ILE A 91 3.41 -5.96 -0.13
N GLU A 92 2.83 -7.10 -0.48
CA GLU A 92 2.28 -7.30 -1.81
C GLU A 92 0.81 -6.90 -1.87
N LEU A 93 0.54 -5.78 -2.55
CA LEU A 93 -0.83 -5.28 -2.67
C LEU A 93 -1.41 -5.64 -4.04
N ALA A 94 -2.58 -6.26 -4.03
CA ALA A 94 -3.25 -6.65 -5.27
C ALA A 94 -4.42 -5.72 -5.57
N CYS A 95 -4.62 -5.44 -6.86
CA CYS A 95 -5.71 -4.57 -7.28
C CYS A 95 -6.70 -5.31 -8.18
N ASP A 96 -7.80 -4.65 -8.52
CA ASP A 96 -8.82 -5.25 -9.37
C ASP A 96 -8.48 -5.07 -10.84
N SER A 97 -8.05 -3.87 -11.20
CA SER A 97 -7.69 -3.57 -12.58
C SER A 97 -6.49 -2.62 -12.64
N GLN A 98 -5.84 -2.58 -13.79
CA GLN A 98 -4.68 -1.71 -13.98
C GLN A 98 -4.99 -0.29 -13.51
N GLU A 99 -6.13 0.24 -13.94
CA GLU A 99 -6.54 1.58 -13.57
C GLU A 99 -6.12 1.91 -12.14
N ASP A 100 -6.42 1.00 -11.22
CA ASP A 100 -6.08 1.17 -9.82
C ASP A 100 -4.57 1.29 -9.64
N VAL A 101 -3.86 0.23 -9.96
CA VAL A 101 -2.40 0.21 -9.84
C VAL A 101 -1.79 1.46 -10.44
N ASP A 102 -2.01 1.67 -11.74
CA ASP A 102 -1.47 2.83 -12.42
C ASP A 102 -1.70 4.10 -11.61
N SER A 103 -2.95 4.33 -11.23
CA SER A 103 -3.31 5.51 -10.45
C SER A 103 -2.56 5.54 -9.12
N TRP A 104 -2.40 4.36 -8.53
CA TRP A 104 -1.70 4.25 -7.25
C TRP A 104 -0.24 4.67 -7.39
N LYS A 105 0.52 3.89 -8.16
CA LYS A 105 1.94 4.19 -8.38
C LYS A 105 2.15 5.67 -8.66
N ALA A 106 1.23 6.27 -9.41
CA ALA A 106 1.31 7.69 -9.74
C ALA A 106 1.03 8.55 -8.51
N SER A 107 0.04 8.16 -7.74
CA SER A 107 -0.33 8.91 -6.54
C SER A 107 0.84 8.99 -5.56
N PHE A 108 1.61 7.91 -5.49
CA PHE A 108 2.76 7.85 -4.60
C PHE A 108 3.77 8.94 -4.94
N LEU A 109 4.09 9.06 -6.22
CA LEU A 109 5.04 10.07 -6.68
C LEU A 109 4.82 11.40 -5.96
N ARG A 110 3.60 11.90 -6.02
CA ARG A 110 3.25 13.16 -5.38
C ARG A 110 3.77 13.19 -3.95
N ALA A 111 3.77 12.04 -3.29
CA ALA A 111 4.24 11.94 -1.92
C ALA A 111 5.78 11.98 -1.86
N GLY A 112 6.41 11.55 -2.95
CA GLY A 112 7.86 11.55 -2.99
C GLY A 112 8.44 10.15 -2.82
N VAL A 113 7.79 9.17 -3.43
CA VAL A 113 8.25 7.78 -3.35
C VAL A 113 9.57 7.59 -4.09
N GLY A 1 -7.87 23.22 -6.66
CA GLY A 1 -7.61 22.10 -7.55
C GLY A 1 -6.36 21.33 -7.15
N SER A 2 -5.21 21.82 -7.60
CA SER A 2 -3.95 21.16 -7.30
C SER A 2 -3.31 21.76 -6.05
N SER A 3 -3.26 23.09 -5.98
CA SER A 3 -2.68 23.78 -4.84
C SER A 3 -3.74 24.57 -4.09
N GLY A 4 -4.13 24.05 -2.92
CA GLY A 4 -5.14 24.72 -2.12
C GLY A 4 -5.74 23.80 -1.07
N SER A 5 -6.48 22.79 -1.53
CA SER A 5 -7.12 21.84 -0.63
C SER A 5 -6.26 20.60 -0.44
N SER A 6 -5.50 20.58 0.65
CA SER A 6 -4.62 19.46 0.95
C SER A 6 -5.26 18.52 1.98
N GLY A 7 -4.85 17.26 1.96
CA GLY A 7 -5.40 16.28 2.89
C GLY A 7 -4.95 14.87 2.57
N VAL A 8 -5.36 14.37 1.42
CA VAL A 8 -5.01 13.02 0.99
C VAL A 8 -4.58 13.00 -0.46
N ILE A 9 -3.70 12.05 -0.80
CA ILE A 9 -3.22 11.92 -2.17
C ILE A 9 -3.96 10.82 -2.92
N ARG A 10 -4.48 9.86 -2.17
CA ARG A 10 -5.23 8.75 -2.76
C ARG A 10 -5.86 7.88 -1.68
N ARG A 11 -7.03 7.32 -1.98
CA ARG A 11 -7.74 6.46 -1.03
C ARG A 11 -8.47 5.34 -1.76
N GLY A 12 -8.70 4.23 -1.05
CA GLY A 12 -9.39 3.11 -1.65
C GLY A 12 -9.22 1.84 -0.85
N TRP A 13 -9.87 0.76 -1.29
CA TRP A 13 -9.78 -0.53 -0.61
C TRP A 13 -8.81 -1.46 -1.32
N LEU A 14 -7.73 -1.82 -0.64
CA LEU A 14 -6.72 -2.71 -1.22
C LEU A 14 -6.63 -4.00 -0.43
N THR A 15 -6.15 -5.06 -1.09
CA THR A 15 -6.02 -6.36 -0.44
C THR A 15 -4.56 -6.77 -0.35
N ILE A 16 -4.08 -6.96 0.88
CA ILE A 16 -2.70 -7.35 1.11
C ILE A 16 -2.47 -8.81 0.71
N ASN A 17 -1.71 -9.01 -0.36
CA ASN A 17 -1.41 -10.36 -0.84
C ASN A 17 -0.52 -11.11 0.14
N ASN A 18 0.39 -10.37 0.77
CA ASN A 18 1.32 -10.97 1.74
C ASN A 18 1.14 -10.34 3.11
N ILE A 19 0.27 -10.93 3.93
CA ILE A 19 0.02 -10.42 5.27
C ILE A 19 0.21 -11.52 6.32
N SER A 20 0.52 -11.11 7.54
CA SER A 20 0.72 -12.05 8.63
C SER A 20 -0.60 -12.61 9.14
N LEU A 21 -1.44 -13.07 8.22
CA LEU A 21 -2.74 -13.62 8.57
C LEU A 21 -3.34 -12.88 9.77
N MET A 22 -3.15 -11.57 9.79
CA MET A 22 -3.68 -10.74 10.87
C MET A 22 -5.12 -11.14 11.20
N LYS A 23 -5.44 -11.17 12.49
CA LYS A 23 -6.77 -11.53 12.94
C LYS A 23 -7.83 -10.67 12.25
N GLY A 24 -8.83 -11.32 11.67
CA GLY A 24 -9.89 -10.60 10.99
C GLY A 24 -10.39 -11.33 9.76
N GLY A 25 -11.53 -10.89 9.23
CA GLY A 25 -12.09 -11.52 8.05
C GLY A 25 -11.20 -11.35 6.82
N SER A 26 -11.82 -11.07 5.69
CA SER A 26 -11.09 -10.89 4.44
C SER A 26 -9.83 -10.06 4.66
N LYS A 27 -8.84 -10.25 3.81
CA LYS A 27 -7.58 -9.51 3.90
C LYS A 27 -7.69 -8.15 3.21
N GLU A 28 -8.84 -7.50 3.39
CA GLU A 28 -9.07 -6.19 2.78
C GLU A 28 -8.96 -5.08 3.81
N TYR A 29 -8.33 -3.98 3.44
CA TYR A 29 -8.15 -2.84 4.34
C TYR A 29 -8.35 -1.52 3.59
N TRP A 30 -8.48 -0.44 4.35
CA TRP A 30 -8.67 0.88 3.77
C TRP A 30 -7.36 1.66 3.76
N PHE A 31 -6.64 1.61 2.65
CA PHE A 31 -5.37 2.32 2.52
C PHE A 31 -5.60 3.81 2.25
N VAL A 32 -4.86 4.66 2.95
CA VAL A 32 -4.97 6.10 2.79
C VAL A 32 -3.61 6.74 2.59
N LEU A 33 -3.20 6.89 1.33
CA LEU A 33 -1.92 7.49 1.00
C LEU A 33 -2.00 9.01 1.04
N THR A 34 -1.18 9.61 1.90
CA THR A 34 -1.16 11.07 2.03
C THR A 34 0.26 11.61 1.96
N ALA A 35 0.39 12.93 1.99
CA ALA A 35 1.69 13.58 1.92
C ALA A 35 2.53 13.24 3.15
N GLU A 36 1.86 12.93 4.25
CA GLU A 36 2.54 12.59 5.50
C GLU A 36 3.02 11.14 5.48
N SER A 37 2.07 10.21 5.50
CA SER A 37 2.41 8.79 5.48
C SER A 37 1.23 7.96 4.96
N LEU A 38 1.47 6.67 4.77
CA LEU A 38 0.43 5.77 4.27
C LEU A 38 -0.07 4.85 5.39
N SER A 39 -1.34 5.01 5.76
CA SER A 39 -1.93 4.20 6.81
C SER A 39 -3.11 3.39 6.28
N TRP A 40 -3.42 2.29 6.96
CA TRP A 40 -4.52 1.43 6.54
C TRP A 40 -5.40 1.06 7.74
N TYR A 41 -6.70 1.20 7.58
CA TYR A 41 -7.65 0.88 8.64
C TYR A 41 -8.70 -0.10 8.15
N LYS A 42 -9.20 -0.92 9.08
CA LYS A 42 -10.22 -1.91 8.75
C LYS A 42 -11.19 -1.38 7.69
N ASP A 43 -11.79 -0.23 7.98
CA ASP A 43 -12.72 0.39 7.04
C ASP A 43 -12.30 1.81 6.70
N GLU A 44 -13.10 2.49 5.88
CA GLU A 44 -12.80 3.86 5.48
C GLU A 44 -13.33 4.85 6.51
N GLU A 45 -13.35 4.43 7.77
CA GLU A 45 -13.84 5.30 8.85
C GLU A 45 -12.67 5.92 9.61
N GLU A 46 -11.51 5.27 9.54
CA GLU A 46 -10.32 5.76 10.23
C GLU A 46 -10.57 5.87 11.73
N LYS A 47 -11.11 4.81 12.31
CA LYS A 47 -11.40 4.78 13.74
C LYS A 47 -10.31 4.02 14.50
N GLU A 48 -9.76 2.98 13.87
CA GLU A 48 -8.72 2.18 14.49
C GLU A 48 -7.56 1.96 13.52
N LYS A 49 -6.46 2.67 13.76
CA LYS A 49 -5.28 2.56 12.92
C LYS A 49 -4.53 1.25 13.19
N LYS A 50 -4.27 0.50 12.13
CA LYS A 50 -3.56 -0.77 12.26
C LYS A 50 -2.06 -0.54 12.41
N TYR A 51 -1.46 0.13 11.43
CA TYR A 51 -0.03 0.41 11.46
C TYR A 51 0.34 1.41 10.38
N MET A 52 0.85 2.58 10.81
CA MET A 52 1.25 3.62 9.87
C MET A 52 2.59 3.30 9.24
N LEU A 53 2.83 3.83 8.04
CA LEU A 53 4.07 3.60 7.33
C LEU A 53 4.48 4.83 6.52
N PRO A 54 5.76 5.20 6.62
CA PRO A 54 6.31 6.36 5.90
C PRO A 54 6.39 6.13 4.39
N LEU A 55 6.66 7.19 3.66
CA LEU A 55 6.77 7.11 2.20
C LEU A 55 8.10 7.65 1.71
N ASP A 56 9.11 7.59 2.58
CA ASP A 56 10.44 8.09 2.23
C ASP A 56 11.42 6.93 2.06
N ASN A 57 11.33 5.96 2.97
CA ASN A 57 12.22 4.80 2.92
C ASN A 57 11.53 3.60 2.25
N LEU A 58 10.49 3.89 1.48
CA LEU A 58 9.75 2.86 0.79
C LEU A 58 9.95 2.96 -0.73
N LYS A 59 9.71 1.85 -1.42
CA LYS A 59 9.86 1.81 -2.88
C LYS A 59 8.98 0.72 -3.48
N ILE A 60 8.77 0.81 -4.79
CA ILE A 60 7.95 -0.16 -5.50
C ILE A 60 8.74 -0.84 -6.62
N ARG A 61 8.53 -2.14 -6.77
CA ARG A 61 9.22 -2.91 -7.80
C ARG A 61 8.29 -3.94 -8.43
N ASP A 62 8.43 -4.14 -9.73
CA ASP A 62 7.61 -5.11 -10.45
C ASP A 62 7.82 -6.52 -9.92
N VAL A 63 6.74 -7.24 -9.71
CA VAL A 63 6.81 -8.61 -9.20
C VAL A 63 6.74 -9.63 -10.33
N GLU A 64 7.62 -10.62 -10.28
CA GLU A 64 7.67 -11.65 -11.31
C GLU A 64 7.43 -13.03 -10.69
N LYS A 65 6.37 -13.70 -11.15
CA LYS A 65 6.04 -15.03 -10.65
C LYS A 65 6.17 -16.07 -11.76
N GLY A 66 6.90 -17.14 -11.48
CA GLY A 66 7.09 -18.20 -12.46
C GLY A 66 5.78 -18.73 -12.98
N PHE A 67 4.90 -19.14 -12.08
CA PHE A 67 3.60 -19.68 -12.46
C PHE A 67 2.91 -18.77 -13.46
N MET A 68 1.84 -19.28 -14.07
CA MET A 68 1.08 -18.51 -15.05
C MET A 68 0.94 -17.05 -14.61
N SER A 69 0.80 -16.15 -15.59
CA SER A 69 0.66 -14.73 -15.30
C SER A 69 -0.30 -14.50 -14.13
N ASN A 70 -0.14 -13.36 -13.47
CA ASN A 70 -0.99 -13.02 -12.33
C ASN A 70 -1.60 -11.63 -12.49
N LYS A 71 -2.44 -11.24 -11.54
CA LYS A 71 -3.09 -9.94 -11.58
C LYS A 71 -2.08 -8.82 -11.33
N HIS A 72 -2.58 -7.59 -11.25
CA HIS A 72 -1.72 -6.43 -11.00
C HIS A 72 -1.41 -6.29 -9.52
N VAL A 73 -0.18 -6.61 -9.14
CA VAL A 73 0.24 -6.51 -7.75
C VAL A 73 1.63 -5.91 -7.64
N PHE A 74 1.79 -4.97 -6.71
CA PHE A 74 3.08 -4.31 -6.50
C PHE A 74 3.59 -4.54 -5.08
N ALA A 75 4.85 -4.92 -4.95
CA ALA A 75 5.46 -5.17 -3.65
C ALA A 75 6.22 -3.94 -3.16
N ILE A 76 6.04 -3.61 -1.88
CA ILE A 76 6.71 -2.46 -1.29
C ILE A 76 7.82 -2.91 -0.34
N PHE A 77 9.06 -2.57 -0.70
CA PHE A 77 10.21 -2.94 0.13
C PHE A 77 10.91 -1.69 0.66
N ASN A 78 11.70 -1.87 1.71
CA ASN A 78 12.43 -0.76 2.33
C ASN A 78 13.82 -0.63 1.73
N THR A 79 14.03 0.44 0.95
CA THR A 79 15.31 0.68 0.32
C THR A 79 16.43 0.74 1.35
N GLU A 80 16.16 1.39 2.48
CA GLU A 80 17.15 1.51 3.55
C GLU A 80 17.59 0.14 4.04
N GLN A 81 18.46 0.13 5.04
CA GLN A 81 18.96 -1.11 5.61
C GLN A 81 18.08 -1.58 6.76
N ARG A 82 16.78 -1.44 6.60
CA ARG A 82 15.83 -1.84 7.63
C ARG A 82 14.64 -2.59 7.02
N ASN A 83 13.90 -3.30 7.85
CA ASN A 83 12.75 -4.07 7.40
C ASN A 83 11.54 -3.16 7.18
N VAL A 84 10.40 -3.76 6.84
CA VAL A 84 9.18 -3.02 6.60
C VAL A 84 8.08 -3.42 7.58
N TYR A 85 7.50 -4.60 7.34
CA TYR A 85 6.44 -5.10 8.21
C TYR A 85 7.01 -5.90 9.37
N LYS A 86 6.12 -6.42 10.21
CA LYS A 86 6.54 -7.20 11.36
C LYS A 86 7.56 -8.26 10.97
N ASP A 87 7.15 -9.20 10.12
CA ASP A 87 8.03 -10.27 9.66
C ASP A 87 7.96 -10.41 8.15
N LEU A 88 7.97 -9.28 7.45
CA LEU A 88 7.91 -9.28 5.99
C LEU A 88 8.85 -8.23 5.41
N ARG A 89 9.75 -8.66 4.54
CA ARG A 89 10.71 -7.75 3.90
C ARG A 89 9.99 -6.78 2.97
N GLN A 90 8.87 -7.22 2.41
CA GLN A 90 8.09 -6.39 1.49
C GLN A 90 6.61 -6.72 1.58
N ILE A 91 5.78 -5.69 1.50
CA ILE A 91 4.32 -5.88 1.58
C ILE A 91 3.70 -5.83 0.19
N GLU A 92 3.08 -6.93 -0.20
CA GLU A 92 2.42 -7.02 -1.51
C GLU A 92 1.00 -6.48 -1.45
N LEU A 93 0.56 -5.86 -2.54
CA LEU A 93 -0.78 -5.29 -2.61
C LEU A 93 -1.41 -5.55 -3.98
N ALA A 94 -2.58 -6.18 -3.97
CA ALA A 94 -3.29 -6.49 -5.22
C ALA A 94 -4.39 -5.48 -5.48
N CYS A 95 -4.90 -5.48 -6.71
CA CYS A 95 -5.97 -4.55 -7.08
C CYS A 95 -7.05 -5.28 -7.88
N ASP A 96 -8.10 -4.55 -8.25
CA ASP A 96 -9.20 -5.12 -9.00
C ASP A 96 -8.97 -4.98 -10.50
N SER A 97 -8.35 -3.87 -10.90
CA SER A 97 -8.07 -3.62 -12.30
C SER A 97 -6.87 -2.68 -12.46
N GLN A 98 -6.04 -2.95 -13.46
CA GLN A 98 -4.86 -2.14 -13.72
C GLN A 98 -5.16 -0.67 -13.45
N GLU A 99 -6.37 -0.24 -13.76
CA GLU A 99 -6.78 1.14 -13.57
C GLU A 99 -6.32 1.65 -12.20
N ASP A 100 -6.73 0.95 -11.15
CA ASP A 100 -6.37 1.31 -9.78
C ASP A 100 -4.86 1.45 -9.64
N VAL A 101 -4.14 0.36 -9.88
CA VAL A 101 -2.69 0.36 -9.77
C VAL A 101 -2.08 1.53 -10.54
N ASP A 102 -2.23 1.51 -11.86
CA ASP A 102 -1.71 2.58 -12.70
C ASP A 102 -1.78 3.92 -12.00
N SER A 103 -2.86 4.13 -11.26
CA SER A 103 -3.06 5.39 -10.53
C SER A 103 -2.26 5.39 -9.23
N TRP A 104 -2.40 4.32 -8.46
CA TRP A 104 -1.69 4.19 -7.19
C TRP A 104 -0.22 4.51 -7.36
N LYS A 105 0.36 4.06 -8.46
CA LYS A 105 1.78 4.28 -8.74
C LYS A 105 2.06 5.78 -8.86
N ALA A 106 1.36 6.44 -9.76
CA ALA A 106 1.52 7.87 -9.98
C ALA A 106 1.32 8.65 -8.68
N SER A 107 0.34 8.22 -7.89
CA SER A 107 0.03 8.87 -6.63
C SER A 107 1.21 8.79 -5.66
N PHE A 108 1.90 7.66 -5.68
CA PHE A 108 3.05 7.44 -4.82
C PHE A 108 4.14 8.47 -5.10
N LEU A 109 4.29 8.83 -6.37
CA LEU A 109 5.29 9.81 -6.77
C LEU A 109 5.10 11.13 -6.04
N ARG A 110 3.87 11.64 -6.06
CA ARG A 110 3.56 12.90 -5.40
C ARG A 110 3.98 12.86 -3.93
N ALA A 111 3.89 11.68 -3.33
CA ALA A 111 4.26 11.50 -1.93
C ALA A 111 5.78 11.61 -1.75
N GLY A 112 6.51 11.26 -2.79
CA GLY A 112 7.96 11.31 -2.72
C GLY A 112 8.61 9.99 -3.06
N VAL A 113 7.85 9.08 -3.66
CA VAL A 113 8.35 7.78 -4.03
C VAL A 113 8.61 7.69 -5.54
N GLY A 1 -4.27 27.28 7.51
CA GLY A 1 -5.70 27.56 7.36
C GLY A 1 -6.55 26.57 8.13
N SER A 2 -6.87 25.44 7.50
CA SER A 2 -7.70 24.42 8.13
C SER A 2 -7.36 24.29 9.62
N SER A 3 -8.40 24.21 10.45
CA SER A 3 -8.21 24.09 11.89
C SER A 3 -7.19 23.01 12.21
N GLY A 4 -7.43 21.80 11.71
CA GLY A 4 -6.51 20.70 11.96
C GLY A 4 -5.67 20.36 10.73
N SER A 5 -4.52 19.73 10.97
CA SER A 5 -3.62 19.36 9.90
C SER A 5 -4.15 18.15 9.14
N SER A 6 -4.67 18.39 7.94
CA SER A 6 -5.22 17.31 7.11
C SER A 6 -4.59 17.32 5.72
N GLY A 7 -4.74 16.22 5.00
CA GLY A 7 -4.17 16.12 3.67
C GLY A 7 -4.08 14.68 3.19
N VAL A 8 -4.86 14.35 2.16
CA VAL A 8 -4.86 13.00 1.61
C VAL A 8 -4.64 13.03 0.09
N ILE A 9 -3.81 12.12 -0.39
CA ILE A 9 -3.52 12.04 -1.82
C ILE A 9 -4.48 11.09 -2.53
N ARG A 10 -4.63 9.89 -1.98
CA ARG A 10 -5.52 8.90 -2.56
C ARG A 10 -6.07 7.96 -1.47
N ARG A 11 -7.13 7.24 -1.82
CA ARG A 11 -7.75 6.31 -0.87
C ARG A 11 -8.55 5.24 -1.61
N GLY A 12 -8.67 4.07 -0.99
CA GLY A 12 -9.41 2.98 -1.61
C GLY A 12 -9.25 1.68 -0.84
N TRP A 13 -10.12 0.72 -1.13
CA TRP A 13 -10.08 -0.58 -0.46
C TRP A 13 -9.16 -1.55 -1.19
N LEU A 14 -8.01 -1.83 -0.60
CA LEU A 14 -7.04 -2.75 -1.20
C LEU A 14 -7.04 -4.09 -0.48
N THR A 15 -6.21 -5.01 -0.97
CA THR A 15 -6.10 -6.34 -0.38
C THR A 15 -4.67 -6.85 -0.40
N ILE A 16 -4.15 -7.20 0.76
CA ILE A 16 -2.79 -7.70 0.87
C ILE A 16 -2.72 -9.18 0.48
N ASN A 17 -1.85 -9.49 -0.47
CA ASN A 17 -1.69 -10.87 -0.92
C ASN A 17 -0.53 -11.56 -0.19
N ASN A 18 0.16 -10.79 0.65
CA ASN A 18 1.28 -11.32 1.42
C ASN A 18 1.04 -11.16 2.91
N ILE A 19 -0.16 -11.51 3.35
CA ILE A 19 -0.51 -11.40 4.77
C ILE A 19 -1.03 -12.73 5.31
N SER A 20 -0.41 -13.82 4.85
CA SER A 20 -0.81 -15.16 5.28
C SER A 20 -0.24 -15.47 6.67
N LEU A 21 -0.55 -14.60 7.63
CA LEU A 21 -0.08 -14.78 8.99
C LEU A 21 -0.85 -15.89 9.71
N MET A 22 -2.18 -15.86 9.56
CA MET A 22 -3.03 -16.87 10.19
C MET A 22 -3.96 -17.50 9.15
N LYS A 23 -4.63 -18.57 9.55
CA LYS A 23 -5.55 -19.27 8.66
C LYS A 23 -6.91 -18.58 8.63
N GLY A 24 -6.89 -17.27 8.43
CA GLY A 24 -8.12 -16.50 8.37
C GLY A 24 -7.93 -15.05 8.75
N GLY A 25 -8.45 -14.14 7.92
CA GLY A 25 -8.31 -12.72 8.19
C GLY A 25 -8.78 -11.87 7.02
N SER A 26 -9.32 -10.70 7.34
CA SER A 26 -9.82 -9.79 6.32
C SER A 26 -8.66 -9.17 5.53
N LYS A 27 -8.08 -9.95 4.63
CA LYS A 27 -6.97 -9.48 3.81
C LYS A 27 -7.25 -8.09 3.27
N GLU A 28 -8.52 -7.72 3.21
CA GLU A 28 -8.92 -6.41 2.71
C GLU A 28 -8.63 -5.33 3.74
N TYR A 29 -8.01 -4.24 3.30
CA TYR A 29 -7.68 -3.12 4.18
C TYR A 29 -7.92 -1.79 3.49
N TRP A 30 -8.14 -0.75 4.29
CA TRP A 30 -8.39 0.59 3.76
C TRP A 30 -7.12 1.43 3.78
N PHE A 31 -6.37 1.41 2.68
CA PHE A 31 -5.13 2.17 2.59
C PHE A 31 -5.42 3.65 2.31
N VAL A 32 -4.68 4.52 2.98
CA VAL A 32 -4.86 5.95 2.80
C VAL A 32 -3.52 6.65 2.59
N LEU A 33 -3.03 6.62 1.35
CA LEU A 33 -1.76 7.25 1.01
C LEU A 33 -1.87 8.78 1.06
N THR A 34 -1.29 9.38 2.10
CA THR A 34 -1.32 10.82 2.26
C THR A 34 0.06 11.43 2.03
N ALA A 35 0.12 12.77 2.03
CA ALA A 35 1.37 13.47 1.82
C ALA A 35 2.32 13.26 2.99
N GLU A 36 1.75 12.98 4.16
CA GLU A 36 2.55 12.77 5.37
C GLU A 36 3.08 11.34 5.41
N SER A 37 2.17 10.37 5.35
CA SER A 37 2.55 8.96 5.38
C SER A 37 1.45 8.09 4.80
N LEU A 38 1.68 6.78 4.77
CA LEU A 38 0.70 5.84 4.23
C LEU A 38 0.26 4.85 5.30
N SER A 39 -1.02 4.93 5.68
CA SER A 39 -1.56 4.04 6.70
C SER A 39 -2.80 3.32 6.17
N TRP A 40 -3.06 2.13 6.72
CA TRP A 40 -4.21 1.34 6.30
C TRP A 40 -5.12 1.03 7.49
N TYR A 41 -6.38 1.42 7.39
CA TYR A 41 -7.34 1.18 8.45
C TYR A 41 -8.28 0.03 8.10
N LYS A 42 -9.24 -0.23 8.98
CA LYS A 42 -10.21 -1.30 8.75
C LYS A 42 -11.57 -0.74 8.33
N ASP A 43 -11.57 0.52 7.90
CA ASP A 43 -12.79 1.18 7.46
C ASP A 43 -12.49 2.55 6.86
N GLU A 44 -13.43 3.06 6.07
CA GLU A 44 -13.26 4.36 5.43
C GLU A 44 -13.13 5.46 6.46
N GLU A 45 -13.77 5.27 7.61
CA GLU A 45 -13.73 6.25 8.69
C GLU A 45 -12.32 6.37 9.26
N GLU A 46 -11.56 5.27 9.19
CA GLU A 46 -10.20 5.24 9.71
C GLU A 46 -10.19 5.46 11.22
N LYS A 47 -11.14 4.84 11.91
CA LYS A 47 -11.23 4.96 13.36
C LYS A 47 -10.07 4.25 14.04
N GLU A 48 -9.95 2.95 13.81
CA GLU A 48 -8.88 2.15 14.40
C GLU A 48 -7.73 1.97 13.42
N LYS A 49 -6.59 2.58 13.73
CA LYS A 49 -5.41 2.47 12.87
C LYS A 49 -4.62 1.21 13.18
N LYS A 50 -4.31 0.44 12.14
CA LYS A 50 -3.56 -0.80 12.30
C LYS A 50 -2.07 -0.51 12.43
N TYR A 51 -1.45 -0.08 11.34
CA TYR A 51 -0.03 0.23 11.34
C TYR A 51 0.28 1.33 10.33
N MET A 52 1.05 2.33 10.78
CA MET A 52 1.43 3.45 9.92
C MET A 52 2.80 3.22 9.30
N LEU A 53 3.02 3.78 8.12
CA LEU A 53 4.29 3.64 7.43
C LEU A 53 4.63 4.90 6.64
N PRO A 54 5.87 5.38 6.78
CA PRO A 54 6.35 6.58 6.09
C PRO A 54 6.51 6.36 4.58
N LEU A 55 6.89 7.42 3.88
CA LEU A 55 7.08 7.34 2.43
C LEU A 55 8.47 7.82 2.04
N ASP A 56 9.43 7.63 2.94
CA ASP A 56 10.80 8.04 2.68
C ASP A 56 11.74 6.84 2.71
N ASN A 57 11.41 5.85 3.54
CA ASN A 57 12.21 4.65 3.66
C ASN A 57 11.54 3.46 2.97
N LEU A 58 10.79 3.75 1.91
CA LEU A 58 10.09 2.72 1.16
C LEU A 58 10.36 2.84 -0.33
N LYS A 59 10.02 1.80 -1.08
CA LYS A 59 10.22 1.80 -2.53
C LYS A 59 9.32 0.77 -3.20
N ILE A 60 9.03 1.00 -4.48
CA ILE A 60 8.17 0.10 -5.24
C ILE A 60 8.96 -0.61 -6.34
N ARG A 61 8.75 -1.92 -6.46
CA ARG A 61 9.45 -2.70 -7.47
C ARG A 61 8.51 -3.74 -8.08
N ASP A 62 8.95 -4.37 -9.16
CA ASP A 62 8.15 -5.38 -9.84
C ASP A 62 8.21 -6.72 -9.09
N VAL A 63 7.05 -7.30 -8.85
CA VAL A 63 6.95 -8.57 -8.14
C VAL A 63 7.43 -9.73 -9.02
N GLU A 64 8.30 -10.56 -8.46
CA GLU A 64 8.82 -11.70 -9.20
C GLU A 64 8.16 -13.00 -8.73
N LYS A 65 6.84 -12.98 -8.61
CA LYS A 65 6.09 -14.16 -8.17
C LYS A 65 5.37 -14.80 -9.34
N GLY A 66 4.58 -14.02 -10.06
CA GLY A 66 3.84 -14.54 -11.20
C GLY A 66 3.36 -13.45 -12.13
N PHE A 67 3.97 -13.36 -13.31
CA PHE A 67 3.60 -12.35 -14.29
C PHE A 67 2.39 -12.79 -15.09
N MET A 68 2.40 -14.04 -15.55
CA MET A 68 1.28 -14.58 -16.32
C MET A 68 0.24 -15.21 -15.41
N SER A 69 -1.03 -15.08 -15.79
CA SER A 69 -2.12 -15.63 -15.00
C SER A 69 -2.16 -15.00 -13.61
N ASN A 70 -1.87 -13.71 -13.54
CA ASN A 70 -1.87 -12.99 -12.27
C ASN A 70 -2.40 -11.57 -12.46
N LYS A 71 -3.02 -11.03 -11.41
CA LYS A 71 -3.57 -9.69 -11.44
C LYS A 71 -2.48 -8.64 -11.21
N HIS A 72 -2.88 -7.38 -11.15
CA HIS A 72 -1.93 -6.29 -10.94
C HIS A 72 -1.61 -6.14 -9.46
N VAL A 73 -0.47 -6.69 -9.05
CA VAL A 73 -0.05 -6.62 -7.65
C VAL A 73 1.38 -6.11 -7.53
N PHE A 74 1.56 -5.06 -6.74
CA PHE A 74 2.89 -4.48 -6.53
C PHE A 74 3.37 -4.69 -5.10
N ALA A 75 4.68 -4.87 -4.95
CA ALA A 75 5.26 -5.09 -3.63
C ALA A 75 6.07 -3.87 -3.18
N ILE A 76 5.93 -3.51 -1.92
CA ILE A 76 6.64 -2.36 -1.36
C ILE A 76 7.64 -2.79 -0.30
N PHE A 77 8.90 -2.46 -0.49
CA PHE A 77 9.95 -2.81 0.45
C PHE A 77 10.57 -1.56 1.07
N ASN A 78 11.26 -1.75 2.19
CA ASN A 78 11.90 -0.63 2.89
C ASN A 78 13.33 -0.44 2.40
N THR A 79 13.56 0.67 1.70
CA THR A 79 14.89 0.98 1.19
C THR A 79 15.97 0.74 2.24
N GLU A 80 15.61 0.97 3.50
CA GLU A 80 16.54 0.79 4.61
C GLU A 80 16.57 -0.67 5.06
N GLN A 81 16.48 -1.59 4.09
CA GLN A 81 16.49 -3.01 4.40
C GLN A 81 15.74 -3.31 5.69
N ARG A 82 14.74 -2.49 5.99
CA ARG A 82 13.96 -2.65 7.21
C ARG A 82 12.67 -3.43 6.92
N ASN A 83 12.08 -4.01 7.96
CA ASN A 83 10.85 -4.77 7.81
C ASN A 83 9.66 -3.85 7.61
N VAL A 84 9.03 -3.97 6.44
CA VAL A 84 7.87 -3.14 6.11
C VAL A 84 6.72 -3.40 7.08
N TYR A 85 6.23 -4.63 7.08
CA TYR A 85 5.12 -5.01 7.95
C TYR A 85 5.63 -5.78 9.17
N LYS A 86 4.71 -6.17 10.04
CA LYS A 86 5.06 -6.91 11.24
C LYS A 86 6.13 -7.96 10.94
N ASP A 87 5.78 -8.93 10.11
CA ASP A 87 6.72 -9.99 9.73
C ASP A 87 6.73 -10.20 8.22
N LEU A 88 6.72 -9.10 7.47
CA LEU A 88 6.73 -9.17 6.02
C LEU A 88 7.76 -8.21 5.43
N ARG A 89 8.62 -8.73 4.56
CA ARG A 89 9.65 -7.92 3.93
C ARG A 89 9.04 -6.94 2.94
N GLN A 90 7.95 -7.35 2.29
CA GLN A 90 7.27 -6.50 1.32
C GLN A 90 5.78 -6.79 1.30
N ILE A 91 4.98 -5.76 1.55
CA ILE A 91 3.52 -5.90 1.56
C ILE A 91 2.96 -5.90 0.14
N GLU A 92 2.57 -7.08 -0.34
CA GLU A 92 2.01 -7.20 -1.68
C GLU A 92 0.57 -6.73 -1.72
N LEU A 93 0.32 -5.67 -2.48
CA LEU A 93 -1.03 -5.13 -2.61
C LEU A 93 -1.63 -5.44 -3.98
N ALA A 94 -2.80 -6.06 -3.98
CA ALA A 94 -3.47 -6.41 -5.23
C ALA A 94 -4.60 -5.43 -5.52
N CYS A 95 -4.80 -5.15 -6.81
CA CYS A 95 -5.85 -4.23 -7.24
C CYS A 95 -6.80 -4.90 -8.22
N ASP A 96 -7.94 -4.26 -8.46
CA ASP A 96 -8.93 -4.81 -9.39
C ASP A 96 -8.35 -4.92 -10.80
N SER A 97 -7.88 -3.79 -11.33
CA SER A 97 -7.31 -3.76 -12.67
C SER A 97 -6.26 -2.66 -12.79
N GLN A 98 -5.48 -2.72 -13.87
CA GLN A 98 -4.43 -1.73 -14.09
C GLN A 98 -4.91 -0.33 -13.73
N GLU A 99 -6.10 0.02 -14.21
CA GLU A 99 -6.68 1.33 -13.93
C GLU A 99 -6.38 1.76 -12.49
N ASP A 100 -6.63 0.86 -11.55
CA ASP A 100 -6.41 1.15 -10.14
C ASP A 100 -4.91 1.30 -9.86
N VAL A 101 -4.14 0.27 -10.20
CA VAL A 101 -2.70 0.29 -9.99
C VAL A 101 -2.08 1.59 -10.51
N ASP A 102 -2.18 1.80 -11.81
CA ASP A 102 -1.64 3.00 -12.43
C ASP A 102 -1.78 4.20 -11.51
N SER A 103 -3.00 4.47 -11.08
CA SER A 103 -3.27 5.59 -10.19
C SER A 103 -2.48 5.47 -8.90
N TRP A 104 -2.55 4.30 -8.27
CA TRP A 104 -1.83 4.05 -7.03
C TRP A 104 -0.35 4.36 -7.17
N LYS A 105 0.22 3.96 -8.32
CA LYS A 105 1.63 4.18 -8.58
C LYS A 105 1.90 5.67 -8.82
N ALA A 106 1.25 6.23 -9.83
CA ALA A 106 1.41 7.64 -10.17
C ALA A 106 1.28 8.52 -8.93
N SER A 107 0.32 8.17 -8.07
CA SER A 107 0.08 8.93 -6.85
C SER A 107 1.31 8.92 -5.95
N PHE A 108 1.85 7.72 -5.72
CA PHE A 108 3.03 7.56 -4.89
C PHE A 108 4.11 8.57 -5.26
N LEU A 109 4.33 8.73 -6.56
CA LEU A 109 5.34 9.66 -7.06
C LEU A 109 5.07 11.08 -6.54
N ARG A 110 3.80 11.46 -6.52
CA ARG A 110 3.41 12.79 -6.05
C ARG A 110 3.87 13.01 -4.61
N ALA A 111 3.78 11.96 -3.80
CA ALA A 111 4.18 12.03 -2.40
C ALA A 111 5.70 12.14 -2.28
N GLY A 112 6.42 11.52 -3.20
CA GLY A 112 7.88 11.56 -3.17
C GLY A 112 8.49 10.19 -3.24
N VAL A 113 7.84 9.27 -3.97
CA VAL A 113 8.34 7.91 -4.11
C VAL A 113 8.78 7.64 -5.54
N GLY A 1 -12.75 10.00 -8.55
CA GLY A 1 -11.88 10.73 -7.66
C GLY A 1 -11.30 11.98 -8.32
N SER A 2 -10.65 12.82 -7.52
CA SER A 2 -10.05 14.05 -8.02
C SER A 2 -9.01 14.58 -7.05
N SER A 3 -7.90 15.09 -7.59
CA SER A 3 -6.83 15.63 -6.77
C SER A 3 -6.96 17.14 -6.64
N GLY A 4 -6.95 17.63 -5.40
CA GLY A 4 -7.06 19.06 -5.16
C GLY A 4 -7.10 19.39 -3.67
N SER A 5 -7.89 18.62 -2.92
CA SER A 5 -8.02 18.85 -1.48
C SER A 5 -6.69 18.59 -0.78
N SER A 6 -5.95 19.67 -0.53
CA SER A 6 -4.66 19.56 0.14
C SER A 6 -4.69 18.50 1.23
N GLY A 7 -3.56 17.83 1.45
CA GLY A 7 -3.49 16.80 2.46
C GLY A 7 -3.42 15.41 1.87
N VAL A 8 -4.49 14.63 2.05
CA VAL A 8 -4.54 13.27 1.53
C VAL A 8 -4.30 13.24 0.02
N ILE A 9 -3.49 12.30 -0.42
CA ILE A 9 -3.17 12.17 -1.84
C ILE A 9 -4.20 11.30 -2.56
N ARG A 10 -4.55 10.18 -1.93
CA ARG A 10 -5.53 9.26 -2.51
C ARG A 10 -6.11 8.34 -1.43
N ARG A 11 -7.03 7.47 -1.84
CA ARG A 11 -7.66 6.54 -0.91
C ARG A 11 -8.36 5.41 -1.67
N GLY A 12 -8.44 4.24 -1.03
CA GLY A 12 -9.08 3.10 -1.66
C GLY A 12 -8.88 1.82 -0.87
N TRP A 13 -9.70 0.82 -1.16
CA TRP A 13 -9.61 -0.47 -0.47
C TRP A 13 -8.64 -1.40 -1.18
N LEU A 14 -7.54 -1.72 -0.52
CA LEU A 14 -6.53 -2.61 -1.10
C LEU A 14 -6.52 -3.95 -0.38
N THR A 15 -5.91 -4.95 -1.01
CA THR A 15 -5.82 -6.29 -0.45
C THR A 15 -4.38 -6.73 -0.30
N ILE A 16 -3.92 -6.87 0.94
CA ILE A 16 -2.56 -7.29 1.21
C ILE A 16 -2.37 -8.78 0.91
N ASN A 17 -2.10 -9.09 -0.35
CA ASN A 17 -1.90 -10.48 -0.77
C ASN A 17 -1.16 -11.27 0.31
N ASN A 18 -0.12 -10.67 0.87
CA ASN A 18 0.67 -11.31 1.93
C ASN A 18 0.55 -10.55 3.24
N ILE A 19 -0.36 -11.02 4.10
CA ILE A 19 -0.56 -10.39 5.39
C ILE A 19 -0.51 -11.42 6.52
N SER A 20 -0.27 -10.94 7.73
CA SER A 20 -0.19 -11.82 8.90
C SER A 20 -1.31 -12.85 8.89
N LEU A 21 -0.95 -14.13 8.80
CA LEU A 21 -1.93 -15.20 8.78
C LEU A 21 -2.31 -15.62 10.19
N MET A 22 -1.35 -15.55 11.10
CA MET A 22 -1.58 -15.93 12.49
C MET A 22 -2.49 -14.92 13.18
N LYS A 23 -2.08 -13.65 13.17
CA LYS A 23 -2.86 -12.58 13.80
C LYS A 23 -3.83 -11.96 12.79
N GLY A 24 -5.00 -11.56 13.28
CA GLY A 24 -5.99 -10.95 12.42
C GLY A 24 -6.73 -11.96 11.58
N GLY A 25 -6.47 -11.97 10.27
CA GLY A 25 -7.12 -12.91 9.38
C GLY A 25 -7.32 -12.34 7.99
N SER A 26 -8.26 -11.41 7.86
CA SER A 26 -8.54 -10.80 6.56
C SER A 26 -7.28 -10.19 5.96
N LYS A 27 -7.38 -9.78 4.69
CA LYS A 27 -6.25 -9.19 4.00
C LYS A 27 -6.63 -7.84 3.40
N GLU A 28 -7.92 -7.52 3.42
CA GLU A 28 -8.41 -6.27 2.89
C GLU A 28 -8.37 -5.16 3.94
N TYR A 29 -8.02 -3.96 3.52
CA TYR A 29 -7.95 -2.82 4.43
C TYR A 29 -8.26 -1.52 3.70
N TRP A 30 -8.24 -0.41 4.44
CA TRP A 30 -8.53 0.90 3.87
C TRP A 30 -7.27 1.74 3.81
N PHE A 31 -6.56 1.67 2.68
CA PHE A 31 -5.33 2.43 2.51
C PHE A 31 -5.64 3.92 2.29
N VAL A 32 -4.98 4.77 3.07
CA VAL A 32 -5.18 6.20 2.97
C VAL A 32 -3.85 6.93 2.73
N LEU A 33 -3.43 6.95 1.47
CA LEU A 33 -2.17 7.60 1.09
C LEU A 33 -2.26 9.10 1.35
N THR A 34 -1.50 9.57 2.33
CA THR A 34 -1.48 10.99 2.68
C THR A 34 -0.09 11.57 2.53
N ALA A 35 -0.02 12.87 2.20
CA ALA A 35 1.26 13.54 2.03
C ALA A 35 2.20 13.22 3.18
N GLU A 36 1.64 12.89 4.34
CA GLU A 36 2.43 12.57 5.52
C GLU A 36 2.95 11.13 5.45
N SER A 37 2.03 10.18 5.46
CA SER A 37 2.39 8.77 5.40
C SER A 37 1.21 7.93 4.92
N LEU A 38 1.45 6.63 4.75
CA LEU A 38 0.42 5.71 4.29
C LEU A 38 -0.12 4.88 5.44
N SER A 39 -1.42 5.03 5.73
CA SER A 39 -2.06 4.30 6.82
C SER A 39 -3.20 3.44 6.29
N TRP A 40 -3.36 2.26 6.88
CA TRP A 40 -4.42 1.34 6.47
C TRP A 40 -5.29 0.95 7.65
N TYR A 41 -6.56 1.36 7.61
CA TYR A 41 -7.49 1.06 8.69
C TYR A 41 -8.48 -0.02 8.26
N LYS A 42 -9.43 -0.33 9.15
CA LYS A 42 -10.43 -1.34 8.86
C LYS A 42 -11.45 -0.83 7.85
N ASP A 43 -11.95 0.38 8.08
CA ASP A 43 -12.94 0.98 7.19
C ASP A 43 -12.55 2.42 6.86
N GLU A 44 -13.41 3.09 6.10
CA GLU A 44 -13.16 4.48 5.71
C GLU A 44 -13.55 5.44 6.83
N GLU A 45 -13.14 5.10 8.05
CA GLU A 45 -13.45 5.93 9.21
C GLU A 45 -12.17 6.51 9.83
N GLU A 46 -11.15 5.66 9.95
CA GLU A 46 -9.88 6.09 10.52
C GLU A 46 -10.01 6.35 12.01
N LYS A 47 -10.56 5.38 12.73
CA LYS A 47 -10.75 5.52 14.18
C LYS A 47 -9.77 4.61 14.93
N GLU A 48 -9.41 3.49 14.31
CA GLU A 48 -8.48 2.54 14.93
C GLU A 48 -7.34 2.21 13.98
N LYS A 49 -6.37 3.12 13.89
CA LYS A 49 -5.22 2.91 13.02
C LYS A 49 -4.56 1.57 13.30
N LYS A 50 -4.49 0.73 12.27
CA LYS A 50 -3.88 -0.59 12.40
C LYS A 50 -2.35 -0.47 12.43
N TYR A 51 -1.80 0.34 11.54
CA TYR A 51 -0.35 0.53 11.48
C TYR A 51 0.00 1.61 10.46
N MET A 52 0.92 2.49 10.85
CA MET A 52 1.35 3.58 9.97
C MET A 52 2.65 3.21 9.26
N LEU A 53 2.84 3.76 8.06
CA LEU A 53 4.04 3.49 7.27
C LEU A 53 4.44 4.71 6.45
N PRO A 54 5.73 5.08 6.53
CA PRO A 54 6.26 6.23 5.79
C PRO A 54 6.31 5.99 4.29
N LEU A 55 6.57 7.05 3.53
CA LEU A 55 6.65 6.95 2.07
C LEU A 55 8.00 7.44 1.56
N ASP A 56 8.99 7.44 2.44
CA ASP A 56 10.34 7.88 2.08
C ASP A 56 11.30 6.70 2.04
N ASN A 57 11.03 5.69 2.84
CA ASN A 57 11.88 4.50 2.90
C ASN A 57 11.20 3.31 2.23
N LEU A 58 10.41 3.60 1.19
CA LEU A 58 9.71 2.55 0.46
C LEU A 58 10.00 2.64 -1.03
N LYS A 59 9.55 1.63 -1.78
CA LYS A 59 9.76 1.59 -3.22
C LYS A 59 8.90 0.51 -3.87
N ILE A 60 8.42 0.80 -5.07
CA ILE A 60 7.58 -0.15 -5.80
C ILE A 60 8.38 -0.88 -6.88
N ARG A 61 8.18 -2.19 -6.97
CA ARG A 61 8.89 -2.99 -7.96
C ARG A 61 8.01 -4.15 -8.42
N ASP A 62 8.33 -4.69 -9.61
CA ASP A 62 7.58 -5.80 -10.17
C ASP A 62 7.97 -7.11 -9.50
N VAL A 63 7.06 -7.66 -8.70
CA VAL A 63 7.32 -8.92 -8.01
C VAL A 63 7.26 -10.11 -8.97
N GLU A 64 8.23 -11.01 -8.84
CA GLU A 64 8.28 -12.18 -9.70
C GLU A 64 6.89 -12.74 -9.96
N LYS A 65 6.62 -13.08 -11.22
CA LYS A 65 5.32 -13.62 -11.60
C LYS A 65 5.35 -15.15 -11.61
N GLY A 66 4.18 -15.76 -11.80
CA GLY A 66 4.10 -17.21 -11.83
C GLY A 66 4.35 -17.77 -13.21
N PHE A 67 3.57 -18.78 -13.60
CA PHE A 67 3.71 -19.40 -14.91
C PHE A 67 2.62 -18.92 -15.86
N MET A 68 1.39 -18.85 -15.35
CA MET A 68 0.26 -18.40 -16.17
C MET A 68 -0.10 -16.95 -15.86
N SER A 69 -1.08 -16.42 -16.58
CA SER A 69 -1.50 -15.05 -16.37
C SER A 69 -1.63 -14.72 -14.90
N ASN A 70 -1.08 -13.58 -14.50
CA ASN A 70 -1.13 -13.15 -13.10
C ASN A 70 -1.74 -11.76 -12.98
N LYS A 71 -2.43 -11.52 -11.87
CA LYS A 71 -3.07 -10.23 -11.63
C LYS A 71 -2.02 -9.13 -11.45
N HIS A 72 -2.49 -7.89 -11.33
CA HIS A 72 -1.59 -6.75 -11.16
C HIS A 72 -1.34 -6.48 -9.68
N VAL A 73 -0.20 -6.96 -9.18
CA VAL A 73 0.17 -6.78 -7.78
C VAL A 73 1.61 -6.33 -7.65
N PHE A 74 1.82 -5.22 -6.94
CA PHE A 74 3.17 -4.70 -6.74
C PHE A 74 3.59 -4.82 -5.27
N ALA A 75 4.86 -5.17 -5.06
CA ALA A 75 5.39 -5.33 -3.71
C ALA A 75 6.12 -4.07 -3.26
N ILE A 76 6.03 -3.76 -1.97
CA ILE A 76 6.69 -2.59 -1.42
C ILE A 76 7.84 -2.98 -0.50
N PHE A 77 9.06 -2.60 -0.88
CA PHE A 77 10.24 -2.92 -0.10
C PHE A 77 10.89 -1.65 0.43
N ASN A 78 11.80 -1.81 1.39
CA ASN A 78 12.50 -0.67 1.99
C ASN A 78 13.89 -0.51 1.39
N THR A 79 14.10 0.61 0.71
CA THR A 79 15.40 0.89 0.09
C THR A 79 16.53 0.83 1.11
N GLU A 80 16.20 1.19 2.35
CA GLU A 80 17.19 1.18 3.43
C GLU A 80 17.46 -0.24 3.92
N GLN A 81 18.41 -0.38 4.83
CA GLN A 81 18.76 -1.69 5.38
C GLN A 81 17.84 -2.04 6.54
N ARG A 82 16.57 -2.29 6.23
CA ARG A 82 15.59 -2.64 7.26
C ARG A 82 14.41 -3.37 6.65
N ASN A 83 13.44 -3.75 7.48
CA ASN A 83 12.25 -4.46 7.03
C ASN A 83 11.11 -3.49 6.76
N VAL A 84 10.06 -3.98 6.11
CA VAL A 84 8.90 -3.17 5.79
C VAL A 84 7.76 -3.41 6.79
N TYR A 85 7.23 -4.62 6.77
CA TYR A 85 6.14 -4.98 7.67
C TYR A 85 6.67 -5.64 8.94
N LYS A 86 5.76 -6.10 9.79
CA LYS A 86 6.13 -6.75 11.04
C LYS A 86 6.97 -8.00 10.77
N ASP A 87 6.39 -8.96 10.05
CA ASP A 87 7.08 -10.19 9.72
C ASP A 87 7.13 -10.41 8.22
N LEU A 88 7.20 -9.31 7.47
CA LEU A 88 7.24 -9.38 6.01
C LEU A 88 8.22 -8.36 5.45
N ARG A 89 9.23 -8.84 4.73
CA ARG A 89 10.24 -7.97 4.13
C ARG A 89 9.59 -6.97 3.17
N GLN A 90 8.64 -7.46 2.39
CA GLN A 90 7.94 -6.61 1.42
C GLN A 90 6.44 -6.87 1.45
N ILE A 91 5.66 -5.82 1.24
CA ILE A 91 4.21 -5.92 1.24
C ILE A 91 3.65 -5.96 -0.18
N GLU A 92 2.90 -7.03 -0.48
CA GLU A 92 2.32 -7.18 -1.81
C GLU A 92 0.87 -6.69 -1.82
N LEU A 93 0.61 -5.69 -2.66
CA LEU A 93 -0.73 -5.12 -2.77
C LEU A 93 -1.37 -5.49 -4.10
N ALA A 94 -2.46 -6.25 -4.05
CA ALA A 94 -3.16 -6.67 -5.25
C ALA A 94 -4.26 -5.68 -5.61
N CYS A 95 -4.63 -5.65 -6.89
CA CYS A 95 -5.68 -4.75 -7.36
C CYS A 95 -6.70 -5.51 -8.20
N ASP A 96 -7.70 -4.78 -8.70
CA ASP A 96 -8.74 -5.39 -9.53
C ASP A 96 -8.36 -5.33 -11.01
N SER A 97 -7.57 -4.33 -11.37
CA SER A 97 -7.14 -4.17 -12.75
C SER A 97 -6.00 -3.16 -12.85
N GLN A 98 -5.21 -3.27 -13.91
CA GLN A 98 -4.09 -2.36 -14.13
C GLN A 98 -4.49 -0.92 -13.80
N GLU A 99 -5.69 -0.54 -14.20
CA GLU A 99 -6.18 0.82 -13.95
C GLU A 99 -5.89 1.24 -12.51
N ASP A 100 -6.30 0.41 -11.57
CA ASP A 100 -6.08 0.69 -10.15
C ASP A 100 -4.62 0.99 -9.87
N VAL A 101 -3.77 -0.02 -10.05
CA VAL A 101 -2.34 0.14 -9.81
C VAL A 101 -1.85 1.49 -10.34
N ASP A 102 -1.79 1.62 -11.66
CA ASP A 102 -1.34 2.85 -12.29
C ASP A 102 -1.79 4.08 -11.48
N SER A 103 -3.08 4.11 -11.17
CA SER A 103 -3.63 5.23 -10.41
C SER A 103 -2.85 5.46 -9.12
N TRP A 104 -2.50 4.37 -8.45
CA TRP A 104 -1.74 4.46 -7.20
C TRP A 104 -0.29 4.85 -7.47
N LYS A 105 0.19 4.52 -8.67
CA LYS A 105 1.57 4.85 -9.05
C LYS A 105 1.83 6.34 -8.93
N ALA A 106 0.94 7.14 -9.54
CA ALA A 106 1.07 8.59 -9.50
C ALA A 106 0.94 9.12 -8.07
N SER A 107 0.04 8.52 -7.31
CA SER A 107 -0.19 8.93 -5.93
C SER A 107 1.08 8.76 -5.09
N PHE A 108 1.76 7.62 -5.28
CA PHE A 108 2.97 7.34 -4.55
C PHE A 108 4.08 8.33 -4.91
N LEU A 109 4.19 8.63 -6.20
CA LEU A 109 5.19 9.58 -6.68
C LEU A 109 4.97 10.97 -6.11
N ARG A 110 3.71 11.38 -6.06
CA ARG A 110 3.35 12.70 -5.53
C ARG A 110 4.00 12.91 -4.16
N ALA A 111 3.92 11.90 -3.30
CA ALA A 111 4.50 11.98 -1.96
C ALA A 111 6.01 12.02 -2.02
N GLY A 112 6.59 11.34 -3.01
CA GLY A 112 8.04 11.31 -3.16
C GLY A 112 8.57 9.90 -3.27
N VAL A 113 7.78 9.01 -3.86
CA VAL A 113 8.19 7.62 -4.03
C VAL A 113 8.78 7.38 -5.41
N GLY A 1 -6.37 23.00 1.44
CA GLY A 1 -5.59 23.73 0.47
C GLY A 1 -6.36 24.03 -0.80
N SER A 2 -5.97 25.09 -1.49
CA SER A 2 -6.65 25.49 -2.73
C SER A 2 -6.40 24.47 -3.84
N SER A 3 -5.13 24.29 -4.19
CA SER A 3 -4.76 23.34 -5.24
C SER A 3 -5.64 22.09 -5.18
N GLY A 4 -5.58 21.39 -4.05
CA GLY A 4 -6.37 20.18 -3.89
C GLY A 4 -5.56 19.03 -3.33
N SER A 5 -4.32 18.89 -3.81
CA SER A 5 -3.45 17.81 -3.36
C SER A 5 -3.31 17.84 -1.83
N SER A 6 -3.52 19.01 -1.24
CA SER A 6 -3.41 19.16 0.20
C SER A 6 -4.21 18.10 0.93
N GLY A 7 -3.55 17.36 1.81
CA GLY A 7 -4.22 16.32 2.57
C GLY A 7 -3.96 14.94 2.00
N VAL A 8 -5.03 14.23 1.66
CA VAL A 8 -4.92 12.88 1.11
C VAL A 8 -4.52 12.93 -0.36
N ILE A 9 -3.72 11.96 -0.79
CA ILE A 9 -3.27 11.89 -2.16
C ILE A 9 -4.02 10.81 -2.94
N ARG A 10 -4.18 9.65 -2.31
CA ARG A 10 -4.88 8.52 -2.94
C ARG A 10 -5.50 7.62 -1.88
N ARG A 11 -6.60 6.97 -2.24
CA ARG A 11 -7.29 6.07 -1.32
C ARG A 11 -7.97 4.94 -2.09
N GLY A 12 -8.14 3.80 -1.43
CA GLY A 12 -8.78 2.66 -2.06
C GLY A 12 -8.58 1.37 -1.28
N TRP A 13 -9.51 0.44 -1.44
CA TRP A 13 -9.43 -0.83 -0.74
C TRP A 13 -8.35 -1.73 -1.34
N LEU A 14 -7.33 -2.03 -0.56
CA LEU A 14 -6.23 -2.87 -1.01
C LEU A 14 -6.23 -4.21 -0.29
N THR A 15 -5.78 -5.25 -0.97
CA THR A 15 -5.73 -6.59 -0.39
C THR A 15 -4.28 -7.03 -0.17
N ILE A 16 -3.85 -7.02 1.09
CA ILE A 16 -2.50 -7.42 1.45
C ILE A 16 -2.29 -8.91 1.20
N ASN A 17 -1.76 -9.25 0.02
CA ASN A 17 -1.51 -10.63 -0.33
C ASN A 17 -0.46 -11.25 0.60
N ASN A 18 0.49 -10.44 1.03
CA ASN A 18 1.55 -10.90 1.93
C ASN A 18 0.96 -11.54 3.17
N ILE A 19 0.37 -10.72 4.04
CA ILE A 19 -0.24 -11.21 5.27
C ILE A 19 -1.19 -12.37 4.99
N SER A 20 -0.77 -13.58 5.33
CA SER A 20 -1.59 -14.77 5.11
C SER A 20 -1.90 -15.46 6.44
N LEU A 21 -2.93 -14.98 7.13
CA LEU A 21 -3.32 -15.56 8.41
C LEU A 21 -4.03 -16.90 8.21
N MET A 22 -4.40 -17.53 9.31
CA MET A 22 -5.09 -18.82 9.26
C MET A 22 -6.37 -18.72 8.43
N LYS A 23 -7.08 -19.83 8.31
CA LYS A 23 -8.32 -19.87 7.55
C LYS A 23 -9.10 -18.57 7.71
N GLY A 24 -9.72 -18.11 6.63
CA GLY A 24 -10.48 -16.88 6.67
C GLY A 24 -10.57 -16.20 5.32
N GLY A 25 -9.42 -15.73 4.83
CA GLY A 25 -9.39 -15.05 3.55
C GLY A 25 -9.82 -13.60 3.64
N SER A 26 -9.32 -12.90 4.65
CA SER A 26 -9.67 -11.50 4.86
C SER A 26 -8.41 -10.64 4.97
N LYS A 27 -7.78 -10.38 3.82
CA LYS A 27 -6.57 -9.56 3.78
C LYS A 27 -6.84 -8.21 3.14
N GLU A 28 -8.10 -7.79 3.16
CA GLU A 28 -8.49 -6.51 2.59
C GLU A 28 -8.46 -5.40 3.63
N TYR A 29 -8.03 -4.22 3.22
CA TYR A 29 -7.94 -3.08 4.13
C TYR A 29 -8.13 -1.77 3.37
N TRP A 30 -8.31 -0.69 4.12
CA TRP A 30 -8.49 0.63 3.52
C TRP A 30 -7.21 1.46 3.60
N PHE A 31 -6.41 1.39 2.55
CA PHE A 31 -5.15 2.13 2.50
C PHE A 31 -5.39 3.59 2.16
N VAL A 32 -4.70 4.49 2.87
CA VAL A 32 -4.85 5.92 2.64
C VAL A 32 -3.49 6.60 2.57
N LEU A 33 -3.00 6.81 1.35
CA LEU A 33 -1.71 7.47 1.15
C LEU A 33 -1.83 8.98 1.27
N THR A 34 -1.31 9.52 2.38
CA THR A 34 -1.36 10.96 2.62
C THR A 34 0.03 11.57 2.60
N ALA A 35 0.10 12.89 2.55
CA ALA A 35 1.37 13.60 2.53
C ALA A 35 2.22 13.22 3.75
N GLU A 36 1.56 12.90 4.85
CA GLU A 36 2.25 12.53 6.08
C GLU A 36 2.80 11.11 5.98
N SER A 37 1.90 10.13 5.92
CA SER A 37 2.31 8.73 5.82
C SER A 37 1.17 7.88 5.27
N LEU A 38 1.50 6.66 4.86
CA LEU A 38 0.51 5.74 4.30
C LEU A 38 0.02 4.76 5.37
N SER A 39 -1.22 4.94 5.81
CA SER A 39 -1.81 4.08 6.82
C SER A 39 -3.04 3.35 6.27
N TRP A 40 -3.35 2.20 6.86
CA TRP A 40 -4.49 1.41 6.43
C TRP A 40 -5.46 1.16 7.59
N TYR A 41 -6.75 1.24 7.31
CA TYR A 41 -7.76 1.03 8.33
C TYR A 41 -8.74 -0.07 7.92
N LYS A 42 -9.34 -0.72 8.90
CA LYS A 42 -10.29 -1.80 8.64
C LYS A 42 -11.38 -1.33 7.65
N ASP A 43 -11.94 -0.17 7.91
CA ASP A 43 -12.98 0.38 7.04
C ASP A 43 -12.49 1.64 6.34
N GLU A 44 -13.34 2.21 5.49
CA GLU A 44 -12.99 3.41 4.75
C GLU A 44 -13.49 4.66 5.46
N GLU A 45 -13.67 4.56 6.77
CA GLU A 45 -14.15 5.68 7.57
C GLU A 45 -13.03 6.23 8.45
N GLU A 46 -11.83 5.69 8.29
CA GLU A 46 -10.69 6.12 9.08
C GLU A 46 -11.00 6.11 10.58
N LYS A 47 -11.54 5.00 11.05
CA LYS A 47 -11.90 4.85 12.46
C LYS A 47 -10.88 3.98 13.18
N GLU A 48 -10.75 2.73 12.74
CA GLU A 48 -9.82 1.80 13.36
C GLU A 48 -8.52 1.74 12.57
N LYS A 49 -7.44 2.23 13.16
CA LYS A 49 -6.13 2.22 12.51
C LYS A 49 -5.29 1.04 12.99
N LYS A 50 -4.61 0.40 12.05
CA LYS A 50 -3.77 -0.74 12.36
C LYS A 50 -2.30 -0.32 12.49
N TYR A 51 -1.72 0.10 11.38
CA TYR A 51 -0.33 0.53 11.37
C TYR A 51 -0.15 1.76 10.48
N MET A 52 1.02 2.39 10.59
CA MET A 52 1.33 3.59 9.80
C MET A 52 2.72 3.49 9.18
N LEU A 53 2.76 3.44 7.86
CA LEU A 53 4.03 3.35 7.14
C LEU A 53 4.41 4.69 6.53
N PRO A 54 5.66 5.12 6.75
CA PRO A 54 6.18 6.38 6.22
C PRO A 54 6.35 6.35 4.71
N LEU A 55 6.67 7.51 4.13
CA LEU A 55 6.87 7.61 2.69
C LEU A 55 8.30 8.04 2.37
N ASP A 56 9.23 7.67 3.22
CA ASP A 56 10.63 8.01 3.03
C ASP A 56 11.48 6.75 2.87
N ASN A 57 12.28 6.71 1.82
CA ASN A 57 13.15 5.56 1.55
C ASN A 57 12.32 4.34 1.18
N LEU A 58 11.26 4.56 0.40
CA LEU A 58 10.40 3.46 -0.03
C LEU A 58 10.28 3.43 -1.55
N LYS A 59 10.16 2.22 -2.10
CA LYS A 59 10.03 2.05 -3.54
C LYS A 59 8.95 1.03 -3.88
N ILE A 60 8.68 0.87 -5.17
CA ILE A 60 7.67 -0.08 -5.62
C ILE A 60 8.16 -0.90 -6.81
N ARG A 61 7.82 -2.18 -6.82
CA ARG A 61 8.23 -3.07 -7.91
C ARG A 61 7.19 -4.17 -8.12
N ASP A 62 6.85 -4.41 -9.39
CA ASP A 62 5.87 -5.44 -9.73
C ASP A 62 6.43 -6.83 -9.44
N VAL A 63 5.52 -7.78 -9.20
CA VAL A 63 5.93 -9.15 -8.91
C VAL A 63 5.69 -10.06 -10.11
N GLU A 64 6.76 -10.66 -10.61
CA GLU A 64 6.66 -11.55 -11.76
C GLU A 64 6.70 -13.02 -11.32
N LYS A 65 5.95 -13.86 -12.03
CA LYS A 65 5.90 -15.28 -11.71
C LYS A 65 5.35 -16.08 -12.88
N GLY A 66 6.22 -16.85 -13.53
CA GLY A 66 5.80 -17.65 -14.66
C GLY A 66 5.52 -16.80 -15.90
N PHE A 67 4.59 -17.27 -16.73
CA PHE A 67 4.23 -16.56 -17.95
C PHE A 67 2.78 -16.08 -17.89
N MET A 68 1.87 -17.01 -17.60
CA MET A 68 0.46 -16.68 -17.52
C MET A 68 0.25 -15.34 -16.81
N SER A 69 -0.77 -14.61 -17.26
CA SER A 69 -1.07 -13.30 -16.67
C SER A 69 -1.72 -13.46 -15.30
N ASN A 70 -1.17 -12.76 -14.31
CA ASN A 70 -1.69 -12.82 -12.95
C ASN A 70 -2.26 -11.48 -12.52
N LYS A 71 -3.03 -11.48 -11.43
CA LYS A 71 -3.64 -10.26 -10.92
C LYS A 71 -2.62 -9.12 -10.88
N HIS A 72 -3.12 -7.91 -10.63
CA HIS A 72 -2.24 -6.74 -10.55
C HIS A 72 -1.89 -6.41 -9.11
N VAL A 73 -0.72 -6.86 -8.67
CA VAL A 73 -0.27 -6.61 -7.31
C VAL A 73 1.17 -6.09 -7.29
N PHE A 74 1.39 -5.02 -6.54
CA PHE A 74 2.72 -4.42 -6.44
C PHE A 74 3.28 -4.59 -5.03
N ALA A 75 4.60 -4.74 -4.93
CA ALA A 75 5.26 -4.91 -3.64
C ALA A 75 6.05 -3.66 -3.27
N ILE A 76 6.00 -3.29 -1.99
CA ILE A 76 6.72 -2.12 -1.51
C ILE A 76 7.88 -2.52 -0.61
N PHE A 77 9.09 -2.18 -1.04
CA PHE A 77 10.29 -2.50 -0.27
C PHE A 77 11.01 -1.23 0.16
N ASN A 78 11.81 -1.34 1.22
CA ASN A 78 12.57 -0.20 1.74
C ASN A 78 13.94 -0.12 1.09
N THR A 79 14.17 0.94 0.32
CA THR A 79 15.46 1.13 -0.35
C THR A 79 16.62 0.79 0.56
N GLU A 80 16.63 1.39 1.75
CA GLU A 80 17.69 1.15 2.73
C GLU A 80 17.82 -0.34 3.02
N GLN A 81 18.75 -0.68 3.92
CA GLN A 81 18.97 -2.06 4.29
C GLN A 81 18.10 -2.46 5.48
N ARG A 82 16.89 -1.94 5.52
CA ARG A 82 15.96 -2.23 6.60
C ARG A 82 14.67 -2.84 6.06
N ASN A 83 13.80 -3.29 6.96
CA ASN A 83 12.54 -3.89 6.58
C ASN A 83 11.42 -2.85 6.58
N VAL A 84 10.55 -2.93 5.58
CA VAL A 84 9.43 -2.00 5.46
C VAL A 84 8.40 -2.22 6.57
N TYR A 85 8.07 -3.48 6.81
CA TYR A 85 7.10 -3.83 7.85
C TYR A 85 7.81 -4.35 9.10
N LYS A 86 7.03 -4.58 10.15
CA LYS A 86 7.58 -5.08 11.41
C LYS A 86 8.73 -6.04 11.16
N ASP A 87 8.45 -7.10 10.39
CA ASP A 87 9.46 -8.10 10.07
C ASP A 87 9.62 -8.25 8.56
N LEU A 88 8.49 -8.23 7.85
CA LEU A 88 8.49 -8.37 6.40
C LEU A 88 9.32 -7.27 5.75
N ARG A 89 10.13 -7.64 4.77
CA ARG A 89 10.97 -6.68 4.06
C ARG A 89 10.16 -5.91 3.02
N GLN A 90 9.16 -6.57 2.45
CA GLN A 90 8.32 -5.96 1.43
C GLN A 90 6.86 -6.34 1.63
N ILE A 91 5.96 -5.38 1.39
CA ILE A 91 4.53 -5.62 1.55
C ILE A 91 3.85 -5.73 0.19
N GLU A 92 2.99 -6.74 0.04
CA GLU A 92 2.27 -6.95 -1.21
C GLU A 92 0.89 -6.30 -1.15
N LEU A 93 0.55 -5.56 -2.19
CA LEU A 93 -0.75 -4.88 -2.26
C LEU A 93 -1.42 -5.13 -3.62
N ALA A 94 -2.43 -5.98 -3.61
CA ALA A 94 -3.16 -6.30 -4.84
C ALA A 94 -4.37 -5.38 -5.01
N CYS A 95 -4.72 -5.11 -6.26
CA CYS A 95 -5.86 -4.25 -6.56
C CYS A 95 -6.91 -5.00 -7.36
N ASP A 96 -8.00 -4.30 -7.69
CA ASP A 96 -9.09 -4.91 -8.46
C ASP A 96 -8.74 -4.96 -9.94
N SER A 97 -8.28 -3.83 -10.47
CA SER A 97 -7.92 -3.74 -11.89
C SER A 97 -6.64 -2.93 -12.07
N GLN A 98 -5.98 -3.11 -13.21
CA GLN A 98 -4.75 -2.39 -13.50
C GLN A 98 -4.94 -0.89 -13.31
N GLU A 99 -6.04 -0.36 -13.82
CA GLU A 99 -6.34 1.06 -13.70
C GLU A 99 -5.96 1.59 -12.32
N ASP A 100 -6.57 1.01 -11.29
CA ASP A 100 -6.30 1.42 -9.91
C ASP A 100 -4.80 1.45 -9.64
N VAL A 101 -4.15 0.30 -9.83
CA VAL A 101 -2.71 0.21 -9.61
C VAL A 101 -1.97 1.39 -10.24
N ASP A 102 -2.21 1.61 -11.53
CA ASP A 102 -1.57 2.69 -12.25
C ASP A 102 -1.74 4.02 -11.51
N SER A 103 -2.98 4.33 -11.13
CA SER A 103 -3.27 5.55 -10.41
C SER A 103 -2.49 5.62 -9.10
N TRP A 104 -2.48 4.53 -8.37
CA TRP A 104 -1.76 4.45 -7.10
C TRP A 104 -0.30 4.89 -7.27
N LYS A 105 0.38 4.27 -8.22
CA LYS A 105 1.78 4.58 -8.48
C LYS A 105 1.97 6.08 -8.66
N ALA A 106 1.26 6.66 -9.62
CA ALA A 106 1.35 8.09 -9.89
C ALA A 106 1.17 8.90 -8.61
N SER A 107 0.26 8.46 -7.75
CA SER A 107 0.00 9.15 -6.50
C SER A 107 1.24 9.15 -5.61
N PHE A 108 1.85 7.98 -5.46
CA PHE A 108 3.05 7.84 -4.64
C PHE A 108 4.14 8.81 -5.10
N LEU A 109 4.31 8.90 -6.41
CA LEU A 109 5.33 9.78 -7.00
C LEU A 109 5.33 11.14 -6.28
N ARG A 110 4.15 11.74 -6.17
CA ARG A 110 4.02 13.03 -5.51
C ARG A 110 4.61 13.00 -4.10
N ALA A 111 4.54 11.83 -3.47
CA ALA A 111 5.08 11.66 -2.12
C ALA A 111 6.59 11.60 -2.14
N GLY A 112 7.16 11.37 -3.32
CA GLY A 112 8.61 11.28 -3.44
C GLY A 112 9.11 9.85 -3.42
N VAL A 113 8.31 8.94 -3.98
CA VAL A 113 8.68 7.53 -4.03
C VAL A 113 9.75 7.28 -5.09
N GLY A 1 -0.77 29.07 3.08
CA GLY A 1 0.01 29.52 4.22
C GLY A 1 0.35 28.38 5.15
N SER A 2 -0.34 28.32 6.29
CA SER A 2 -0.10 27.28 7.28
C SER A 2 -1.25 26.27 7.31
N SER A 3 -2.47 26.80 7.41
CA SER A 3 -3.66 25.95 7.45
C SER A 3 -3.98 25.40 6.06
N GLY A 4 -4.51 24.19 6.02
CA GLY A 4 -4.86 23.57 4.75
C GLY A 4 -5.71 22.33 4.93
N SER A 5 -6.97 22.41 4.53
CA SER A 5 -7.89 21.28 4.64
C SER A 5 -7.40 20.10 3.80
N SER A 6 -7.04 20.37 2.56
CA SER A 6 -6.56 19.33 1.66
C SER A 6 -5.28 18.69 2.20
N GLY A 7 -5.16 17.38 2.01
CA GLY A 7 -3.99 16.67 2.49
C GLY A 7 -3.79 15.34 1.79
N VAL A 8 -4.66 14.38 2.10
CA VAL A 8 -4.58 13.05 1.50
C VAL A 8 -4.22 13.15 0.01
N ILE A 9 -3.55 12.12 -0.50
CA ILE A 9 -3.15 12.09 -1.90
C ILE A 9 -3.98 11.08 -2.68
N ARG A 10 -4.32 9.97 -2.03
CA ARG A 10 -5.11 8.92 -2.66
C ARG A 10 -5.64 7.94 -1.63
N ARG A 11 -6.88 7.49 -1.82
CA ARG A 11 -7.49 6.53 -0.89
C ARG A 11 -8.24 5.45 -1.66
N GLY A 12 -8.45 4.31 -1.00
CA GLY A 12 -9.14 3.21 -1.63
C GLY A 12 -8.83 1.87 -0.98
N TRP A 13 -9.77 0.95 -1.05
CA TRP A 13 -9.59 -0.38 -0.46
C TRP A 13 -8.63 -1.22 -1.31
N LEU A 14 -7.65 -1.82 -0.65
CA LEU A 14 -6.67 -2.66 -1.33
C LEU A 14 -6.70 -4.08 -0.80
N THR A 15 -5.78 -4.91 -1.30
CA THR A 15 -5.71 -6.30 -0.88
C THR A 15 -4.26 -6.72 -0.63
N ILE A 16 -3.94 -7.05 0.62
CA ILE A 16 -2.61 -7.46 0.98
C ILE A 16 -2.38 -8.94 0.68
N ASN A 17 -1.82 -9.22 -0.49
CA ASN A 17 -1.55 -10.59 -0.91
C ASN A 17 -0.56 -11.27 0.04
N ASN A 18 0.45 -10.51 0.46
CA ASN A 18 1.47 -11.03 1.37
C ASN A 18 0.83 -11.69 2.58
N ILE A 19 0.29 -10.87 3.48
CA ILE A 19 -0.36 -11.38 4.68
C ILE A 19 -1.35 -12.49 4.35
N SER A 20 -1.16 -13.65 4.98
CA SER A 20 -2.03 -14.80 4.75
C SER A 20 -2.05 -15.71 5.97
N LEU A 21 -3.14 -16.46 6.11
CA LEU A 21 -3.29 -17.38 7.25
C LEU A 21 -3.65 -18.77 6.76
N MET A 22 -3.27 -19.79 7.53
CA MET A 22 -3.56 -21.17 7.18
C MET A 22 -4.99 -21.31 6.67
N LYS A 23 -5.95 -20.83 7.47
CA LYS A 23 -7.36 -20.91 7.09
C LYS A 23 -7.63 -20.08 5.84
N GLY A 24 -7.47 -18.77 5.95
CA GLY A 24 -7.70 -17.89 4.82
C GLY A 24 -9.00 -17.11 4.95
N GLY A 25 -8.92 -15.94 5.56
CA GLY A 25 -10.11 -15.11 5.73
C GLY A 25 -10.21 -14.02 4.70
N SER A 26 -9.57 -12.89 4.96
CA SER A 26 -9.60 -11.76 4.05
C SER A 26 -8.35 -10.89 4.22
N LYS A 27 -7.91 -10.28 3.12
CA LYS A 27 -6.72 -9.43 3.14
C LYS A 27 -7.07 -8.02 2.69
N GLU A 28 -8.36 -7.69 2.72
CA GLU A 28 -8.82 -6.36 2.33
C GLU A 28 -8.56 -5.35 3.43
N TYR A 29 -8.20 -4.14 3.04
CA TYR A 29 -7.91 -3.07 4.00
C TYR A 29 -8.12 -1.69 3.36
N TRP A 30 -8.25 -0.68 4.20
CA TRP A 30 -8.44 0.69 3.72
C TRP A 30 -7.15 1.48 3.81
N PHE A 31 -6.41 1.52 2.70
CA PHE A 31 -5.15 2.24 2.65
C PHE A 31 -5.38 3.72 2.34
N VAL A 32 -4.73 4.59 3.11
CA VAL A 32 -4.87 6.02 2.93
C VAL A 32 -3.51 6.68 2.71
N LEU A 33 -3.12 6.85 1.46
CA LEU A 33 -1.84 7.47 1.12
C LEU A 33 -1.92 8.98 1.28
N THR A 34 -1.05 9.53 2.12
CA THR A 34 -1.01 10.97 2.36
C THR A 34 0.40 11.51 2.22
N ALA A 35 0.52 12.83 2.09
CA ALA A 35 1.81 13.47 1.96
C ALA A 35 2.71 13.18 3.17
N GLU A 36 2.08 12.81 4.28
CA GLU A 36 2.82 12.51 5.50
C GLU A 36 3.31 11.06 5.49
N SER A 37 2.37 10.12 5.54
CA SER A 37 2.71 8.70 5.55
C SER A 37 1.51 7.86 5.10
N LEU A 38 1.78 6.61 4.73
CA LEU A 38 0.73 5.71 4.29
C LEU A 38 0.30 4.77 5.42
N SER A 39 -0.99 4.79 5.75
CA SER A 39 -1.52 3.95 6.81
C SER A 39 -2.79 3.24 6.35
N TRP A 40 -2.99 2.02 6.85
CA TRP A 40 -4.17 1.24 6.49
C TRP A 40 -5.06 1.00 7.70
N TYR A 41 -6.37 0.94 7.48
CA TYR A 41 -7.32 0.73 8.55
C TYR A 41 -8.31 -0.38 8.19
N LYS A 42 -8.98 -0.91 9.20
CA LYS A 42 -9.95 -1.98 9.00
C LYS A 42 -10.97 -1.59 7.94
N ASP A 43 -11.65 -0.47 8.16
CA ASP A 43 -12.66 0.02 7.21
C ASP A 43 -12.27 1.39 6.68
N GLU A 44 -13.16 1.98 5.89
CA GLU A 44 -12.91 3.30 5.31
C GLU A 44 -13.30 4.40 6.28
N GLU A 45 -14.00 4.02 7.34
CA GLU A 45 -14.44 4.99 8.36
C GLU A 45 -13.28 5.35 9.29
N GLU A 46 -12.18 4.61 9.18
CA GLU A 46 -11.01 4.86 10.01
C GLU A 46 -11.39 4.86 11.49
N LYS A 47 -12.02 3.77 11.93
CA LYS A 47 -12.44 3.64 13.32
C LYS A 47 -11.29 3.14 14.20
N GLU A 48 -10.73 1.98 13.84
CA GLU A 48 -9.62 1.39 14.57
C GLU A 48 -8.38 1.31 13.71
N LYS A 49 -7.48 2.28 13.88
CA LYS A 49 -6.24 2.31 13.12
C LYS A 49 -5.43 1.03 13.32
N LYS A 50 -4.78 0.57 12.26
CA LYS A 50 -3.98 -0.64 12.33
C LYS A 50 -2.51 -0.31 12.55
N TYR A 51 -1.94 0.47 11.63
CA TYR A 51 -0.55 0.88 11.72
C TYR A 51 -0.20 1.89 10.64
N MET A 52 0.74 2.77 10.96
CA MET A 52 1.17 3.81 10.02
C MET A 52 2.56 3.50 9.46
N LEU A 53 2.76 3.82 8.18
CA LEU A 53 4.05 3.58 7.53
C LEU A 53 4.46 4.77 6.69
N PRO A 54 5.72 5.21 6.87
CA PRO A 54 6.28 6.35 6.12
C PRO A 54 6.48 6.03 4.65
N LEU A 55 6.84 7.05 3.87
CA LEU A 55 7.07 6.89 2.44
C LEU A 55 8.49 7.32 2.06
N ASP A 56 9.41 7.19 3.01
CA ASP A 56 10.80 7.56 2.77
C ASP A 56 11.69 6.33 2.71
N ASN A 57 11.39 5.35 3.55
CA ASN A 57 12.17 4.11 3.60
C ASN A 57 11.45 3.00 2.86
N LEU A 58 10.69 3.36 1.82
CA LEU A 58 9.95 2.38 1.04
C LEU A 58 10.31 2.48 -0.43
N LYS A 59 9.82 1.53 -1.23
CA LYS A 59 10.09 1.52 -2.66
C LYS A 59 9.18 0.53 -3.38
N ILE A 60 8.86 0.83 -4.63
CA ILE A 60 7.99 -0.04 -5.42
C ILE A 60 8.76 -0.66 -6.58
N ARG A 61 8.56 -1.96 -6.79
CA ARG A 61 9.22 -2.68 -7.88
C ARG A 61 8.30 -3.72 -8.48
N ASP A 62 8.77 -4.37 -9.55
CA ASP A 62 7.99 -5.39 -10.22
C ASP A 62 8.00 -6.70 -9.44
N VAL A 63 6.82 -7.24 -9.17
CA VAL A 63 6.70 -8.48 -8.42
C VAL A 63 6.91 -9.69 -9.32
N GLU A 64 7.52 -10.74 -8.76
CA GLU A 64 7.78 -11.96 -9.52
C GLU A 64 6.53 -12.44 -10.24
N LYS A 65 6.70 -12.97 -11.44
CA LYS A 65 5.59 -13.48 -12.23
C LYS A 65 5.40 -14.98 -12.01
N GLY A 66 4.20 -15.46 -12.29
CA GLY A 66 3.91 -16.88 -12.13
C GLY A 66 3.84 -17.62 -13.45
N PHE A 67 2.88 -18.53 -13.56
CA PHE A 67 2.72 -19.31 -14.78
C PHE A 67 1.60 -18.75 -15.64
N MET A 68 0.47 -18.42 -15.00
CA MET A 68 -0.67 -17.87 -15.71
C MET A 68 -0.71 -16.35 -15.59
N SER A 69 -1.63 -15.72 -16.31
CA SER A 69 -1.77 -14.27 -16.28
C SER A 69 -1.74 -13.75 -14.85
N ASN A 70 -0.71 -12.98 -14.53
CA ASN A 70 -0.57 -12.41 -13.19
C ASN A 70 -1.47 -11.18 -13.02
N LYS A 71 -2.09 -11.08 -11.86
CA LYS A 71 -2.98 -9.96 -11.56
C LYS A 71 -2.18 -8.68 -11.33
N HIS A 72 -2.88 -7.57 -11.14
CA HIS A 72 -2.24 -6.29 -10.91
C HIS A 72 -1.89 -6.10 -9.44
N VAL A 73 -0.64 -6.42 -9.09
CA VAL A 73 -0.17 -6.30 -7.72
C VAL A 73 1.28 -5.84 -7.66
N PHE A 74 1.55 -4.86 -6.80
CA PHE A 74 2.90 -4.34 -6.65
C PHE A 74 3.46 -4.64 -5.27
N ALA A 75 4.77 -4.86 -5.20
CA ALA A 75 5.43 -5.15 -3.93
C ALA A 75 6.20 -3.95 -3.42
N ILE A 76 6.08 -3.68 -2.12
CA ILE A 76 6.78 -2.56 -1.51
C ILE A 76 7.85 -3.04 -0.55
N PHE A 77 9.11 -2.69 -0.85
CA PHE A 77 10.23 -3.09 -0.01
C PHE A 77 10.91 -1.86 0.60
N ASN A 78 11.74 -2.10 1.61
CA ASN A 78 12.45 -1.01 2.28
C ASN A 78 13.82 -0.80 1.66
N THR A 79 14.17 0.46 1.43
CA THR A 79 15.45 0.81 0.84
C THR A 79 16.54 0.91 1.90
N GLU A 80 16.34 0.22 3.02
CA GLU A 80 17.30 0.24 4.12
C GLU A 80 17.53 -1.17 4.65
N GLN A 81 18.43 -1.28 5.64
CA GLN A 81 18.75 -2.57 6.24
C GLN A 81 17.65 -3.00 7.20
N ARG A 82 16.40 -2.94 6.75
CA ARG A 82 15.27 -3.32 7.57
C ARG A 82 14.11 -3.80 6.70
N ASN A 83 13.16 -4.51 7.32
CA ASN A 83 12.00 -5.02 6.61
C ASN A 83 10.81 -4.08 6.76
N VAL A 84 10.06 -3.90 5.68
CA VAL A 84 8.88 -3.03 5.70
C VAL A 84 8.03 -3.29 6.94
N TYR A 85 7.36 -4.43 6.96
CA TYR A 85 6.50 -4.79 8.09
C TYR A 85 7.32 -5.47 9.19
N LYS A 86 6.66 -5.77 10.31
CA LYS A 86 7.31 -6.42 11.43
C LYS A 86 8.35 -7.42 10.95
N ASP A 87 7.95 -8.28 10.02
CA ASP A 87 8.85 -9.29 9.48
C ASP A 87 8.83 -9.27 7.94
N LEU A 88 7.63 -9.29 7.38
CA LEU A 88 7.47 -9.28 5.93
C LEU A 88 8.46 -8.30 5.28
N ARG A 89 9.32 -8.85 4.42
CA ARG A 89 10.32 -8.03 3.74
C ARG A 89 9.65 -6.94 2.91
N GLN A 90 8.52 -7.27 2.30
CA GLN A 90 7.79 -6.31 1.47
C GLN A 90 6.29 -6.62 1.50
N ILE A 91 5.49 -5.58 1.71
CA ILE A 91 4.04 -5.73 1.75
C ILE A 91 3.44 -5.66 0.35
N GLU A 92 2.90 -6.78 -0.11
CA GLU A 92 2.28 -6.82 -1.44
C GLU A 92 0.90 -6.17 -1.43
N LEU A 93 0.56 -5.52 -2.53
CA LEU A 93 -0.73 -4.84 -2.66
C LEU A 93 -1.36 -5.11 -4.02
N ALA A 94 -2.44 -5.89 -4.02
CA ALA A 94 -3.14 -6.22 -5.26
C ALA A 94 -4.32 -5.29 -5.49
N CYS A 95 -4.80 -5.24 -6.72
CA CYS A 95 -5.93 -4.39 -7.08
C CYS A 95 -6.97 -5.16 -7.87
N ASP A 96 -8.07 -4.50 -8.20
CA ASP A 96 -9.16 -5.13 -8.95
C ASP A 96 -8.88 -5.07 -10.45
N SER A 97 -8.15 -4.04 -10.87
CA SER A 97 -7.82 -3.86 -12.28
C SER A 97 -6.63 -2.91 -12.44
N GLN A 98 -5.90 -3.09 -13.53
CA GLN A 98 -4.73 -2.25 -13.82
C GLN A 98 -5.05 -0.79 -13.56
N GLU A 99 -6.14 -0.31 -14.14
CA GLU A 99 -6.55 1.08 -13.97
C GLU A 99 -6.26 1.57 -12.56
N ASP A 100 -6.74 0.81 -11.58
CA ASP A 100 -6.53 1.16 -10.18
C ASP A 100 -5.05 1.30 -9.86
N VAL A 101 -4.30 0.23 -10.10
CA VAL A 101 -2.86 0.22 -9.85
C VAL A 101 -2.20 1.48 -10.40
N ASP A 102 -2.32 1.69 -11.70
CA ASP A 102 -1.74 2.85 -12.35
C ASP A 102 -1.90 4.09 -11.48
N SER A 103 -3.12 4.35 -11.05
CA SER A 103 -3.41 5.51 -10.21
C SER A 103 -2.65 5.44 -8.90
N TRP A 104 -2.65 4.25 -8.28
CA TRP A 104 -1.95 4.05 -7.02
C TRP A 104 -0.48 4.35 -7.15
N LYS A 105 0.18 3.70 -8.10
CA LYS A 105 1.61 3.90 -8.33
C LYS A 105 1.89 5.36 -8.68
N ALA A 106 0.97 5.98 -9.39
CA ALA A 106 1.12 7.38 -9.79
C ALA A 106 1.02 8.31 -8.58
N SER A 107 0.06 8.03 -7.71
CA SER A 107 -0.15 8.84 -6.51
C SER A 107 1.11 8.85 -5.64
N PHE A 108 1.83 7.73 -5.63
CA PHE A 108 3.05 7.61 -4.85
C PHE A 108 4.10 8.62 -5.32
N LEU A 109 4.20 8.78 -6.64
CA LEU A 109 5.17 9.71 -7.21
C LEU A 109 5.02 11.10 -6.61
N ARG A 110 3.81 11.64 -6.67
CA ARG A 110 3.54 12.96 -6.12
C ARG A 110 3.99 13.06 -4.67
N ALA A 111 3.90 11.95 -3.95
CA ALA A 111 4.30 11.90 -2.55
C ALA A 111 5.81 12.01 -2.41
N GLY A 112 6.53 11.54 -3.43
CA GLY A 112 7.98 11.60 -3.40
C GLY A 112 8.61 10.23 -3.58
N VAL A 113 7.93 9.34 -4.29
CA VAL A 113 8.42 8.00 -4.52
C VAL A 113 8.71 7.77 -6.01
N GLY A 1 7.07 31.83 8.32
CA GLY A 1 6.27 31.24 7.26
C GLY A 1 5.80 29.84 7.61
N SER A 2 4.65 29.77 8.28
CA SER A 2 4.09 28.48 8.67
C SER A 2 3.85 27.58 7.46
N SER A 3 4.76 26.64 7.23
CA SER A 3 4.65 25.73 6.10
C SER A 3 3.63 24.63 6.38
N GLY A 4 2.71 24.43 5.45
CA GLY A 4 1.69 23.41 5.61
C GLY A 4 2.05 22.12 4.92
N SER A 5 1.05 21.29 4.65
CA SER A 5 1.26 20.01 4.00
C SER A 5 0.07 19.63 3.13
N SER A 6 0.32 18.84 2.09
CA SER A 6 -0.73 18.42 1.17
C SER A 6 -1.66 17.41 1.84
N GLY A 7 -2.96 17.59 1.65
CA GLY A 7 -3.93 16.69 2.25
C GLY A 7 -3.82 15.28 1.70
N VAL A 8 -4.94 14.57 1.64
CA VAL A 8 -4.97 13.20 1.14
C VAL A 8 -4.65 13.17 -0.35
N ILE A 9 -3.81 12.22 -0.74
CA ILE A 9 -3.41 12.07 -2.14
C ILE A 9 -4.17 10.93 -2.80
N ARG A 10 -4.38 9.85 -2.05
CA ARG A 10 -5.08 8.68 -2.56
C ARG A 10 -5.55 7.78 -1.43
N ARG A 11 -6.73 7.18 -1.60
CA ARG A 11 -7.29 6.29 -0.58
C ARG A 11 -8.37 5.40 -1.18
N GLY A 12 -8.45 4.17 -0.69
CA GLY A 12 -9.44 3.23 -1.18
C GLY A 12 -9.35 1.88 -0.51
N TRP A 13 -10.16 0.93 -0.97
CA TRP A 13 -10.17 -0.42 -0.40
C TRP A 13 -9.28 -1.36 -1.20
N LEU A 14 -8.15 -1.73 -0.60
CA LEU A 14 -7.21 -2.63 -1.26
C LEU A 14 -7.15 -3.98 -0.55
N THR A 15 -6.30 -4.87 -1.05
CA THR A 15 -6.16 -6.20 -0.47
C THR A 15 -4.69 -6.57 -0.29
N ILE A 16 -4.32 -6.94 0.93
CA ILE A 16 -2.94 -7.32 1.22
C ILE A 16 -2.72 -8.80 0.98
N ASN A 17 -2.32 -9.14 -0.25
CA ASN A 17 -2.07 -10.54 -0.61
C ASN A 17 -1.08 -11.18 0.36
N ASN A 18 0.07 -10.55 0.53
CA ASN A 18 1.10 -11.06 1.43
C ASN A 18 0.48 -11.74 2.64
N ILE A 19 -0.54 -11.10 3.22
CA ILE A 19 -1.22 -11.64 4.38
C ILE A 19 -1.54 -13.12 4.19
N SER A 20 -0.77 -13.98 4.85
CA SER A 20 -0.96 -15.42 4.74
C SER A 20 -1.42 -16.00 6.09
N LEU A 21 -2.31 -15.28 6.75
CA LEU A 21 -2.83 -15.73 8.04
C LEU A 21 -3.71 -16.97 7.88
N MET A 22 -4.80 -16.81 7.16
CA MET A 22 -5.73 -17.92 6.93
C MET A 22 -6.32 -17.85 5.53
N LYS A 23 -7.01 -18.91 5.13
CA LYS A 23 -7.64 -18.97 3.80
C LYS A 23 -9.09 -18.54 3.87
N GLY A 24 -9.39 -17.58 4.75
CA GLY A 24 -10.75 -17.10 4.89
C GLY A 24 -10.90 -16.11 6.04
N GLY A 25 -11.16 -14.85 5.70
CA GLY A 25 -11.33 -13.84 6.72
C GLY A 25 -11.39 -12.43 6.14
N SER A 26 -10.63 -11.51 6.73
CA SER A 26 -10.61 -10.13 6.27
C SER A 26 -9.20 -9.71 5.89
N LYS A 27 -8.88 -9.85 4.61
CA LYS A 27 -7.56 -9.48 4.10
C LYS A 27 -7.56 -8.04 3.59
N GLU A 28 -8.72 -7.57 3.16
CA GLU A 28 -8.85 -6.21 2.64
C GLU A 28 -8.56 -5.19 3.73
N TYR A 29 -8.11 -4.01 3.31
CA TYR A 29 -7.80 -2.94 4.26
C TYR A 29 -7.93 -1.58 3.60
N TRP A 30 -8.48 -0.61 4.34
CA TRP A 30 -8.67 0.74 3.83
C TRP A 30 -7.36 1.51 3.83
N PHE A 31 -6.67 1.52 2.69
CA PHE A 31 -5.40 2.21 2.57
C PHE A 31 -5.62 3.70 2.30
N VAL A 32 -4.78 4.53 2.91
CA VAL A 32 -4.88 5.98 2.74
C VAL A 32 -3.51 6.60 2.48
N LEU A 33 -3.14 6.67 1.22
CA LEU A 33 -1.84 7.24 0.84
C LEU A 33 -1.90 8.77 0.85
N THR A 34 -1.35 9.37 1.89
CA THR A 34 -1.34 10.83 2.02
C THR A 34 0.07 11.38 1.83
N ALA A 35 0.16 12.68 1.59
CA ALA A 35 1.44 13.34 1.40
C ALA A 35 2.36 13.12 2.59
N GLU A 36 1.77 12.84 3.75
CA GLU A 36 2.53 12.61 4.96
C GLU A 36 3.05 11.17 5.02
N SER A 37 2.13 10.22 5.13
CA SER A 37 2.49 8.81 5.19
C SER A 37 1.31 7.93 4.79
N LEU A 38 1.59 6.65 4.55
CA LEU A 38 0.55 5.70 4.17
C LEU A 38 0.05 4.93 5.39
N SER A 39 -1.27 4.72 5.44
CA SER A 39 -1.88 4.01 6.55
C SER A 39 -3.06 3.15 6.07
N TRP A 40 -3.23 1.99 6.68
CA TRP A 40 -4.32 1.08 6.31
C TRP A 40 -5.20 0.79 7.50
N TYR A 41 -6.48 1.14 7.40
CA TYR A 41 -7.43 0.91 8.47
C TYR A 41 -8.46 -0.15 8.07
N LYS A 42 -9.44 -0.37 8.94
CA LYS A 42 -10.48 -1.36 8.69
C LYS A 42 -11.66 -0.73 7.95
N ASP A 43 -11.82 0.57 8.11
CA ASP A 43 -12.90 1.30 7.47
C ASP A 43 -12.40 2.60 6.86
N GLU A 44 -13.30 3.31 6.17
CA GLU A 44 -12.94 4.58 5.54
C GLU A 44 -12.80 5.69 6.58
N GLU A 45 -13.50 5.52 7.71
CA GLU A 45 -13.45 6.51 8.78
C GLU A 45 -12.04 6.60 9.37
N GLU A 46 -11.20 5.62 9.05
CA GLU A 46 -9.83 5.59 9.54
C GLU A 46 -9.79 5.89 11.05
N LYS A 47 -10.67 5.24 11.79
CA LYS A 47 -10.74 5.43 13.24
C LYS A 47 -9.82 4.45 13.97
N GLU A 48 -9.87 3.19 13.55
CA GLU A 48 -9.04 2.16 14.16
C GLU A 48 -7.80 1.87 13.31
N LYS A 49 -6.80 2.74 13.43
CA LYS A 49 -5.57 2.59 12.67
C LYS A 49 -4.83 1.32 13.08
N LYS A 50 -4.49 0.50 12.10
CA LYS A 50 -3.78 -0.75 12.36
C LYS A 50 -2.28 -0.51 12.43
N TYR A 51 -1.73 0.13 11.41
CA TYR A 51 -0.30 0.41 11.36
C TYR A 51 0.01 1.50 10.33
N MET A 52 0.80 2.48 10.73
CA MET A 52 1.18 3.58 9.84
C MET A 52 2.57 3.35 9.26
N LEU A 53 2.78 3.83 8.04
CA LEU A 53 4.07 3.69 7.37
C LEU A 53 4.39 4.91 6.53
N PRO A 54 5.63 5.41 6.65
CA PRO A 54 6.09 6.58 5.90
C PRO A 54 6.25 6.30 4.41
N LEU A 55 6.71 7.29 3.67
CA LEU A 55 6.91 7.15 2.23
C LEU A 55 8.29 7.66 1.81
N ASP A 56 9.24 7.58 2.74
CA ASP A 56 10.60 8.02 2.47
C ASP A 56 11.56 6.83 2.34
N ASN A 57 11.48 5.93 3.32
CA ASN A 57 12.34 4.74 3.32
C ASN A 57 11.65 3.57 2.64
N LEU A 58 10.83 3.87 1.63
CA LEU A 58 10.12 2.85 0.90
C LEU A 58 10.35 2.98 -0.60
N LYS A 59 10.15 1.88 -1.33
CA LYS A 59 10.33 1.89 -2.78
C LYS A 59 9.47 0.82 -3.43
N ILE A 60 9.14 1.04 -4.70
CA ILE A 60 8.31 0.10 -5.45
C ILE A 60 9.11 -0.57 -6.57
N ARG A 61 8.88 -1.87 -6.75
CA ARG A 61 9.58 -2.63 -7.78
C ARG A 61 8.64 -3.64 -8.43
N ASP A 62 8.87 -3.91 -9.71
CA ASP A 62 8.04 -4.86 -10.46
C ASP A 62 8.49 -6.29 -10.16
N VAL A 63 7.63 -7.06 -9.50
CA VAL A 63 7.93 -8.43 -9.16
C VAL A 63 8.36 -9.22 -10.40
N GLU A 64 9.55 -9.82 -10.33
CA GLU A 64 10.07 -10.60 -11.45
C GLU A 64 10.63 -11.94 -10.96
N LYS A 65 9.89 -12.59 -10.06
CA LYS A 65 10.30 -13.88 -9.52
C LYS A 65 9.41 -15.00 -10.03
N GLY A 66 8.98 -14.89 -11.29
CA GLY A 66 8.13 -15.91 -11.87
C GLY A 66 6.91 -16.20 -11.02
N PHE A 67 6.27 -15.14 -10.52
CA PHE A 67 5.09 -15.29 -9.68
C PHE A 67 4.24 -14.03 -9.72
N MET A 68 3.14 -14.03 -8.96
CA MET A 68 2.25 -12.89 -8.91
C MET A 68 1.73 -12.53 -10.30
N SER A 69 1.45 -13.56 -11.09
CA SER A 69 0.95 -13.35 -12.45
C SER A 69 -0.51 -13.76 -12.57
N ASN A 70 -1.30 -13.41 -11.56
CA ASN A 70 -2.72 -13.73 -11.54
C ASN A 70 -3.58 -12.48 -11.42
N LYS A 71 -2.94 -11.37 -11.03
CA LYS A 71 -3.64 -10.10 -10.87
C LYS A 71 -2.64 -8.96 -10.71
N HIS A 72 -3.13 -7.73 -10.92
CA HIS A 72 -2.28 -6.55 -10.79
C HIS A 72 -1.91 -6.30 -9.33
N VAL A 73 -0.76 -6.83 -8.91
CA VAL A 73 -0.30 -6.66 -7.55
C VAL A 73 1.19 -6.30 -7.51
N PHE A 74 1.51 -5.25 -6.76
CA PHE A 74 2.89 -4.79 -6.63
C PHE A 74 3.42 -5.02 -5.22
N ALA A 75 4.72 -4.84 -5.05
CA ALA A 75 5.35 -5.03 -3.74
C ALA A 75 6.08 -3.76 -3.31
N ILE A 76 6.14 -3.54 -2.00
CA ILE A 76 6.81 -2.35 -1.46
C ILE A 76 7.88 -2.76 -0.44
N PHE A 77 9.12 -2.38 -0.72
CA PHE A 77 10.22 -2.70 0.19
C PHE A 77 10.85 -1.42 0.75
N ASN A 78 11.75 -1.59 1.72
CA ASN A 78 12.41 -0.46 2.35
C ASN A 78 13.87 -0.37 1.91
N THR A 79 14.20 0.70 1.19
CA THR A 79 15.57 0.90 0.71
C THR A 79 16.59 0.50 1.76
N GLU A 80 16.33 0.87 3.00
CA GLU A 80 17.23 0.54 4.11
C GLU A 80 17.32 -0.97 4.30
N GLN A 81 18.17 -1.38 5.24
CA GLN A 81 18.35 -2.80 5.53
C GLN A 81 17.35 -3.28 6.57
N ARG A 82 16.10 -2.86 6.42
CA ARG A 82 15.04 -3.24 7.35
C ARG A 82 13.78 -3.65 6.60
N ASN A 83 12.80 -4.18 7.34
CA ASN A 83 11.55 -4.62 6.75
C ASN A 83 10.49 -3.53 6.84
N VAL A 84 9.43 -3.67 6.06
CA VAL A 84 8.34 -2.69 6.06
C VAL A 84 7.21 -3.12 6.99
N TYR A 85 7.05 -4.43 7.15
CA TYR A 85 6.01 -4.98 8.02
C TYR A 85 6.62 -5.76 9.17
N LYS A 86 5.76 -6.38 9.97
CA LYS A 86 6.20 -7.17 11.12
C LYS A 86 7.26 -8.19 10.70
N ASP A 87 6.85 -9.12 9.85
CA ASP A 87 7.76 -10.16 9.36
C ASP A 87 7.63 -10.33 7.85
N LEU A 88 7.55 -9.22 7.14
CA LEU A 88 7.42 -9.24 5.69
C LEU A 88 8.41 -8.28 5.03
N ARG A 89 9.28 -8.80 4.19
CA ARG A 89 10.27 -7.98 3.50
C ARG A 89 9.59 -6.91 2.64
N GLN A 90 8.45 -7.28 2.04
CA GLN A 90 7.71 -6.36 1.20
C GLN A 90 6.22 -6.68 1.21
N ILE A 91 5.40 -5.67 1.47
CA ILE A 91 3.95 -5.86 1.52
C ILE A 91 3.35 -5.78 0.12
N GLU A 92 2.85 -6.91 -0.37
CA GLU A 92 2.25 -6.97 -1.69
C GLU A 92 0.81 -6.44 -1.66
N LEU A 93 0.47 -5.59 -2.63
CA LEU A 93 -0.86 -5.02 -2.71
C LEU A 93 -1.50 -5.29 -4.07
N ALA A 94 -2.62 -6.00 -4.06
CA ALA A 94 -3.33 -6.33 -5.29
C ALA A 94 -4.51 -5.39 -5.52
N CYS A 95 -4.86 -5.19 -6.78
CA CYS A 95 -5.98 -4.31 -7.13
C CYS A 95 -6.96 -5.03 -8.05
N ASP A 96 -8.07 -4.36 -8.33
CA ASP A 96 -9.10 -4.94 -9.20
C ASP A 96 -8.62 -4.99 -10.64
N SER A 97 -7.94 -3.93 -11.08
CA SER A 97 -7.44 -3.85 -12.44
C SER A 97 -6.33 -2.81 -12.56
N GLN A 98 -5.57 -2.88 -13.64
CA GLN A 98 -4.47 -1.94 -13.87
C GLN A 98 -4.89 -0.51 -13.50
N GLU A 99 -6.10 -0.13 -13.91
CA GLU A 99 -6.61 1.20 -13.62
C GLU A 99 -6.29 1.62 -12.20
N ASP A 100 -6.57 0.72 -11.25
CA ASP A 100 -6.32 1.00 -9.84
C ASP A 100 -4.82 1.21 -9.59
N VAL A 101 -4.03 0.20 -9.89
CA VAL A 101 -2.58 0.28 -9.70
C VAL A 101 -2.02 1.57 -10.28
N ASP A 102 -2.10 1.70 -11.60
CA ASP A 102 -1.60 2.88 -12.29
C ASP A 102 -1.86 4.14 -11.45
N SER A 103 -3.07 4.27 -10.95
CA SER A 103 -3.45 5.42 -10.13
C SER A 103 -2.69 5.42 -8.81
N TRP A 104 -2.70 4.28 -8.13
CA TRP A 104 -2.01 4.15 -6.85
C TRP A 104 -0.53 4.51 -6.98
N LYS A 105 0.14 3.88 -7.92
CA LYS A 105 1.56 4.14 -8.15
C LYS A 105 1.80 5.63 -8.43
N ALA A 106 1.18 6.13 -9.49
CA ALA A 106 1.33 7.54 -9.86
C ALA A 106 1.20 8.44 -8.64
N SER A 107 0.32 8.06 -7.71
CA SER A 107 0.11 8.84 -6.50
C SER A 107 1.35 8.81 -5.61
N PHE A 108 1.93 7.62 -5.45
CA PHE A 108 3.11 7.45 -4.61
C PHE A 108 4.23 8.39 -5.07
N LEU A 109 4.39 8.50 -6.38
CA LEU A 109 5.42 9.37 -6.94
C LEU A 109 5.26 10.80 -6.46
N ARG A 110 4.03 11.30 -6.52
CA ARG A 110 3.74 12.67 -6.09
C ARG A 110 4.19 12.89 -4.65
N ALA A 111 4.09 11.85 -3.84
CA ALA A 111 4.49 11.94 -2.44
C ALA A 111 6.01 11.99 -2.30
N GLY A 112 6.70 11.35 -3.25
CA GLY A 112 8.15 11.34 -3.22
C GLY A 112 8.71 9.93 -3.11
N VAL A 113 8.05 8.98 -3.76
CA VAL A 113 8.49 7.59 -3.75
C VAL A 113 8.85 7.12 -5.15
N GLY A 1 -14.65 26.38 -7.75
CA GLY A 1 -14.28 25.09 -8.32
C GLY A 1 -13.30 24.34 -7.43
N SER A 2 -13.28 23.02 -7.58
CA SER A 2 -12.38 22.18 -6.80
C SER A 2 -10.93 22.32 -7.27
N SER A 3 -10.19 23.22 -6.65
CA SER A 3 -8.80 23.46 -7.02
C SER A 3 -7.88 22.44 -6.34
N GLY A 4 -7.65 21.31 -7.01
CA GLY A 4 -6.80 20.28 -6.46
C GLY A 4 -7.43 19.57 -5.29
N SER A 5 -6.64 18.74 -4.60
CA SER A 5 -7.14 17.99 -3.46
C SER A 5 -7.04 18.83 -2.18
N SER A 6 -7.60 18.31 -1.10
CA SER A 6 -7.59 19.01 0.18
C SER A 6 -6.57 18.38 1.13
N GLY A 7 -6.54 17.05 1.16
CA GLY A 7 -5.62 16.34 2.03
C GLY A 7 -5.03 15.11 1.37
N VAL A 8 -5.39 13.94 1.87
CA VAL A 8 -4.88 12.68 1.33
C VAL A 8 -4.71 12.77 -0.18
N ILE A 9 -3.75 12.02 -0.70
CA ILE A 9 -3.48 12.01 -2.14
C ILE A 9 -4.37 11.00 -2.86
N ARG A 10 -4.52 9.83 -2.27
CA ARG A 10 -5.34 8.78 -2.86
C ARG A 10 -5.88 7.85 -1.77
N ARG A 11 -7.10 7.34 -1.99
CA ARG A 11 -7.73 6.45 -1.03
C ARG A 11 -8.50 5.34 -1.75
N GLY A 12 -8.55 4.16 -1.13
CA GLY A 12 -9.26 3.04 -1.73
C GLY A 12 -9.10 1.77 -0.92
N TRP A 13 -9.85 0.74 -1.29
CA TRP A 13 -9.80 -0.54 -0.59
C TRP A 13 -8.86 -1.50 -1.30
N LEU A 14 -7.72 -1.79 -0.68
CA LEU A 14 -6.74 -2.70 -1.24
C LEU A 14 -6.76 -4.05 -0.54
N THR A 15 -5.97 -4.99 -1.02
CA THR A 15 -5.89 -6.32 -0.43
C THR A 15 -4.45 -6.80 -0.31
N ILE A 16 -4.01 -7.03 0.92
CA ILE A 16 -2.65 -7.49 1.17
C ILE A 16 -2.52 -8.99 0.89
N ASN A 17 -2.06 -9.32 -0.32
CA ASN A 17 -1.88 -10.72 -0.71
C ASN A 17 -0.84 -11.40 0.17
N ASN A 18 0.18 -10.65 0.56
CA ASN A 18 1.24 -11.19 1.40
C ASN A 18 0.67 -11.77 2.70
N ILE A 19 0.21 -10.88 3.57
CA ILE A 19 -0.37 -11.29 4.85
C ILE A 19 -1.33 -12.47 4.66
N SER A 20 -1.45 -13.29 5.70
CA SER A 20 -2.33 -14.45 5.65
C SER A 20 -2.80 -14.84 7.04
N LEU A 21 -4.05 -15.29 7.14
CA LEU A 21 -4.61 -15.70 8.43
C LEU A 21 -5.57 -16.87 8.25
N MET A 22 -5.75 -17.65 9.31
CA MET A 22 -6.63 -18.80 9.28
C MET A 22 -8.05 -18.38 8.89
N LYS A 23 -8.91 -19.37 8.63
CA LYS A 23 -10.29 -19.10 8.25
C LYS A 23 -10.88 -17.97 9.09
N GLY A 24 -11.04 -16.81 8.48
CA GLY A 24 -11.60 -15.66 9.19
C GLY A 24 -10.93 -14.37 8.81
N GLY A 25 -11.23 -13.30 9.54
CA GLY A 25 -10.65 -12.00 9.25
C GLY A 25 -10.85 -11.59 7.81
N SER A 26 -10.24 -10.47 7.42
CA SER A 26 -10.36 -9.96 6.06
C SER A 26 -9.01 -9.46 5.55
N LYS A 27 -8.65 -9.87 4.33
CA LYS A 27 -7.40 -9.46 3.73
C LYS A 27 -7.49 -8.05 3.17
N GLU A 28 -8.71 -7.53 3.08
CA GLU A 28 -8.94 -6.18 2.56
C GLU A 28 -8.73 -5.14 3.65
N TYR A 29 -8.15 -4.00 3.28
CA TYR A 29 -7.89 -2.93 4.23
C TYR A 29 -8.02 -1.56 3.55
N TRP A 30 -8.43 -0.56 4.32
CA TRP A 30 -8.60 0.78 3.80
C TRP A 30 -7.27 1.53 3.78
N PHE A 31 -6.60 1.49 2.64
CA PHE A 31 -5.31 2.17 2.48
C PHE A 31 -5.50 3.66 2.22
N VAL A 32 -4.81 4.48 2.99
CA VAL A 32 -4.89 5.93 2.85
C VAL A 32 -3.52 6.56 2.72
N LEU A 33 -3.09 6.81 1.47
CA LEU A 33 -1.79 7.40 1.22
C LEU A 33 -1.86 8.93 1.27
N THR A 34 -1.14 9.50 2.23
CA THR A 34 -1.14 10.96 2.39
C THR A 34 0.29 11.51 2.28
N ALA A 35 0.39 12.82 2.09
CA ALA A 35 1.69 13.47 1.97
C ALA A 35 2.57 13.17 3.18
N GLU A 36 1.94 12.94 4.32
CA GLU A 36 2.66 12.65 5.55
C GLU A 36 3.17 11.21 5.56
N SER A 37 2.24 10.27 5.53
CA SER A 37 2.58 8.85 5.53
C SER A 37 1.43 8.01 4.97
N LEU A 38 1.66 6.70 4.88
CA LEU A 38 0.65 5.78 4.36
C LEU A 38 0.19 4.81 5.44
N SER A 39 -1.09 4.90 5.78
CA SER A 39 -1.67 4.02 6.81
C SER A 39 -2.87 3.27 6.26
N TRP A 40 -3.14 2.11 6.85
CA TRP A 40 -4.27 1.29 6.42
C TRP A 40 -5.22 1.02 7.58
N TYR A 41 -6.49 1.40 7.41
CA TYR A 41 -7.49 1.22 8.45
C TYR A 41 -8.48 0.11 8.06
N LYS A 42 -9.50 -0.07 8.87
CA LYS A 42 -10.51 -1.09 8.62
C LYS A 42 -11.65 -0.52 7.79
N ASP A 43 -11.99 0.74 8.04
CA ASP A 43 -13.07 1.40 7.31
C ASP A 43 -12.60 2.73 6.73
N GLU A 44 -13.49 3.40 6.01
CA GLU A 44 -13.16 4.68 5.40
C GLU A 44 -13.16 5.80 6.44
N GLU A 45 -13.78 5.54 7.58
CA GLU A 45 -13.84 6.53 8.66
C GLU A 45 -12.49 6.69 9.34
N GLU A 46 -11.66 5.65 9.23
CA GLU A 46 -10.33 5.68 9.83
C GLU A 46 -10.43 5.84 11.34
N LYS A 47 -11.42 5.18 11.94
CA LYS A 47 -11.63 5.25 13.39
C LYS A 47 -10.48 4.57 14.13
N GLU A 48 -10.07 3.41 13.63
CA GLU A 48 -8.97 2.66 14.25
C GLU A 48 -7.83 2.45 13.27
N LYS A 49 -6.65 2.94 13.63
CA LYS A 49 -5.47 2.82 12.79
C LYS A 49 -4.75 1.50 13.06
N LYS A 50 -4.57 0.70 12.01
CA LYS A 50 -3.89 -0.59 12.13
C LYS A 50 -2.38 -0.39 12.30
N TYR A 51 -1.73 0.11 11.27
CA TYR A 51 -0.29 0.33 11.32
C TYR A 51 0.13 1.42 10.33
N MET A 52 0.81 2.44 10.83
CA MET A 52 1.27 3.54 9.99
C MET A 52 2.65 3.24 9.41
N LEU A 53 2.89 3.74 8.20
CA LEU A 53 4.17 3.53 7.53
C LEU A 53 4.57 4.76 6.72
N PRO A 54 5.83 5.18 6.86
CA PRO A 54 6.37 6.35 6.15
C PRO A 54 6.52 6.09 4.65
N LEU A 55 6.87 7.13 3.91
CA LEU A 55 7.04 7.02 2.47
C LEU A 55 8.46 7.46 2.06
N ASP A 56 9.42 7.26 2.95
CA ASP A 56 10.79 7.64 2.68
C ASP A 56 11.68 6.40 2.56
N ASN A 57 11.54 5.49 3.52
CA ASN A 57 12.33 4.26 3.51
C ASN A 57 11.58 3.13 2.80
N LEU A 58 10.84 3.50 1.76
CA LEU A 58 10.07 2.52 1.00
C LEU A 58 10.38 2.63 -0.50
N LYS A 59 9.87 1.69 -1.27
CA LYS A 59 10.09 1.69 -2.71
C LYS A 59 9.14 0.72 -3.41
N ILE A 60 9.01 0.87 -4.73
CA ILE A 60 8.13 0.01 -5.51
C ILE A 60 8.88 -0.66 -6.65
N ARG A 61 8.62 -1.95 -6.84
CA ARG A 61 9.28 -2.71 -7.89
C ARG A 61 8.35 -3.79 -8.45
N ASP A 62 8.66 -4.27 -9.65
CA ASP A 62 7.85 -5.30 -10.29
C ASP A 62 8.03 -6.65 -9.61
N VAL A 63 6.93 -7.23 -9.14
CA VAL A 63 6.97 -8.52 -8.47
C VAL A 63 6.61 -9.65 -9.42
N GLU A 64 7.51 -10.62 -9.53
CA GLU A 64 7.30 -11.76 -10.42
C GLU A 64 6.47 -11.36 -11.64
N LYS A 65 6.81 -10.21 -12.21
CA LYS A 65 6.09 -9.71 -13.38
C LYS A 65 6.49 -10.49 -14.63
N GLY A 66 7.78 -10.49 -14.94
CA GLY A 66 8.27 -11.20 -16.11
C GLY A 66 7.29 -11.15 -17.26
N PHE A 67 6.66 -10.00 -17.46
CA PHE A 67 5.69 -9.84 -18.54
C PHE A 67 4.85 -11.10 -18.72
N MET A 68 4.24 -11.56 -17.63
CA MET A 68 3.41 -12.76 -17.67
C MET A 68 2.07 -12.52 -16.98
N SER A 69 1.11 -13.41 -17.23
CA SER A 69 -0.21 -13.29 -16.64
C SER A 69 -0.14 -13.36 -15.11
N ASN A 70 -0.55 -12.29 -14.46
CA ASN A 70 -0.53 -12.23 -12.99
C ASN A 70 -1.26 -10.99 -12.49
N LYS A 71 -2.13 -11.19 -11.51
CA LYS A 71 -2.90 -10.09 -10.93
C LYS A 71 -2.02 -8.84 -10.77
N HIS A 72 -2.64 -7.68 -10.94
CA HIS A 72 -1.92 -6.41 -10.81
C HIS A 72 -1.61 -6.10 -9.35
N VAL A 73 -0.42 -6.51 -8.91
CA VAL A 73 -0.01 -6.27 -7.53
C VAL A 73 1.42 -5.76 -7.47
N PHE A 74 1.64 -4.70 -6.69
CA PHE A 74 2.96 -4.11 -6.55
C PHE A 74 3.50 -4.32 -5.14
N ALA A 75 4.74 -4.80 -5.05
CA ALA A 75 5.37 -5.05 -3.77
C ALA A 75 6.18 -3.84 -3.30
N ILE A 76 6.15 -3.58 -2.00
CA ILE A 76 6.88 -2.45 -1.43
C ILE A 76 7.98 -2.92 -0.48
N PHE A 77 9.22 -2.58 -0.82
CA PHE A 77 10.36 -2.97 0.00
C PHE A 77 11.04 -1.74 0.60
N ASN A 78 11.79 -1.95 1.67
CA ASN A 78 12.51 -0.86 2.33
C ASN A 78 13.92 -0.72 1.78
N THR A 79 14.26 0.49 1.34
CA THR A 79 15.58 0.76 0.79
C THR A 79 16.68 0.46 1.81
N GLU A 80 16.27 0.24 3.06
CA GLU A 80 17.21 -0.07 4.14
C GLU A 80 17.35 -1.57 4.33
N GLN A 81 17.21 -2.33 3.25
CA GLN A 81 17.31 -3.78 3.31
C GLN A 81 16.75 -4.31 4.62
N ARG A 82 15.61 -3.76 5.04
CA ARG A 82 14.97 -4.18 6.28
C ARG A 82 13.48 -4.43 6.06
N ASN A 83 12.93 -5.35 6.84
CA ASN A 83 11.51 -5.70 6.74
C ASN A 83 10.64 -4.45 6.90
N VAL A 84 9.82 -4.18 5.90
CA VAL A 84 8.93 -3.02 5.94
C VAL A 84 7.77 -3.25 6.89
N TYR A 85 7.23 -4.47 6.87
CA TYR A 85 6.10 -4.81 7.73
C TYR A 85 6.58 -5.64 8.92
N LYS A 86 5.67 -5.88 9.86
CA LYS A 86 5.99 -6.66 11.05
C LYS A 86 7.01 -7.75 10.74
N ASP A 87 6.60 -8.70 9.91
CA ASP A 87 7.48 -9.80 9.52
C ASP A 87 7.70 -9.82 8.02
N LEU A 88 6.66 -9.46 7.27
CA LEU A 88 6.74 -9.43 5.82
C LEU A 88 7.77 -8.42 5.34
N ARG A 89 8.69 -8.86 4.49
CA ARG A 89 9.73 -7.99 3.97
C ARG A 89 9.15 -7.00 2.97
N GLN A 90 8.27 -7.48 2.10
CA GLN A 90 7.64 -6.62 1.09
C GLN A 90 6.14 -6.84 1.07
N ILE A 91 5.39 -5.80 1.39
CA ILE A 91 3.93 -5.86 1.40
C ILE A 91 3.38 -5.95 -0.03
N GLU A 92 2.60 -7.00 -0.28
CA GLU A 92 2.00 -7.20 -1.60
C GLU A 92 0.59 -6.61 -1.65
N LEU A 93 0.45 -5.52 -2.40
CA LEU A 93 -0.85 -4.86 -2.55
C LEU A 93 -1.46 -5.13 -3.92
N ALA A 94 -2.42 -6.05 -3.96
CA ALA A 94 -3.08 -6.41 -5.21
C ALA A 94 -4.33 -5.56 -5.42
N CYS A 95 -4.82 -5.54 -6.66
CA CYS A 95 -6.02 -4.77 -6.99
C CYS A 95 -6.90 -5.54 -7.96
N ASP A 96 -8.13 -5.04 -8.16
CA ASP A 96 -9.07 -5.68 -9.07
C ASP A 96 -8.58 -5.62 -10.50
N SER A 97 -8.27 -4.42 -10.96
CA SER A 97 -7.78 -4.22 -12.33
C SER A 97 -6.54 -3.34 -12.35
N GLN A 98 -5.92 -3.22 -13.51
CA GLN A 98 -4.71 -2.41 -13.67
C GLN A 98 -5.04 -0.93 -13.55
N GLU A 99 -6.15 -0.51 -14.17
CA GLU A 99 -6.57 0.88 -14.13
C GLU A 99 -6.36 1.47 -12.74
N ASP A 100 -6.74 0.72 -11.72
CA ASP A 100 -6.60 1.17 -10.35
C ASP A 100 -5.12 1.30 -9.96
N VAL A 101 -4.41 0.18 -9.98
CA VAL A 101 -2.99 0.16 -9.63
C VAL A 101 -2.25 1.33 -10.30
N ASP A 102 -2.33 1.39 -11.62
CA ASP A 102 -1.67 2.44 -12.38
C ASP A 102 -1.83 3.79 -11.68
N SER A 103 -3.06 4.08 -11.23
CA SER A 103 -3.34 5.34 -10.55
C SER A 103 -2.57 5.43 -9.24
N TRP A 104 -2.58 4.34 -8.47
CA TRP A 104 -1.88 4.30 -7.19
C TRP A 104 -0.40 4.63 -7.37
N LYS A 105 0.23 3.96 -8.33
CA LYS A 105 1.65 4.17 -8.60
C LYS A 105 1.95 5.66 -8.79
N ALA A 106 0.98 6.38 -9.35
CA ALA A 106 1.14 7.80 -9.59
C ALA A 106 1.00 8.60 -8.30
N SER A 107 0.02 8.21 -7.47
CA SER A 107 -0.22 8.89 -6.20
C SER A 107 1.02 8.84 -5.32
N PHE A 108 1.80 7.77 -5.46
CA PHE A 108 3.02 7.61 -4.66
C PHE A 108 4.08 8.62 -5.08
N LEU A 109 4.18 8.86 -6.38
CA LEU A 109 5.14 9.82 -6.91
C LEU A 109 5.02 11.16 -6.21
N ARG A 110 3.79 11.63 -6.05
CA ARG A 110 3.54 12.91 -5.38
C ARG A 110 4.35 13.02 -4.10
N ALA A 111 4.34 11.96 -3.31
CA ALA A 111 5.07 11.94 -2.05
C ALA A 111 6.58 11.96 -2.27
N GLY A 112 7.01 11.35 -3.37
CA GLY A 112 8.42 11.30 -3.69
C GLY A 112 8.95 9.89 -3.83
N VAL A 113 8.13 9.01 -4.39
CA VAL A 113 8.51 7.62 -4.58
C VAL A 113 8.70 7.29 -6.06
N GLY A 1 1.05 18.14 18.44
CA GLY A 1 2.22 18.99 18.58
C GLY A 1 2.33 20.02 17.48
N SER A 2 2.31 19.56 16.24
CA SER A 2 2.40 20.45 15.09
C SER A 2 1.46 20.00 13.97
N SER A 3 0.68 20.95 13.45
CA SER A 3 -0.27 20.66 12.39
C SER A 3 0.11 21.40 11.11
N GLY A 4 -0.49 20.99 9.99
CA GLY A 4 -0.20 21.61 8.72
C GLY A 4 -1.28 21.35 7.68
N SER A 5 -0.86 21.10 6.45
CA SER A 5 -1.79 20.83 5.37
C SER A 5 -1.84 19.34 5.04
N SER A 6 -2.90 18.68 5.49
CA SER A 6 -3.06 17.25 5.25
C SER A 6 -3.89 16.99 3.99
N GLY A 7 -3.20 16.95 2.85
CA GLY A 7 -3.89 16.72 1.60
C GLY A 7 -3.73 15.30 1.10
N VAL A 8 -4.83 14.57 1.01
CA VAL A 8 -4.81 13.19 0.55
C VAL A 8 -4.48 13.11 -0.93
N ILE A 9 -3.68 12.11 -1.30
CA ILE A 9 -3.28 11.92 -2.69
C ILE A 9 -3.97 10.70 -3.30
N ARG A 10 -4.34 9.75 -2.44
CA ARG A 10 -5.01 8.53 -2.90
C ARG A 10 -5.44 7.68 -1.71
N ARG A 11 -6.60 7.04 -1.84
CA ARG A 11 -7.13 6.19 -0.78
C ARG A 11 -8.25 5.29 -1.30
N GLY A 12 -8.22 4.03 -0.93
CA GLY A 12 -9.23 3.08 -1.37
C GLY A 12 -9.19 1.78 -0.60
N TRP A 13 -9.93 0.79 -1.08
CA TRP A 13 -9.98 -0.51 -0.42
C TRP A 13 -9.08 -1.52 -1.14
N LEU A 14 -7.97 -1.86 -0.50
CA LEU A 14 -7.02 -2.82 -1.08
C LEU A 14 -7.03 -4.13 -0.29
N THR A 15 -6.20 -5.07 -0.72
CA THR A 15 -6.11 -6.37 -0.07
C THR A 15 -4.67 -6.86 -0.01
N ILE A 16 -4.16 -7.04 1.21
CA ILE A 16 -2.79 -7.50 1.40
C ILE A 16 -2.64 -8.96 0.99
N ASN A 17 -1.90 -9.19 -0.09
CA ASN A 17 -1.68 -10.54 -0.60
C ASN A 17 -0.86 -11.36 0.40
N ASN A 18 0.34 -10.88 0.71
CA ASN A 18 1.21 -11.58 1.64
C ASN A 18 0.42 -12.19 2.78
N ILE A 19 -0.08 -11.36 3.68
CA ILE A 19 -0.86 -11.82 4.82
C ILE A 19 -1.87 -12.88 4.39
N SER A 20 -2.27 -13.72 5.33
CA SER A 20 -3.23 -14.79 5.04
C SER A 20 -4.24 -14.92 6.18
N LEU A 21 -5.50 -15.14 5.81
CA LEU A 21 -6.56 -15.28 6.80
C LEU A 21 -6.47 -16.62 7.52
N MET A 22 -6.62 -16.59 8.85
CA MET A 22 -6.54 -17.80 9.65
C MET A 22 -7.91 -18.14 10.23
N LYS A 23 -8.74 -18.81 9.43
CA LYS A 23 -10.08 -19.21 9.87
C LYS A 23 -10.95 -17.98 10.11
N GLY A 24 -11.06 -17.13 9.08
CA GLY A 24 -11.87 -15.94 9.20
C GLY A 24 -12.48 -15.52 7.87
N GLY A 25 -11.97 -14.43 7.31
CA GLY A 25 -12.48 -13.94 6.05
C GLY A 25 -11.42 -13.26 5.21
N SER A 26 -11.83 -12.61 4.12
CA SER A 26 -10.91 -11.91 3.24
C SER A 26 -9.99 -10.99 4.04
N LYS A 27 -8.91 -10.54 3.40
CA LYS A 27 -7.95 -9.65 4.04
C LYS A 27 -7.96 -8.28 3.38
N GLU A 28 -9.10 -7.61 3.43
CA GLU A 28 -9.23 -6.28 2.82
C GLU A 28 -8.96 -5.19 3.85
N TYR A 29 -8.38 -4.09 3.40
CA TYR A 29 -8.05 -2.97 4.28
C TYR A 29 -8.24 -1.65 3.56
N TRP A 30 -8.29 -0.57 4.34
CA TRP A 30 -8.46 0.77 3.77
C TRP A 30 -7.15 1.54 3.77
N PHE A 31 -6.39 1.42 2.68
CA PHE A 31 -5.11 2.10 2.54
C PHE A 31 -5.32 3.55 2.11
N VAL A 32 -4.73 4.47 2.87
CA VAL A 32 -4.84 5.89 2.58
C VAL A 32 -3.46 6.51 2.35
N LEU A 33 -3.08 6.61 1.09
CA LEU A 33 -1.78 7.19 0.73
C LEU A 33 -1.83 8.70 0.80
N THR A 34 -1.01 9.28 1.69
CA THR A 34 -0.97 10.72 1.86
C THR A 34 0.47 11.22 1.84
N ALA A 35 0.65 12.48 1.46
CA ALA A 35 1.98 13.09 1.39
C ALA A 35 2.76 12.81 2.68
N GLU A 36 2.06 12.80 3.81
CA GLU A 36 2.69 12.56 5.10
C GLU A 36 3.16 11.11 5.21
N SER A 37 2.20 10.19 5.22
CA SER A 37 2.51 8.76 5.31
C SER A 37 1.36 7.91 4.80
N LEU A 38 1.59 6.61 4.69
CA LEU A 38 0.57 5.69 4.20
C LEU A 38 0.12 4.74 5.31
N SER A 39 -1.14 4.87 5.72
CA SER A 39 -1.69 4.03 6.77
C SER A 39 -2.95 3.31 6.29
N TRP A 40 -3.15 2.09 6.76
CA TRP A 40 -4.31 1.30 6.39
C TRP A 40 -5.25 1.11 7.57
N TYR A 41 -6.52 1.47 7.37
CA TYR A 41 -7.52 1.35 8.42
C TYR A 41 -8.51 0.23 8.11
N LYS A 42 -9.48 0.05 8.99
CA LYS A 42 -10.50 -0.99 8.81
C LYS A 42 -11.71 -0.44 8.05
N ASP A 43 -11.93 0.87 8.18
CA ASP A 43 -13.05 1.52 7.51
C ASP A 43 -12.62 2.83 6.87
N GLU A 44 -13.39 3.30 5.89
CA GLU A 44 -13.09 4.53 5.19
C GLU A 44 -13.00 5.70 6.17
N GLU A 45 -13.62 5.54 7.34
CA GLU A 45 -13.61 6.58 8.35
C GLU A 45 -12.21 6.79 8.91
N GLU A 46 -11.33 5.81 8.66
CA GLU A 46 -9.95 5.90 9.14
C GLU A 46 -9.91 6.23 10.63
N LYS A 47 -10.75 5.55 11.40
CA LYS A 47 -10.80 5.76 12.84
C LYS A 47 -9.94 4.74 13.59
N GLU A 48 -9.99 3.50 13.14
CA GLU A 48 -9.21 2.43 13.76
C GLU A 48 -7.94 2.16 12.97
N LYS A 49 -6.90 2.95 13.24
CA LYS A 49 -5.63 2.79 12.55
C LYS A 49 -4.88 1.55 13.04
N LYS A 50 -4.57 0.65 12.13
CA LYS A 50 -3.86 -0.57 12.47
C LYS A 50 -2.35 -0.33 12.57
N TYR A 51 -1.77 0.17 11.50
CA TYR A 51 -0.34 0.46 11.47
C TYR A 51 -0.02 1.56 10.46
N MET A 52 0.90 2.44 10.82
CA MET A 52 1.30 3.54 9.95
C MET A 52 2.67 3.28 9.35
N LEU A 53 2.84 3.65 8.08
CA LEU A 53 4.11 3.46 7.39
C LEU A 53 4.49 4.71 6.60
N PRO A 54 5.75 5.14 6.74
CA PRO A 54 6.27 6.32 6.03
C PRO A 54 6.41 6.09 4.53
N LEU A 55 6.80 7.14 3.82
CA LEU A 55 6.98 7.05 2.37
C LEU A 55 8.34 7.58 1.95
N ASP A 56 9.32 7.46 2.85
CA ASP A 56 10.68 7.92 2.57
C ASP A 56 11.63 6.74 2.45
N ASN A 57 11.43 5.74 3.30
CA ASN A 57 12.28 4.55 3.28
C ASN A 57 11.59 3.38 2.59
N LEU A 58 10.72 3.70 1.63
CA LEU A 58 9.98 2.69 0.88
C LEU A 58 10.30 2.78 -0.60
N LYS A 59 9.83 1.79 -1.36
CA LYS A 59 10.06 1.76 -2.80
C LYS A 59 9.18 0.71 -3.46
N ILE A 60 8.85 0.93 -4.73
CA ILE A 60 8.02 -0.01 -5.49
C ILE A 60 8.79 -0.62 -6.65
N ARG A 61 8.62 -1.92 -6.85
CA ARG A 61 9.30 -2.62 -7.92
C ARG A 61 8.38 -3.65 -8.56
N ASP A 62 8.56 -3.89 -9.86
CA ASP A 62 7.75 -4.85 -10.60
C ASP A 62 8.01 -6.26 -10.09
N VAL A 63 7.02 -6.84 -9.39
CA VAL A 63 7.14 -8.19 -8.85
C VAL A 63 6.65 -9.22 -9.86
N GLU A 64 7.21 -10.42 -9.78
CA GLU A 64 6.83 -11.50 -10.68
C GLU A 64 5.34 -11.43 -11.02
N LYS A 65 5.02 -11.57 -12.30
CA LYS A 65 3.63 -11.53 -12.75
C LYS A 65 3.14 -12.91 -13.15
N GLY A 66 3.21 -13.85 -12.22
CA GLY A 66 2.78 -15.21 -12.49
C GLY A 66 3.49 -15.82 -13.68
N PHE A 67 3.39 -17.13 -13.81
CA PHE A 67 4.04 -17.84 -14.91
C PHE A 67 3.59 -17.28 -16.25
N MET A 68 2.29 -17.34 -16.51
CA MET A 68 1.74 -16.84 -17.76
C MET A 68 1.18 -15.43 -17.58
N SER A 69 0.21 -15.30 -16.68
CA SER A 69 -0.42 -14.00 -16.43
C SER A 69 -1.21 -14.05 -15.13
N ASN A 70 -1.06 -13.01 -14.31
CA ASN A 70 -1.76 -12.92 -13.03
C ASN A 70 -2.36 -11.53 -12.84
N LYS A 71 -3.20 -11.39 -11.83
CA LYS A 71 -3.84 -10.12 -11.53
C LYS A 71 -2.81 -9.03 -11.32
N HIS A 72 -3.28 -7.81 -11.04
CA HIS A 72 -2.38 -6.68 -10.82
C HIS A 72 -2.04 -6.54 -9.34
N VAL A 73 -0.77 -6.76 -9.02
CA VAL A 73 -0.30 -6.65 -7.64
C VAL A 73 1.17 -6.23 -7.58
N PHE A 74 1.44 -5.18 -6.80
CA PHE A 74 2.80 -4.68 -6.66
C PHE A 74 3.33 -4.91 -5.25
N ALA A 75 4.64 -4.90 -5.11
CA ALA A 75 5.28 -5.12 -3.81
C ALA A 75 6.02 -3.87 -3.35
N ILE A 76 6.13 -3.70 -2.04
CA ILE A 76 6.82 -2.54 -1.47
C ILE A 76 7.93 -2.98 -0.52
N PHE A 77 9.15 -2.58 -0.81
CA PHE A 77 10.30 -2.92 0.02
C PHE A 77 10.91 -1.68 0.65
N ASN A 78 11.69 -1.88 1.71
CA ASN A 78 12.34 -0.77 2.41
C ASN A 78 13.72 -0.49 1.82
N THR A 79 13.84 0.67 1.17
CA THR A 79 15.10 1.07 0.55
C THR A 79 16.29 0.74 1.47
N GLU A 80 16.06 0.83 2.78
CA GLU A 80 17.11 0.54 3.75
C GLU A 80 17.20 -0.95 4.01
N GLN A 81 18.13 -1.33 4.89
CA GLN A 81 18.33 -2.74 5.24
C GLN A 81 17.48 -3.13 6.44
N ARG A 82 16.17 -3.05 6.28
CA ARG A 82 15.24 -3.39 7.35
C ARG A 82 13.99 -4.07 6.79
N ASN A 83 13.07 -4.42 7.69
CA ASN A 83 11.82 -5.07 7.29
C ASN A 83 10.67 -4.07 7.27
N VAL A 84 10.14 -3.81 6.07
CA VAL A 84 9.03 -2.88 5.91
C VAL A 84 7.86 -3.26 6.81
N TYR A 85 7.67 -4.56 7.01
CA TYR A 85 6.59 -5.05 7.85
C TYR A 85 7.13 -5.86 9.03
N LYS A 86 6.22 -6.34 9.87
CA LYS A 86 6.61 -7.12 11.04
C LYS A 86 7.75 -8.07 10.70
N ASP A 87 7.52 -8.94 9.72
CA ASP A 87 8.54 -9.90 9.30
C ASP A 87 8.71 -9.87 7.78
N LEU A 88 7.62 -9.63 7.07
CA LEU A 88 7.66 -9.58 5.61
C LEU A 88 8.67 -8.54 5.13
N ARG A 89 9.56 -8.96 4.25
CA ARG A 89 10.58 -8.07 3.70
C ARG A 89 9.96 -7.01 2.80
N GLN A 90 8.79 -7.33 2.24
CA GLN A 90 8.09 -6.40 1.37
C GLN A 90 6.58 -6.66 1.39
N ILE A 91 5.81 -5.61 1.60
CA ILE A 91 4.36 -5.72 1.64
C ILE A 91 3.76 -5.68 0.24
N GLU A 92 2.97 -6.70 -0.09
CA GLU A 92 2.34 -6.79 -1.40
C GLU A 92 0.91 -6.26 -1.34
N LEU A 93 0.46 -5.67 -2.44
CA LEU A 93 -0.90 -5.13 -2.52
C LEU A 93 -1.54 -5.46 -3.86
N ALA A 94 -2.65 -6.19 -3.81
CA ALA A 94 -3.37 -6.58 -5.02
C ALA A 94 -4.49 -5.60 -5.33
N CYS A 95 -4.68 -5.30 -6.61
CA CYS A 95 -5.72 -4.37 -7.04
C CYS A 95 -6.77 -5.09 -7.88
N ASP A 96 -7.78 -4.34 -8.31
CA ASP A 96 -8.86 -4.90 -9.12
C ASP A 96 -8.48 -4.88 -10.61
N SER A 97 -8.01 -3.73 -11.07
CA SER A 97 -7.62 -3.58 -12.47
C SER A 97 -6.47 -2.58 -12.60
N GLN A 98 -5.81 -2.61 -13.76
CA GLN A 98 -4.70 -1.71 -14.02
C GLN A 98 -5.02 -0.29 -13.59
N GLU A 99 -6.19 0.20 -14.00
CA GLU A 99 -6.62 1.54 -13.66
C GLU A 99 -6.25 1.89 -12.22
N ASP A 100 -6.61 1.00 -11.30
CA ASP A 100 -6.32 1.20 -9.88
C ASP A 100 -4.82 1.30 -9.65
N VAL A 101 -4.09 0.27 -10.09
CA VAL A 101 -2.64 0.24 -9.92
C VAL A 101 -1.99 1.50 -10.49
N ASP A 102 -2.04 1.64 -11.81
CA ASP A 102 -1.46 2.80 -12.48
C ASP A 102 -1.67 4.06 -11.66
N SER A 103 -2.87 4.22 -11.13
CA SER A 103 -3.21 5.39 -10.33
C SER A 103 -2.39 5.41 -9.03
N TRP A 104 -2.41 4.28 -8.32
CA TRP A 104 -1.68 4.16 -7.06
C TRP A 104 -0.23 4.55 -7.24
N LYS A 105 0.48 3.82 -8.10
CA LYS A 105 1.89 4.09 -8.37
C LYS A 105 2.12 5.57 -8.64
N ALA A 106 1.31 6.13 -9.54
CA ALA A 106 1.43 7.54 -9.89
C ALA A 106 1.15 8.44 -8.69
N SER A 107 0.26 7.98 -7.81
CA SER A 107 -0.10 8.73 -6.62
C SER A 107 1.09 8.83 -5.66
N PHE A 108 1.77 7.71 -5.46
CA PHE A 108 2.92 7.66 -4.57
C PHE A 108 3.92 8.77 -4.92
N LEU A 109 4.23 8.89 -6.20
CA LEU A 109 5.17 9.92 -6.66
C LEU A 109 4.89 11.25 -6.00
N ARG A 110 3.64 11.70 -6.07
CA ARG A 110 3.24 12.97 -5.48
C ARG A 110 3.63 13.02 -4.00
N ALA A 111 3.70 11.85 -3.37
CA ALA A 111 4.05 11.76 -1.97
C ALA A 111 5.56 11.84 -1.77
N GLY A 112 6.31 11.61 -2.85
CA GLY A 112 7.75 11.66 -2.77
C GLY A 112 8.37 10.28 -2.60
N VAL A 113 7.78 9.28 -3.24
CA VAL A 113 8.27 7.91 -3.15
C VAL A 113 9.58 7.75 -3.92
N GLY A 1 -6.03 15.22 10.68
CA GLY A 1 -6.28 16.48 10.01
C GLY A 1 -7.75 16.70 9.73
N SER A 2 -8.28 17.83 10.18
CA SER A 2 -9.68 18.15 9.98
C SER A 2 -9.90 18.88 8.66
N SER A 3 -9.02 19.83 8.36
CA SER A 3 -9.10 20.60 7.13
C SER A 3 -7.72 20.92 6.59
N GLY A 4 -7.58 20.89 5.26
CA GLY A 4 -6.30 21.17 4.65
C GLY A 4 -6.28 20.80 3.17
N SER A 5 -6.42 21.81 2.32
CA SER A 5 -6.43 21.59 0.86
C SER A 5 -5.19 20.81 0.44
N SER A 6 -5.15 20.44 -0.84
CA SER A 6 -4.02 19.68 -1.37
C SER A 6 -3.50 18.68 -0.35
N GLY A 7 -4.43 18.02 0.33
CA GLY A 7 -4.04 17.03 1.34
C GLY A 7 -3.99 15.63 0.78
N VAL A 8 -4.95 14.80 1.16
CA VAL A 8 -5.00 13.42 0.69
C VAL A 8 -4.60 13.32 -0.78
N ILE A 9 -3.83 12.30 -1.10
CA ILE A 9 -3.38 12.08 -2.47
C ILE A 9 -4.16 10.95 -3.14
N ARG A 10 -4.49 9.93 -2.37
CA ARG A 10 -5.23 8.79 -2.88
C ARG A 10 -5.82 7.96 -1.73
N ARG A 11 -6.91 7.26 -2.02
CA ARG A 11 -7.56 6.42 -1.01
C ARG A 11 -8.37 5.31 -1.68
N GLY A 12 -8.39 4.14 -1.06
CA GLY A 12 -9.14 3.02 -1.60
C GLY A 12 -8.92 1.74 -0.81
N TRP A 13 -9.82 0.79 -0.97
CA TRP A 13 -9.73 -0.49 -0.26
C TRP A 13 -8.81 -1.45 -1.02
N LEU A 14 -7.77 -1.92 -0.35
CA LEU A 14 -6.82 -2.85 -0.95
C LEU A 14 -6.81 -4.17 -0.21
N THR A 15 -6.44 -5.24 -0.91
CA THR A 15 -6.39 -6.56 -0.33
C THR A 15 -4.95 -7.06 -0.21
N ILE A 16 -4.48 -7.20 1.03
CA ILE A 16 -3.12 -7.66 1.28
C ILE A 16 -2.95 -9.11 0.84
N ASN A 17 -2.54 -9.31 -0.41
CA ASN A 17 -2.34 -10.66 -0.94
C ASN A 17 -1.47 -11.49 0.00
N ASN A 18 -0.29 -10.98 0.30
CA ASN A 18 0.65 -11.68 1.19
C ASN A 18 -0.11 -12.43 2.27
N ILE A 19 -0.70 -11.70 3.20
CA ILE A 19 -1.46 -12.30 4.29
C ILE A 19 -2.22 -13.54 3.82
N SER A 20 -2.19 -14.59 4.63
CA SER A 20 -2.88 -15.84 4.29
C SER A 20 -4.22 -15.56 3.62
N LEU A 21 -4.73 -16.54 2.90
CA LEU A 21 -6.00 -16.40 2.19
C LEU A 21 -6.99 -17.48 2.66
N MET A 22 -8.26 -17.28 2.31
CA MET A 22 -9.30 -18.23 2.68
C MET A 22 -9.35 -18.42 4.19
N LYS A 23 -9.18 -17.33 4.93
CA LYS A 23 -9.21 -17.36 6.39
C LYS A 23 -10.39 -16.56 6.93
N GLY A 24 -11.35 -17.27 7.53
CA GLY A 24 -12.51 -16.61 8.08
C GLY A 24 -12.18 -15.29 8.75
N GLY A 25 -12.60 -14.20 8.14
CA GLY A 25 -12.32 -12.88 8.70
C GLY A 25 -12.43 -11.77 7.67
N SER A 26 -11.39 -10.95 7.57
CA SER A 26 -11.38 -9.85 6.62
C SER A 26 -9.94 -9.47 6.27
N LYS A 27 -9.61 -9.58 4.98
CA LYS A 27 -8.27 -9.24 4.51
C LYS A 27 -8.24 -7.84 3.91
N GLU A 28 -9.41 -7.33 3.54
CA GLU A 28 -9.52 -6.00 2.96
C GLU A 28 -9.36 -4.92 4.03
N TYR A 29 -8.63 -3.87 3.69
CA TYR A 29 -8.40 -2.77 4.62
C TYR A 29 -8.63 -1.42 3.95
N TRP A 30 -8.45 -0.34 4.70
CA TRP A 30 -8.64 1.01 4.18
C TRP A 30 -7.31 1.74 4.07
N PHE A 31 -6.66 1.62 2.92
CA PHE A 31 -5.38 2.27 2.70
C PHE A 31 -5.57 3.75 2.35
N VAL A 32 -4.93 4.62 3.13
CA VAL A 32 -5.03 6.05 2.89
C VAL A 32 -3.66 6.67 2.62
N LEU A 33 -3.38 6.93 1.35
CA LEU A 33 -2.11 7.51 0.95
C LEU A 33 -2.14 9.03 1.05
N THR A 34 -1.09 9.62 1.62
CA THR A 34 -1.00 11.05 1.77
C THR A 34 0.42 11.55 1.55
N ALA A 35 0.59 12.87 1.48
CA ALA A 35 1.89 13.47 1.27
C ALA A 35 2.80 13.25 2.49
N GLU A 36 2.20 12.84 3.59
CA GLU A 36 2.96 12.60 4.82
C GLU A 36 3.34 11.13 4.95
N SER A 37 2.34 10.27 5.03
CA SER A 37 2.57 8.83 5.15
C SER A 37 1.36 8.04 4.67
N LEU A 38 1.53 6.73 4.56
CA LEU A 38 0.44 5.85 4.12
C LEU A 38 0.05 4.87 5.22
N SER A 39 -1.15 5.08 5.77
CA SER A 39 -1.65 4.21 6.83
C SER A 39 -2.90 3.47 6.38
N TRP A 40 -3.15 2.32 7.01
CA TRP A 40 -4.32 1.51 6.67
C TRP A 40 -5.13 1.17 7.92
N TYR A 41 -6.44 1.39 7.85
CA TYR A 41 -7.32 1.11 8.98
C TYR A 41 -8.40 0.10 8.59
N LYS A 42 -9.32 -0.14 9.51
CA LYS A 42 -10.41 -1.09 9.26
C LYS A 42 -11.35 -0.56 8.18
N ASP A 43 -11.76 0.70 8.32
CA ASP A 43 -12.65 1.32 7.36
C ASP A 43 -12.22 2.76 7.06
N GLU A 44 -13.03 3.46 6.27
CA GLU A 44 -12.73 4.83 5.90
C GLU A 44 -12.91 5.77 7.10
N GLU A 45 -13.50 5.24 8.17
CA GLU A 45 -13.73 6.03 9.38
C GLU A 45 -12.47 6.14 10.21
N GLU A 46 -11.57 5.17 10.04
CA GLU A 46 -10.31 5.17 10.78
C GLU A 46 -10.56 5.09 12.29
N LYS A 47 -11.35 4.10 12.70
CA LYS A 47 -11.66 3.91 14.11
C LYS A 47 -10.45 3.44 14.88
N GLU A 48 -9.74 2.46 14.33
CA GLU A 48 -8.56 1.91 14.98
C GLU A 48 -7.45 1.64 13.95
N LYS A 49 -6.44 2.49 13.95
CA LYS A 49 -5.33 2.36 13.02
C LYS A 49 -4.61 1.01 13.22
N LYS A 50 -4.29 0.36 12.11
CA LYS A 50 -3.61 -0.94 12.15
C LYS A 50 -2.11 -0.75 12.24
N TYR A 51 -1.54 -0.10 11.22
CA TYR A 51 -0.10 0.13 11.18
C TYR A 51 0.23 1.27 10.22
N MET A 52 1.02 2.23 10.71
CA MET A 52 1.42 3.38 9.88
C MET A 52 2.71 3.08 9.13
N LEU A 53 2.79 3.59 7.90
CA LEU A 53 3.97 3.38 7.06
C LEU A 53 4.27 4.62 6.23
N PRO A 54 5.44 5.24 6.49
CA PRO A 54 5.87 6.44 5.76
C PRO A 54 6.22 6.15 4.31
N LEU A 55 6.62 7.18 3.58
CA LEU A 55 6.99 7.04 2.18
C LEU A 55 8.41 7.55 1.93
N ASP A 56 9.25 7.46 2.96
CA ASP A 56 10.63 7.92 2.86
C ASP A 56 11.59 6.74 2.77
N ASN A 57 11.38 5.75 3.65
CA ASN A 57 12.22 4.56 3.68
C ASN A 57 11.56 3.40 2.93
N LEU A 58 10.69 3.74 1.99
CA LEU A 58 9.98 2.74 1.19
C LEU A 58 10.44 2.77 -0.26
N LYS A 59 9.96 1.82 -1.05
CA LYS A 59 10.32 1.74 -2.46
C LYS A 59 9.45 0.71 -3.18
N ILE A 60 9.13 0.99 -4.44
CA ILE A 60 8.32 0.09 -5.24
C ILE A 60 9.14 -0.55 -6.36
N ARG A 61 8.91 -1.84 -6.59
CA ARG A 61 9.62 -2.56 -7.64
C ARG A 61 8.67 -3.46 -8.43
N ASP A 62 9.11 -3.89 -9.60
CA ASP A 62 8.30 -4.76 -10.45
C ASP A 62 8.38 -6.21 -9.99
N VAL A 63 7.23 -6.76 -9.61
CA VAL A 63 7.16 -8.14 -9.15
C VAL A 63 7.65 -9.11 -10.22
N GLU A 64 8.61 -9.96 -9.85
CA GLU A 64 9.17 -10.93 -10.78
C GLU A 64 8.08 -11.86 -11.32
N LYS A 65 7.89 -11.84 -12.63
CA LYS A 65 6.88 -12.66 -13.28
C LYS A 65 7.48 -13.49 -14.41
N GLY A 66 6.75 -14.49 -14.87
CA GLY A 66 7.23 -15.33 -15.95
C GLY A 66 6.39 -15.20 -17.21
N PHE A 67 5.69 -16.27 -17.56
CA PHE A 67 4.84 -16.28 -18.75
C PHE A 67 3.45 -16.81 -18.42
N MET A 68 2.90 -16.36 -17.30
CA MET A 68 1.57 -16.79 -16.87
C MET A 68 0.66 -15.59 -16.63
N SER A 69 -0.64 -15.82 -16.68
CA SER A 69 -1.62 -14.75 -16.47
C SER A 69 -1.64 -14.31 -15.00
N ASN A 70 -0.98 -13.20 -14.73
CA ASN A 70 -0.90 -12.66 -13.37
C ASN A 70 -1.76 -11.41 -13.24
N LYS A 71 -2.21 -11.13 -12.02
CA LYS A 71 -3.03 -9.96 -11.75
C LYS A 71 -2.17 -8.72 -11.55
N HIS A 72 -2.82 -7.58 -11.34
CA HIS A 72 -2.10 -6.33 -11.13
C HIS A 72 -1.82 -6.09 -9.65
N VAL A 73 -0.62 -6.47 -9.21
CA VAL A 73 -0.22 -6.31 -7.81
C VAL A 73 1.23 -5.87 -7.71
N PHE A 74 1.49 -4.88 -6.85
CA PHE A 74 2.83 -4.37 -6.65
C PHE A 74 3.33 -4.69 -5.24
N ALA A 75 4.65 -4.71 -5.08
CA ALA A 75 5.25 -5.00 -3.79
C ALA A 75 6.01 -3.78 -3.25
N ILE A 76 5.95 -3.59 -1.94
CA ILE A 76 6.62 -2.46 -1.31
C ILE A 76 7.68 -2.95 -0.32
N PHE A 77 8.92 -2.52 -0.52
CA PHE A 77 10.02 -2.91 0.35
C PHE A 77 10.67 -1.67 0.97
N ASN A 78 11.27 -1.87 2.15
CA ASN A 78 11.93 -0.77 2.86
C ASN A 78 13.40 -0.66 2.43
N THR A 79 13.73 0.44 1.77
CA THR A 79 15.10 0.67 1.30
C THR A 79 16.11 0.20 2.36
N GLU A 80 15.89 0.62 3.60
CA GLU A 80 16.79 0.25 4.69
C GLU A 80 16.81 -1.27 4.89
N GLN A 81 17.54 -1.71 5.90
CA GLN A 81 17.66 -3.13 6.20
C GLN A 81 16.37 -3.65 6.85
N ARG A 82 15.69 -2.78 7.59
CA ARG A 82 14.45 -3.16 8.26
C ARG A 82 13.40 -3.59 7.24
N ASN A 83 12.34 -4.25 7.72
CA ASN A 83 11.27 -4.71 6.86
C ASN A 83 10.12 -3.72 6.83
N VAL A 84 9.07 -4.05 6.09
CA VAL A 84 7.90 -3.18 5.98
C VAL A 84 6.78 -3.67 6.91
N TYR A 85 6.64 -4.97 7.03
CA TYR A 85 5.62 -5.55 7.88
C TYR A 85 6.23 -6.37 9.01
N LYS A 86 5.38 -7.02 9.81
CA LYS A 86 5.85 -7.83 10.92
C LYS A 86 6.89 -8.84 10.46
N ASP A 87 6.47 -9.77 9.62
CA ASP A 87 7.37 -10.80 9.10
C ASP A 87 7.28 -10.89 7.57
N LEU A 88 7.34 -9.73 6.91
CA LEU A 88 7.25 -9.68 5.46
C LEU A 88 8.21 -8.63 4.90
N ARG A 89 9.31 -9.09 4.31
CA ARG A 89 10.30 -8.19 3.74
C ARG A 89 9.66 -7.24 2.73
N GLN A 90 8.49 -7.63 2.23
CA GLN A 90 7.76 -6.81 1.25
C GLN A 90 6.27 -7.12 1.30
N ILE A 91 5.46 -6.06 1.25
CA ILE A 91 4.01 -6.20 1.29
C ILE A 91 3.42 -6.16 -0.12
N GLU A 92 2.63 -7.18 -0.46
CA GLU A 92 2.00 -7.24 -1.77
C GLU A 92 0.58 -6.71 -1.72
N LEU A 93 0.29 -5.73 -2.57
CA LEU A 93 -1.03 -5.13 -2.63
C LEU A 93 -1.70 -5.40 -3.98
N ALA A 94 -2.75 -6.21 -3.97
CA ALA A 94 -3.47 -6.53 -5.19
C ALA A 94 -4.66 -5.59 -5.39
N CYS A 95 -4.96 -5.29 -6.65
CA CYS A 95 -6.06 -4.40 -6.98
C CYS A 95 -7.05 -5.08 -7.92
N ASP A 96 -8.13 -4.39 -8.24
CA ASP A 96 -9.16 -4.93 -9.12
C ASP A 96 -8.65 -5.03 -10.56
N SER A 97 -8.07 -3.95 -11.05
CA SER A 97 -7.53 -3.91 -12.41
C SER A 97 -6.34 -2.96 -12.51
N GLN A 98 -5.64 -3.01 -13.64
CA GLN A 98 -4.48 -2.15 -13.85
C GLN A 98 -4.83 -0.70 -13.59
N GLU A 99 -5.95 -0.24 -14.14
CA GLU A 99 -6.39 1.14 -13.96
C GLU A 99 -6.13 1.61 -12.54
N ASP A 100 -6.50 0.79 -11.56
CA ASP A 100 -6.30 1.13 -10.16
C ASP A 100 -4.82 1.26 -9.84
N VAL A 101 -4.06 0.22 -10.12
CA VAL A 101 -2.62 0.22 -9.87
C VAL A 101 -1.96 1.46 -10.45
N ASP A 102 -2.08 1.62 -11.77
CA ASP A 102 -1.50 2.77 -12.45
C ASP A 102 -1.64 4.03 -11.61
N SER A 103 -2.85 4.27 -11.13
CA SER A 103 -3.12 5.46 -10.31
C SER A 103 -2.38 5.38 -8.98
N TRP A 104 -2.45 4.22 -8.34
CA TRP A 104 -1.80 4.03 -7.05
C TRP A 104 -0.30 4.35 -7.15
N LYS A 105 0.33 3.89 -8.22
CA LYS A 105 1.76 4.14 -8.43
C LYS A 105 2.02 5.61 -8.70
N ALA A 106 1.17 6.21 -9.53
CA ALA A 106 1.30 7.62 -9.88
C ALA A 106 1.02 8.51 -8.68
N SER A 107 0.28 7.97 -7.71
CA SER A 107 -0.06 8.72 -6.50
C SER A 107 1.08 8.68 -5.49
N PHE A 108 2.00 7.73 -5.69
CA PHE A 108 3.15 7.59 -4.80
C PHE A 108 4.26 8.54 -5.18
N LEU A 109 4.30 8.91 -6.46
CA LEU A 109 5.33 9.82 -6.96
C LEU A 109 5.11 11.23 -6.42
N ARG A 110 3.86 11.67 -6.39
CA ARG A 110 3.52 12.99 -5.88
C ARG A 110 3.96 13.16 -4.43
N ALA A 111 3.86 12.07 -3.66
CA ALA A 111 4.25 12.10 -2.26
C ALA A 111 5.77 12.16 -2.11
N GLY A 112 6.48 11.55 -3.05
CA GLY A 112 7.93 11.55 -3.00
C GLY A 112 8.51 10.15 -2.93
N VAL A 113 7.90 9.21 -3.66
CA VAL A 113 8.35 7.82 -3.66
C VAL A 113 9.13 7.51 -4.94
N GLY A 1 -0.99 24.52 -12.28
CA GLY A 1 -1.06 24.69 -10.85
C GLY A 1 -1.57 23.45 -10.14
N SER A 2 -1.95 23.60 -8.86
CA SER A 2 -2.46 22.48 -8.08
C SER A 2 -3.84 22.81 -7.52
N SER A 3 -4.73 21.82 -7.58
CA SER A 3 -6.09 21.99 -7.07
C SER A 3 -6.09 22.73 -5.74
N GLY A 4 -5.34 22.20 -4.78
CA GLY A 4 -5.26 22.83 -3.47
C GLY A 4 -4.49 21.98 -2.48
N SER A 5 -4.84 22.10 -1.20
CA SER A 5 -4.17 21.35 -0.15
C SER A 5 -5.16 20.50 0.63
N SER A 6 -6.11 19.91 -0.07
CA SER A 6 -7.13 19.07 0.56
C SER A 6 -6.49 18.11 1.57
N GLY A 7 -5.33 17.59 1.22
CA GLY A 7 -4.64 16.66 2.09
C GLY A 7 -4.43 15.29 1.47
N VAL A 8 -5.18 14.31 1.95
CA VAL A 8 -5.08 12.95 1.43
C VAL A 8 -4.77 12.96 -0.07
N ILE A 9 -4.04 11.95 -0.53
CA ILE A 9 -3.69 11.83 -1.94
C ILE A 9 -4.58 10.84 -2.66
N ARG A 10 -4.92 9.75 -1.97
CA ARG A 10 -5.78 8.72 -2.54
C ARG A 10 -6.29 7.77 -1.47
N ARG A 11 -7.38 7.07 -1.75
CA ARG A 11 -7.97 6.14 -0.81
C ARG A 11 -8.75 5.05 -1.54
N GLY A 12 -8.61 3.81 -1.08
CA GLY A 12 -9.31 2.70 -1.69
C GLY A 12 -9.13 1.41 -0.93
N TRP A 13 -9.97 0.42 -1.21
CA TRP A 13 -9.91 -0.87 -0.54
C TRP A 13 -8.94 -1.80 -1.26
N LEU A 14 -7.79 -2.04 -0.63
CA LEU A 14 -6.78 -2.92 -1.21
C LEU A 14 -6.74 -4.27 -0.48
N THR A 15 -6.09 -5.25 -1.11
CA THR A 15 -5.99 -6.58 -0.53
C THR A 15 -4.53 -7.00 -0.38
N ILE A 16 -4.10 -7.22 0.85
CA ILE A 16 -2.73 -7.63 1.12
C ILE A 16 -2.51 -9.10 0.77
N ASN A 17 -1.82 -9.34 -0.34
CA ASN A 17 -1.55 -10.70 -0.79
C ASN A 17 -0.60 -11.40 0.17
N ASN A 18 0.62 -10.86 0.30
CA ASN A 18 1.62 -11.44 1.19
C ASN A 18 0.97 -12.06 2.43
N ILE A 19 0.31 -11.21 3.21
CA ILE A 19 -0.36 -11.67 4.42
C ILE A 19 -1.35 -12.78 4.12
N SER A 20 -0.86 -14.01 4.02
CA SER A 20 -1.70 -15.17 3.73
C SER A 20 -2.77 -15.34 4.81
N LEU A 21 -3.54 -16.42 4.70
CA LEU A 21 -4.59 -16.71 5.66
C LEU A 21 -4.05 -16.73 7.08
N MET A 22 -4.87 -16.28 8.02
CA MET A 22 -4.47 -16.25 9.43
C MET A 22 -5.67 -16.44 10.34
N LYS A 23 -5.44 -17.02 11.52
CA LYS A 23 -6.50 -17.27 12.48
C LYS A 23 -7.11 -15.96 12.97
N GLY A 24 -8.23 -15.57 12.36
CA GLY A 24 -8.90 -14.34 12.75
C GLY A 24 -8.27 -13.12 12.11
N GLY A 25 -9.10 -12.31 11.45
CA GLY A 25 -8.61 -11.11 10.79
C GLY A 25 -8.75 -11.17 9.29
N SER A 26 -9.34 -10.14 8.70
CA SER A 26 -9.55 -10.08 7.26
C SER A 26 -8.23 -9.81 6.54
N LYS A 27 -8.31 -9.69 5.22
CA LYS A 27 -7.13 -9.43 4.41
C LYS A 27 -7.17 -8.02 3.81
N GLU A 28 -8.37 -7.53 3.58
CA GLU A 28 -8.56 -6.19 3.01
C GLU A 28 -8.36 -5.12 4.07
N TYR A 29 -7.97 -3.92 3.64
CA TYR A 29 -7.74 -2.81 4.55
C TYR A 29 -7.95 -1.48 3.85
N TRP A 30 -8.40 -0.48 4.61
CA TRP A 30 -8.64 0.85 4.05
C TRP A 30 -7.33 1.61 3.90
N PHE A 31 -6.69 1.46 2.74
CA PHE A 31 -5.43 2.14 2.46
C PHE A 31 -5.66 3.61 2.16
N VAL A 32 -5.06 4.49 2.96
CA VAL A 32 -5.20 5.92 2.77
C VAL A 32 -3.83 6.60 2.61
N LEU A 33 -3.30 6.58 1.40
CA LEU A 33 -2.00 7.18 1.12
C LEU A 33 -2.07 8.70 1.22
N THR A 34 -1.41 9.25 2.23
CA THR A 34 -1.39 10.69 2.44
C THR A 34 0.00 11.26 2.27
N ALA A 35 0.10 12.42 1.61
CA ALA A 35 1.38 13.06 1.38
C ALA A 35 2.33 12.84 2.56
N GLU A 36 1.79 12.95 3.77
CA GLU A 36 2.59 12.76 4.97
C GLU A 36 3.11 11.34 5.07
N SER A 37 2.20 10.37 5.07
CA SER A 37 2.57 8.96 5.14
C SER A 37 1.44 8.08 4.62
N LEU A 38 1.67 6.76 4.64
CA LEU A 38 0.68 5.80 4.17
C LEU A 38 0.20 4.92 5.32
N SER A 39 -1.09 5.02 5.64
CA SER A 39 -1.67 4.23 6.72
C SER A 39 -2.92 3.50 6.24
N TRP A 40 -3.15 2.31 6.79
CA TRP A 40 -4.31 1.52 6.42
C TRP A 40 -5.17 1.20 7.63
N TYR A 41 -6.46 1.52 7.54
CA TYR A 41 -7.39 1.29 8.63
C TYR A 41 -8.31 0.11 8.33
N LYS A 42 -9.27 -0.13 9.21
CA LYS A 42 -10.21 -1.23 9.03
C LYS A 42 -11.17 -0.94 7.87
N ASP A 43 -11.90 0.16 7.99
CA ASP A 43 -12.86 0.56 6.96
C ASP A 43 -12.55 1.97 6.45
N GLU A 44 -13.40 2.46 5.55
CA GLU A 44 -13.22 3.79 4.99
C GLU A 44 -13.89 4.84 5.88
N GLU A 45 -13.98 4.55 7.17
CA GLU A 45 -14.59 5.47 8.12
C GLU A 45 -13.53 6.13 9.00
N GLU A 46 -12.28 5.67 8.86
CA GLU A 46 -11.18 6.22 9.64
C GLU A 46 -11.51 6.20 11.13
N LYS A 47 -11.87 5.04 11.64
CA LYS A 47 -12.21 4.89 13.05
C LYS A 47 -10.99 4.48 13.86
N GLU A 48 -10.29 3.45 13.40
CA GLU A 48 -9.11 2.96 14.09
C GLU A 48 -7.98 2.67 13.10
N LYS A 49 -6.77 3.10 13.45
CA LYS A 49 -5.61 2.89 12.59
C LYS A 49 -4.81 1.67 13.04
N LYS A 50 -4.59 0.75 12.12
CA LYS A 50 -3.83 -0.47 12.42
C LYS A 50 -2.35 -0.16 12.56
N TYR A 51 -1.79 0.54 11.58
CA TYR A 51 -0.38 0.90 11.60
C TYR A 51 -0.08 1.99 10.58
N MET A 52 0.98 2.74 10.82
CA MET A 52 1.38 3.83 9.93
C MET A 52 2.76 3.55 9.34
N LEU A 53 2.91 3.82 8.04
CA LEU A 53 4.19 3.61 7.36
C LEU A 53 4.55 4.82 6.51
N PRO A 54 5.81 5.28 6.64
CA PRO A 54 6.31 6.42 5.88
C PRO A 54 6.47 6.13 4.40
N LEU A 55 6.84 7.14 3.63
CA LEU A 55 7.02 6.99 2.18
C LEU A 55 8.41 7.44 1.76
N ASP A 56 9.37 7.32 2.67
CA ASP A 56 10.75 7.70 2.38
C ASP A 56 11.67 6.49 2.38
N ASN A 57 11.33 5.49 3.20
CA ASN A 57 12.13 4.27 3.28
C ASN A 57 11.42 3.11 2.60
N LEU A 58 10.59 3.43 1.61
CA LEU A 58 9.84 2.40 0.88
C LEU A 58 10.12 2.49 -0.62
N LYS A 59 9.95 1.38 -1.32
CA LYS A 59 10.18 1.33 -2.75
C LYS A 59 9.21 0.38 -3.43
N ILE A 60 8.89 0.66 -4.69
CA ILE A 60 7.97 -0.18 -5.45
C ILE A 60 8.67 -0.84 -6.64
N ARG A 61 8.45 -2.14 -6.80
CA ARG A 61 9.06 -2.88 -7.89
C ARG A 61 8.16 -4.02 -8.35
N ASP A 62 8.11 -4.25 -9.66
CA ASP A 62 7.28 -5.30 -10.23
C ASP A 62 7.60 -6.65 -9.59
N VAL A 63 6.57 -7.44 -9.31
CA VAL A 63 6.75 -8.74 -8.70
C VAL A 63 6.32 -9.86 -9.65
N GLU A 64 7.19 -10.84 -9.83
CA GLU A 64 6.91 -11.97 -10.72
C GLU A 64 6.53 -13.21 -9.92
N LYS A 65 5.63 -14.01 -10.48
CA LYS A 65 5.18 -15.24 -9.82
C LYS A 65 5.53 -16.47 -10.66
N GLY A 66 5.21 -16.40 -11.95
CA GLY A 66 5.50 -17.51 -12.84
C GLY A 66 5.71 -17.07 -14.27
N PHE A 67 6.40 -15.95 -14.45
CA PHE A 67 6.66 -15.42 -15.78
C PHE A 67 5.40 -15.44 -16.64
N MET A 68 4.27 -15.11 -16.03
CA MET A 68 3.00 -15.10 -16.74
C MET A 68 2.11 -13.96 -16.23
N SER A 69 1.05 -13.67 -16.99
CA SER A 69 0.13 -12.60 -16.62
C SER A 69 -0.75 -13.02 -15.43
N ASN A 70 -1.16 -12.05 -14.64
CA ASN A 70 -2.00 -12.31 -13.48
C ASN A 70 -2.45 -11.01 -12.81
N LYS A 71 -3.32 -11.13 -11.82
CA LYS A 71 -3.82 -9.97 -11.10
C LYS A 71 -2.73 -8.90 -10.95
N HIS A 72 -3.13 -7.64 -11.03
CA HIS A 72 -2.18 -6.53 -10.90
C HIS A 72 -1.81 -6.30 -9.44
N VAL A 73 -0.65 -6.80 -9.05
CA VAL A 73 -0.17 -6.66 -7.68
C VAL A 73 1.27 -6.18 -7.64
N PHE A 74 1.52 -5.14 -6.85
CA PHE A 74 2.87 -4.57 -6.74
C PHE A 74 3.43 -4.81 -5.34
N ALA A 75 4.73 -5.07 -5.26
CA ALA A 75 5.39 -5.32 -3.99
C ALA A 75 6.11 -4.07 -3.50
N ILE A 76 6.10 -3.87 -2.18
CA ILE A 76 6.75 -2.71 -1.58
C ILE A 76 7.83 -3.14 -0.60
N PHE A 77 9.08 -2.80 -0.93
CA PHE A 77 10.21 -3.15 -0.07
C PHE A 77 10.88 -1.89 0.49
N ASN A 78 11.56 -2.05 1.62
CA ASN A 78 12.25 -0.92 2.25
C ASN A 78 13.68 -0.82 1.76
N THR A 79 14.01 0.33 1.16
CA THR A 79 15.35 0.57 0.64
C THR A 79 16.39 0.50 1.76
N GLU A 80 16.03 1.02 2.93
CA GLU A 80 16.93 1.02 4.08
C GLU A 80 17.12 -0.38 4.62
N GLN A 81 18.29 -0.63 5.21
CA GLN A 81 18.59 -1.94 5.77
C GLN A 81 17.67 -2.26 6.94
N ARG A 82 16.45 -2.69 6.62
CA ARG A 82 15.46 -3.03 7.63
C ARG A 82 14.22 -3.66 7.01
N ASN A 83 13.37 -4.24 7.85
CA ASN A 83 12.15 -4.88 7.37
C ASN A 83 10.99 -3.89 7.35
N VAL A 84 10.50 -3.59 6.15
CA VAL A 84 9.40 -2.67 5.98
C VAL A 84 8.28 -2.95 6.97
N TYR A 85 8.02 -4.23 7.20
CA TYR A 85 6.98 -4.64 8.14
C TYR A 85 7.57 -5.46 9.30
N LYS A 86 6.70 -5.86 10.22
CA LYS A 86 7.13 -6.64 11.37
C LYS A 86 8.26 -7.59 10.99
N ASP A 87 7.96 -8.52 10.09
CA ASP A 87 8.95 -9.49 9.63
C ASP A 87 9.02 -9.53 8.11
N LEU A 88 7.89 -9.27 7.47
CA LEU A 88 7.82 -9.28 6.01
C LEU A 88 8.90 -8.37 5.41
N ARG A 89 9.62 -8.88 4.43
CA ARG A 89 10.68 -8.12 3.78
C ARG A 89 10.10 -7.18 2.72
N GLN A 90 8.83 -7.38 2.40
CA GLN A 90 8.15 -6.56 1.40
C GLN A 90 6.64 -6.76 1.47
N ILE A 91 5.90 -5.64 1.49
CA ILE A 91 4.45 -5.69 1.55
C ILE A 91 3.84 -5.66 0.16
N GLU A 92 3.14 -6.75 -0.19
CA GLU A 92 2.50 -6.85 -1.51
C GLU A 92 1.08 -6.28 -1.46
N LEU A 93 0.61 -5.78 -2.60
CA LEU A 93 -0.73 -5.23 -2.70
C LEU A 93 -1.33 -5.48 -4.07
N ALA A 94 -2.50 -6.11 -4.10
CA ALA A 94 -3.19 -6.41 -5.35
C ALA A 94 -4.36 -5.46 -5.57
N CYS A 95 -4.57 -5.08 -6.83
CA CYS A 95 -5.67 -4.18 -7.18
C CYS A 95 -6.69 -4.88 -8.06
N ASP A 96 -7.74 -4.16 -8.44
CA ASP A 96 -8.78 -4.71 -9.28
C ASP A 96 -8.33 -4.79 -10.73
N SER A 97 -7.76 -3.71 -11.24
CA SER A 97 -7.28 -3.65 -12.62
C SER A 97 -6.17 -2.62 -12.76
N GLN A 98 -5.49 -2.67 -13.91
CA GLN A 98 -4.39 -1.74 -14.17
C GLN A 98 -4.80 -0.30 -13.84
N GLU A 99 -6.01 0.06 -14.23
CA GLU A 99 -6.51 1.41 -13.97
C GLU A 99 -6.21 1.84 -12.53
N ASP A 100 -6.37 0.91 -11.60
CA ASP A 100 -6.11 1.20 -10.19
C ASP A 100 -4.61 1.33 -9.93
N VAL A 101 -3.88 0.26 -10.19
CA VAL A 101 -2.42 0.25 -9.99
C VAL A 101 -1.79 1.53 -10.53
N ASP A 102 -2.03 1.81 -11.80
CA ASP A 102 -1.49 3.00 -12.44
C ASP A 102 -1.69 4.23 -11.56
N SER A 103 -2.91 4.42 -11.09
CA SER A 103 -3.24 5.56 -10.23
C SER A 103 -2.49 5.47 -8.91
N TRP A 104 -2.61 4.33 -8.24
CA TRP A 104 -1.94 4.12 -6.96
C TRP A 104 -0.46 4.44 -7.05
N LYS A 105 0.14 4.10 -8.19
CA LYS A 105 1.56 4.35 -8.41
C LYS A 105 1.84 5.85 -8.55
N ALA A 106 1.15 6.48 -9.49
CA ALA A 106 1.31 7.91 -9.72
C ALA A 106 1.21 8.69 -8.41
N SER A 107 0.28 8.28 -7.56
CA SER A 107 0.07 8.96 -6.28
C SER A 107 1.32 8.86 -5.41
N PHE A 108 1.96 7.70 -5.41
CA PHE A 108 3.17 7.48 -4.62
C PHE A 108 4.25 8.49 -5.01
N LEU A 109 4.32 8.79 -6.30
CA LEU A 109 5.32 9.74 -6.79
C LEU A 109 5.13 11.11 -6.16
N ARG A 110 3.88 11.56 -6.09
CA ARG A 110 3.56 12.86 -5.50
C ARG A 110 4.18 12.99 -4.11
N ALA A 111 4.13 11.91 -3.34
CA ALA A 111 4.68 11.90 -1.99
C ALA A 111 6.21 11.97 -2.02
N GLY A 112 6.80 11.37 -3.05
CA GLY A 112 8.25 11.37 -3.17
C GLY A 112 8.82 9.98 -3.32
N VAL A 113 8.07 9.09 -3.95
CA VAL A 113 8.51 7.71 -4.14
C VAL A 113 8.82 7.44 -5.61
N GLY A 1 4.67 26.37 -7.73
CA GLY A 1 4.13 26.12 -6.42
C GLY A 1 3.37 27.31 -5.86
N SER A 2 3.67 27.66 -4.61
CA SER A 2 3.01 28.79 -3.96
C SER A 2 1.49 28.69 -4.11
N SER A 3 0.97 27.49 -3.94
CA SER A 3 -0.47 27.25 -4.06
C SER A 3 -1.07 26.90 -2.70
N GLY A 4 -0.49 25.91 -2.05
CA GLY A 4 -0.98 25.48 -0.74
C GLY A 4 -0.51 24.10 -0.37
N SER A 5 -1.46 23.17 -0.24
CA SER A 5 -1.14 21.79 0.13
C SER A 5 -2.34 20.88 -0.08
N SER A 6 -2.10 19.57 -0.04
CA SER A 6 -3.17 18.60 -0.23
C SER A 6 -3.10 17.51 0.85
N GLY A 7 -4.09 17.53 1.75
CA GLY A 7 -4.12 16.55 2.82
C GLY A 7 -3.94 15.13 2.31
N VAL A 8 -4.98 14.61 1.66
CA VAL A 8 -4.94 13.25 1.12
C VAL A 8 -4.63 13.26 -0.38
N ILE A 9 -3.87 12.27 -0.82
CA ILE A 9 -3.49 12.17 -2.23
C ILE A 9 -4.33 11.10 -2.94
N ARG A 10 -4.44 9.93 -2.32
CA ARG A 10 -5.21 8.83 -2.89
C ARG A 10 -5.76 7.93 -1.79
N ARG A 11 -6.91 7.32 -2.06
CA ARG A 11 -7.54 6.42 -1.09
C ARG A 11 -8.27 5.29 -1.80
N GLY A 12 -8.61 4.25 -1.05
CA GLY A 12 -9.31 3.11 -1.63
C GLY A 12 -9.02 1.81 -0.89
N TRP A 13 -9.90 0.84 -1.06
CA TRP A 13 -9.74 -0.46 -0.40
C TRP A 13 -8.80 -1.36 -1.20
N LEU A 14 -7.78 -1.88 -0.54
CA LEU A 14 -6.81 -2.76 -1.18
C LEU A 14 -6.81 -4.14 -0.54
N THR A 15 -6.30 -5.13 -1.26
CA THR A 15 -6.25 -6.49 -0.77
C THR A 15 -4.81 -6.96 -0.61
N ILE A 16 -4.31 -6.92 0.62
CA ILE A 16 -2.94 -7.34 0.90
C ILE A 16 -2.75 -8.82 0.59
N ASN A 17 -2.40 -9.12 -0.65
CA ASN A 17 -2.19 -10.50 -1.07
C ASN A 17 -1.40 -11.27 -0.01
N ASN A 18 -0.42 -10.61 0.59
CA ASN A 18 0.39 -11.24 1.63
C ASN A 18 0.28 -10.48 2.94
N ILE A 19 -0.63 -10.94 3.81
CA ILE A 19 -0.83 -10.30 5.11
C ILE A 19 -0.76 -11.33 6.23
N SER A 20 -0.49 -10.85 7.44
CA SER A 20 -0.39 -11.73 8.61
C SER A 20 -1.49 -12.79 8.57
N LEU A 21 -1.22 -13.93 9.20
CA LEU A 21 -2.18 -15.03 9.25
C LEU A 21 -3.58 -14.52 9.58
N MET A 22 -3.64 -13.59 10.54
CA MET A 22 -4.92 -13.02 10.95
C MET A 22 -6.04 -14.05 10.85
N LYS A 23 -5.70 -15.31 11.14
CA LYS A 23 -6.68 -16.39 11.09
C LYS A 23 -8.06 -15.90 11.53
N GLY A 24 -9.06 -16.14 10.69
CA GLY A 24 -10.42 -15.72 11.01
C GLY A 24 -10.62 -14.22 10.80
N GLY A 25 -10.23 -13.74 9.63
CA GLY A 25 -10.39 -12.32 9.34
C GLY A 25 -10.42 -12.03 7.84
N SER A 26 -10.27 -10.76 7.48
CA SER A 26 -10.29 -10.36 6.08
C SER A 26 -8.91 -9.87 5.64
N LYS A 27 -8.77 -9.59 4.35
CA LYS A 27 -7.51 -9.10 3.81
C LYS A 27 -7.65 -7.69 3.28
N GLU A 28 -8.90 -7.24 3.11
CA GLU A 28 -9.17 -5.90 2.62
C GLU A 28 -9.03 -4.87 3.73
N TYR A 29 -8.39 -3.75 3.41
CA TYR A 29 -8.18 -2.68 4.40
C TYR A 29 -8.32 -1.31 3.75
N TRP A 30 -8.51 -0.29 4.58
CA TRP A 30 -8.66 1.07 4.08
C TRP A 30 -7.31 1.76 3.97
N PHE A 31 -6.69 1.65 2.80
CA PHE A 31 -5.38 2.28 2.57
C PHE A 31 -5.54 3.76 2.23
N VAL A 32 -4.93 4.61 3.04
CA VAL A 32 -4.99 6.05 2.83
C VAL A 32 -3.61 6.64 2.63
N LEU A 33 -3.28 6.96 1.38
CA LEU A 33 -1.98 7.52 1.05
C LEU A 33 -2.01 9.04 1.18
N THR A 34 -1.10 9.59 1.98
CA THR A 34 -1.01 11.03 2.20
C THR A 34 0.41 11.52 2.01
N ALA A 35 0.55 12.82 1.70
CA ALA A 35 1.87 13.42 1.50
C ALA A 35 2.77 13.16 2.70
N GLU A 36 2.17 12.81 3.83
CA GLU A 36 2.92 12.55 5.05
C GLU A 36 3.37 11.08 5.10
N SER A 37 2.39 10.19 5.17
CA SER A 37 2.67 8.75 5.22
C SER A 37 1.46 7.93 4.78
N LEU A 38 1.66 6.64 4.62
CA LEU A 38 0.58 5.74 4.20
C LEU A 38 0.14 4.84 5.35
N SER A 39 -1.12 4.96 5.72
CA SER A 39 -1.67 4.16 6.81
C SER A 39 -2.95 3.44 6.37
N TRP A 40 -3.10 2.19 6.81
CA TRP A 40 -4.26 1.39 6.46
C TRP A 40 -5.14 1.13 7.68
N TYR A 41 -6.42 1.45 7.58
CA TYR A 41 -7.36 1.24 8.67
C TYR A 41 -8.29 0.07 8.39
N LYS A 42 -9.25 -0.15 9.29
CA LYS A 42 -10.21 -1.23 9.14
C LYS A 42 -11.22 -0.91 8.05
N ASP A 43 -11.88 0.24 8.18
CA ASP A 43 -12.87 0.67 7.20
C ASP A 43 -12.67 2.13 6.82
N GLU A 44 -13.48 2.61 5.88
CA GLU A 44 -13.38 3.99 5.42
C GLU A 44 -13.54 4.96 6.58
N GLU A 45 -14.20 4.51 7.64
CA GLU A 45 -14.42 5.35 8.81
C GLU A 45 -13.12 5.61 9.55
N GLU A 46 -12.24 4.60 9.56
CA GLU A 46 -10.95 4.72 10.24
C GLU A 46 -11.14 4.89 11.75
N LYS A 47 -11.92 3.99 12.35
CA LYS A 47 -12.19 4.04 13.77
C LYS A 47 -10.90 3.84 14.57
N GLU A 48 -10.04 2.96 14.07
CA GLU A 48 -8.77 2.67 14.74
C GLU A 48 -7.67 2.39 13.72
N LYS A 49 -6.51 3.01 13.92
CA LYS A 49 -5.38 2.83 13.02
C LYS A 49 -4.62 1.54 13.35
N LYS A 50 -4.42 0.71 12.33
CA LYS A 50 -3.70 -0.55 12.50
C LYS A 50 -2.20 -0.32 12.57
N TYR A 51 -1.62 0.07 11.44
CA TYR A 51 -0.18 0.32 11.37
C TYR A 51 0.13 1.42 10.37
N MET A 52 1.02 2.33 10.75
CA MET A 52 1.41 3.44 9.89
C MET A 52 2.77 3.18 9.25
N LEU A 53 2.94 3.64 8.01
CA LEU A 53 4.19 3.46 7.28
C LEU A 53 4.52 4.70 6.46
N PRO A 54 5.78 5.15 6.57
CA PRO A 54 6.26 6.34 5.83
C PRO A 54 6.38 6.08 4.34
N LEU A 55 6.82 7.08 3.61
CA LEU A 55 7.00 6.96 2.15
C LEU A 55 8.36 7.49 1.72
N ASP A 56 9.31 7.50 2.65
CA ASP A 56 10.65 7.98 2.36
C ASP A 56 11.64 6.83 2.31
N ASN A 57 11.41 5.82 3.14
CA ASN A 57 12.28 4.65 3.20
C ASN A 57 11.63 3.45 2.52
N LEU A 58 10.78 3.73 1.52
CA LEU A 58 10.10 2.67 0.79
C LEU A 58 10.43 2.74 -0.70
N LYS A 59 9.93 1.77 -1.46
CA LYS A 59 10.18 1.72 -2.89
C LYS A 59 9.27 0.69 -3.56
N ILE A 60 9.02 0.88 -4.85
CA ILE A 60 8.16 -0.02 -5.61
C ILE A 60 8.97 -0.77 -6.68
N ARG A 61 8.73 -2.08 -6.77
CA ARG A 61 9.43 -2.90 -7.75
C ARG A 61 8.53 -4.02 -8.27
N ASP A 62 8.72 -4.41 -9.52
CA ASP A 62 7.93 -5.47 -10.13
C ASP A 62 8.04 -6.75 -9.31
N VAL A 63 6.91 -7.45 -9.18
CA VAL A 63 6.87 -8.71 -8.43
C VAL A 63 7.22 -9.90 -9.32
N GLU A 64 8.18 -10.70 -8.87
CA GLU A 64 8.60 -11.87 -9.64
C GLU A 64 8.05 -13.15 -9.01
N LYS A 65 7.23 -13.86 -9.77
CA LYS A 65 6.64 -15.11 -9.30
C LYS A 65 7.36 -16.32 -9.89
N GLY A 66 7.52 -16.32 -11.21
CA GLY A 66 8.19 -17.42 -11.87
C GLY A 66 8.02 -17.40 -13.37
N PHE A 67 6.77 -17.45 -13.82
CA PHE A 67 6.46 -17.43 -15.24
C PHE A 67 5.70 -16.16 -15.62
N MET A 68 4.56 -15.95 -14.99
CA MET A 68 3.75 -14.76 -15.25
C MET A 68 2.94 -14.36 -14.02
N SER A 69 2.81 -13.05 -13.81
CA SER A 69 2.07 -12.54 -12.67
C SER A 69 0.64 -13.08 -12.66
N ASN A 70 0.08 -13.23 -11.46
CA ASN A 70 -1.28 -13.74 -11.30
C ASN A 70 -2.29 -12.61 -11.36
N LYS A 71 -1.82 -11.39 -11.11
CA LYS A 71 -2.68 -10.21 -11.14
C LYS A 71 -1.88 -8.93 -10.90
N HIS A 72 -2.50 -7.79 -11.18
CA HIS A 72 -1.84 -6.51 -11.00
C HIS A 72 -1.56 -6.24 -9.52
N VAL A 73 -0.38 -6.64 -9.07
CA VAL A 73 0.02 -6.45 -7.68
C VAL A 73 1.48 -6.01 -7.58
N PHE A 74 1.71 -4.96 -6.80
CA PHE A 74 3.06 -4.43 -6.62
C PHE A 74 3.54 -4.67 -5.18
N ALA A 75 4.86 -4.83 -5.03
CA ALA A 75 5.45 -5.05 -3.71
C ALA A 75 6.23 -3.83 -3.25
N ILE A 76 6.13 -3.53 -1.96
CA ILE A 76 6.83 -2.38 -1.38
C ILE A 76 7.89 -2.84 -0.39
N PHE A 77 9.15 -2.49 -0.67
CA PHE A 77 10.26 -2.86 0.20
C PHE A 77 10.92 -1.62 0.79
N ASN A 78 11.74 -1.82 1.81
CA ASN A 78 12.43 -0.72 2.47
C ASN A 78 13.86 -0.58 1.93
N THR A 79 14.12 0.50 1.21
CA THR A 79 15.43 0.75 0.64
C THR A 79 16.52 0.62 1.71
N GLU A 80 16.24 1.12 2.90
CA GLU A 80 17.20 1.06 4.00
C GLU A 80 17.20 -0.33 4.64
N GLN A 81 18.22 -0.59 5.45
CA GLN A 81 18.34 -1.89 6.12
C GLN A 81 17.30 -2.03 7.23
N ARG A 82 16.07 -2.29 6.84
CA ARG A 82 14.98 -2.45 7.81
C ARG A 82 13.82 -3.23 7.20
N ASN A 83 12.84 -3.58 8.03
CA ASN A 83 11.68 -4.34 7.58
C ASN A 83 10.55 -3.40 7.19
N VAL A 84 9.53 -3.95 6.53
CA VAL A 84 8.38 -3.16 6.11
C VAL A 84 7.14 -3.50 6.93
N TYR A 85 6.93 -4.79 7.16
CA TYR A 85 5.77 -5.25 7.94
C TYR A 85 6.22 -6.16 9.08
N LYS A 86 5.26 -6.58 9.89
CA LYS A 86 5.54 -7.46 11.02
C LYS A 86 6.55 -8.54 10.62
N ASP A 87 6.11 -9.49 9.80
CA ASP A 87 6.98 -10.58 9.35
C ASP A 87 6.94 -10.70 7.84
N LEU A 88 6.85 -9.57 7.15
CA LEU A 88 6.81 -9.54 5.69
C LEU A 88 7.72 -8.46 5.13
N ARG A 89 8.84 -8.88 4.55
CA ARG A 89 9.80 -7.94 3.98
C ARG A 89 9.10 -6.94 3.07
N GLN A 90 8.22 -7.43 2.20
CA GLN A 90 7.48 -6.58 1.28
C GLN A 90 5.98 -6.79 1.43
N ILE A 91 5.20 -5.78 1.03
CA ILE A 91 3.75 -5.86 1.12
C ILE A 91 3.12 -5.84 -0.27
N GLU A 92 2.78 -7.02 -0.76
CA GLU A 92 2.16 -7.15 -2.08
C GLU A 92 0.71 -6.65 -2.06
N LEU A 93 0.44 -5.63 -2.85
CA LEU A 93 -0.90 -5.05 -2.92
C LEU A 93 -1.53 -5.31 -4.28
N ALA A 94 -2.57 -6.14 -4.30
CA ALA A 94 -3.27 -6.47 -5.54
C ALA A 94 -4.51 -5.58 -5.72
N CYS A 95 -4.98 -5.50 -6.97
CA CYS A 95 -6.15 -4.68 -7.28
C CYS A 95 -7.06 -5.41 -8.25
N ASP A 96 -8.20 -4.79 -8.57
CA ASP A 96 -9.16 -5.38 -9.49
C ASP A 96 -8.62 -5.37 -10.92
N SER A 97 -7.99 -4.28 -11.30
CA SER A 97 -7.43 -4.15 -12.64
C SER A 97 -6.18 -3.28 -12.64
N GLN A 98 -5.49 -3.23 -13.76
CA GLN A 98 -4.27 -2.44 -13.89
C GLN A 98 -4.54 -0.98 -13.60
N GLU A 99 -5.64 -0.46 -14.15
CA GLU A 99 -6.01 0.94 -13.94
C GLU A 99 -5.85 1.33 -12.48
N ASP A 100 -6.54 0.63 -11.60
CA ASP A 100 -6.49 0.90 -10.17
C ASP A 100 -5.04 1.05 -9.71
N VAL A 101 -4.20 0.08 -10.08
CA VAL A 101 -2.80 0.09 -9.70
C VAL A 101 -2.09 1.32 -10.27
N ASP A 102 -2.36 1.62 -11.54
CA ASP A 102 -1.75 2.77 -12.19
C ASP A 102 -1.94 4.03 -11.37
N SER A 103 -3.20 4.32 -11.02
CA SER A 103 -3.52 5.51 -10.24
C SER A 103 -2.71 5.54 -8.95
N TRP A 104 -2.52 4.36 -8.35
CA TRP A 104 -1.78 4.27 -7.10
C TRP A 104 -0.29 4.55 -7.33
N LYS A 105 0.30 3.84 -8.29
CA LYS A 105 1.71 4.02 -8.61
C LYS A 105 2.04 5.49 -8.84
N ALA A 106 1.05 6.24 -9.33
CA ALA A 106 1.23 7.66 -9.60
C ALA A 106 1.06 8.48 -8.33
N SER A 107 0.05 8.14 -7.54
CA SER A 107 -0.23 8.85 -6.30
C SER A 107 0.98 8.78 -5.36
N PHE A 108 1.72 7.68 -5.43
CA PHE A 108 2.90 7.50 -4.59
C PHE A 108 3.97 8.54 -4.92
N LEU A 109 4.07 8.89 -6.20
CA LEU A 109 5.05 9.87 -6.64
C LEU A 109 4.83 11.22 -5.96
N ARG A 110 3.59 11.69 -5.96
CA ARG A 110 3.25 12.96 -5.33
C ARG A 110 3.88 13.06 -3.95
N ALA A 111 3.79 11.98 -3.18
CA ALA A 111 4.36 11.95 -1.83
C ALA A 111 5.88 12.04 -1.88
N GLY A 112 6.48 11.49 -2.92
CA GLY A 112 7.92 11.52 -3.07
C GLY A 112 8.52 10.13 -3.19
N VAL A 113 7.78 9.21 -3.81
CA VAL A 113 8.24 7.84 -3.98
C VAL A 113 8.81 7.64 -5.38
N GLY A 1 -9.51 27.62 12.60
CA GLY A 1 -9.21 26.20 12.66
C GLY A 1 -10.40 25.34 12.24
N SER A 2 -10.79 24.42 13.10
CA SER A 2 -11.91 23.53 12.82
C SER A 2 -11.60 22.62 11.64
N SER A 3 -10.39 22.08 11.62
CA SER A 3 -9.96 21.20 10.54
C SER A 3 -9.17 20.02 11.10
N GLY A 4 -9.38 18.84 10.52
CA GLY A 4 -8.67 17.65 10.98
C GLY A 4 -7.58 17.23 10.01
N SER A 5 -7.83 16.16 9.27
CA SER A 5 -6.84 15.65 8.32
C SER A 5 -7.22 16.03 6.89
N SER A 6 -6.88 17.25 6.50
CA SER A 6 -7.19 17.75 5.16
C SER A 6 -5.93 17.79 4.29
N GLY A 7 -5.56 16.64 3.74
CA GLY A 7 -4.39 16.56 2.90
C GLY A 7 -4.10 15.15 2.43
N VAL A 8 -5.00 14.60 1.61
CA VAL A 8 -4.84 13.25 1.08
C VAL A 8 -4.52 13.27 -0.40
N ILE A 9 -3.77 12.28 -0.86
CA ILE A 9 -3.40 12.18 -2.27
C ILE A 9 -4.23 11.12 -2.99
N ARG A 10 -4.45 10.00 -2.31
CA ARG A 10 -5.23 8.90 -2.88
C ARG A 10 -5.71 7.95 -1.79
N ARG A 11 -6.88 7.35 -2.00
CA ARG A 11 -7.45 6.42 -1.04
C ARG A 11 -8.21 5.30 -1.74
N GLY A 12 -8.39 4.19 -1.05
CA GLY A 12 -9.10 3.06 -1.63
C GLY A 12 -8.86 1.77 -0.87
N TRP A 13 -9.79 0.83 -0.97
CA TRP A 13 -9.66 -0.45 -0.29
C TRP A 13 -8.71 -1.37 -1.05
N LEU A 14 -7.62 -1.77 -0.40
CA LEU A 14 -6.64 -2.64 -1.00
C LEU A 14 -6.65 -4.02 -0.35
N THR A 15 -6.34 -5.05 -1.12
CA THR A 15 -6.32 -6.42 -0.61
C THR A 15 -4.89 -6.92 -0.45
N ILE A 16 -4.36 -6.80 0.77
CA ILE A 16 -3.01 -7.23 1.05
C ILE A 16 -2.82 -8.71 0.72
N ASN A 17 -2.35 -8.99 -0.49
CA ASN A 17 -2.14 -10.36 -0.94
C ASN A 17 -1.52 -11.20 0.18
N ASN A 18 -0.63 -10.59 0.95
CA ASN A 18 0.03 -11.27 2.05
C ASN A 18 0.23 -10.34 3.24
N ILE A 19 -0.50 -10.61 4.32
CA ILE A 19 -0.40 -9.80 5.52
C ILE A 19 0.02 -10.63 6.73
N SER A 20 -0.18 -11.94 6.63
CA SER A 20 0.19 -12.86 7.70
C SER A 20 0.20 -14.30 7.21
N LEU A 21 1.07 -15.11 7.79
CA LEU A 21 1.18 -16.52 7.41
C LEU A 21 0.11 -17.35 8.09
N MET A 22 -0.09 -17.12 9.39
CA MET A 22 -1.10 -17.84 10.16
C MET A 22 -2.49 -17.28 9.89
N LYS A 23 -2.75 -16.09 10.42
CA LYS A 23 -4.04 -15.45 10.24
C LYS A 23 -4.49 -15.51 8.79
N GLY A 24 -5.74 -15.11 8.53
CA GLY A 24 -6.26 -15.14 7.18
C GLY A 24 -7.74 -14.77 7.13
N GLY A 25 -8.04 -13.51 7.43
CA GLY A 25 -9.42 -13.06 7.41
C GLY A 25 -9.54 -11.58 7.10
N SER A 26 -10.20 -11.27 5.99
CA SER A 26 -10.38 -9.87 5.59
C SER A 26 -9.02 -9.18 5.40
N LYS A 27 -8.16 -9.80 4.60
CA LYS A 27 -6.83 -9.24 4.34
C LYS A 27 -6.94 -7.83 3.79
N GLU A 28 -8.14 -7.46 3.32
CA GLU A 28 -8.36 -6.13 2.77
C GLU A 28 -8.47 -5.08 3.88
N TYR A 29 -8.00 -3.87 3.59
CA TYR A 29 -8.04 -2.78 4.57
C TYR A 29 -8.21 -1.44 3.88
N TRP A 30 -8.31 -0.38 4.67
CA TRP A 30 -8.49 0.96 4.13
C TRP A 30 -7.14 1.68 4.05
N PHE A 31 -6.52 1.62 2.88
CA PHE A 31 -5.23 2.27 2.66
C PHE A 31 -5.41 3.75 2.35
N VAL A 32 -4.75 4.59 3.15
CA VAL A 32 -4.84 6.03 2.97
C VAL A 32 -3.48 6.64 2.69
N LEU A 33 -3.14 6.77 1.41
CA LEU A 33 -1.85 7.33 1.00
C LEU A 33 -1.89 8.86 1.02
N THR A 34 -1.36 9.45 2.07
CA THR A 34 -1.34 10.89 2.21
C THR A 34 0.06 11.45 1.98
N ALA A 35 0.18 12.77 1.92
CA ALA A 35 1.46 13.42 1.71
C ALA A 35 2.38 13.24 2.91
N GLU A 36 1.83 12.68 3.99
CA GLU A 36 2.59 12.44 5.21
C GLU A 36 3.06 10.99 5.29
N SER A 37 2.09 10.08 5.29
CA SER A 37 2.39 8.65 5.38
C SER A 37 1.22 7.82 4.86
N LEU A 38 1.44 6.52 4.72
CA LEU A 38 0.40 5.62 4.23
C LEU A 38 0.05 4.58 5.30
N SER A 39 -1.15 4.70 5.85
CA SER A 39 -1.62 3.79 6.88
C SER A 39 -2.85 3.03 6.41
N TRP A 40 -3.07 1.85 6.99
CA TRP A 40 -4.23 1.03 6.63
C TRP A 40 -5.11 0.77 7.85
N TYR A 41 -6.38 1.15 7.73
CA TYR A 41 -7.33 0.96 8.82
C TYR A 41 -8.36 -0.11 8.47
N LYS A 42 -9.34 -0.29 9.36
CA LYS A 42 -10.40 -1.27 9.13
C LYS A 42 -11.36 -0.81 8.05
N ASP A 43 -11.77 0.45 8.14
CA ASP A 43 -12.71 1.01 7.17
C ASP A 43 -12.33 2.45 6.84
N GLU A 44 -13.16 3.10 6.02
CA GLU A 44 -12.92 4.49 5.63
C GLU A 44 -13.09 5.43 6.83
N GLU A 45 -13.65 4.90 7.91
CA GLU A 45 -13.87 5.69 9.12
C GLU A 45 -12.56 5.93 9.86
N GLU A 46 -11.63 4.99 9.72
CA GLU A 46 -10.33 5.09 10.39
C GLU A 46 -10.51 5.21 11.89
N LYS A 47 -11.47 4.48 12.43
CA LYS A 47 -11.73 4.50 13.87
C LYS A 47 -10.67 3.71 14.63
N GLU A 48 -10.30 2.56 14.11
CA GLU A 48 -9.29 1.72 14.74
C GLU A 48 -8.09 1.53 13.82
N LYS A 49 -7.11 2.43 13.96
CA LYS A 49 -5.89 2.36 13.15
C LYS A 49 -5.07 1.12 13.50
N LYS A 50 -4.51 0.49 12.47
CA LYS A 50 -3.70 -0.70 12.67
C LYS A 50 -2.22 -0.33 12.81
N TYR A 51 -1.63 0.11 11.71
CA TYR A 51 -0.22 0.50 11.71
C TYR A 51 0.06 1.53 10.63
N MET A 52 0.91 2.50 10.95
CA MET A 52 1.26 3.56 10.00
C MET A 52 2.63 3.30 9.38
N LEU A 53 2.80 3.71 8.14
CA LEU A 53 4.06 3.52 7.43
C LEU A 53 4.43 4.75 6.61
N PRO A 54 5.68 5.21 6.74
CA PRO A 54 6.18 6.37 6.02
C PRO A 54 6.31 6.13 4.52
N LEU A 55 6.70 7.16 3.78
CA LEU A 55 6.86 7.05 2.34
C LEU A 55 8.25 7.52 1.91
N ASP A 56 9.23 7.37 2.81
CA ASP A 56 10.60 7.78 2.53
C ASP A 56 11.53 6.57 2.52
N ASN A 57 11.33 5.66 3.47
CA ASN A 57 12.15 4.47 3.58
C ASN A 57 11.48 3.28 2.89
N LEU A 58 10.75 3.56 1.82
CA LEU A 58 10.05 2.52 1.07
C LEU A 58 10.34 2.62 -0.41
N LYS A 59 9.86 1.65 -1.18
CA LYS A 59 10.07 1.64 -2.63
C LYS A 59 9.17 0.60 -3.29
N ILE A 60 8.76 0.89 -4.52
CA ILE A 60 7.90 -0.02 -5.27
C ILE A 60 8.66 -0.68 -6.41
N ARG A 61 8.50 -2.00 -6.54
CA ARG A 61 9.17 -2.75 -7.59
C ARG A 61 8.18 -3.65 -8.33
N ASP A 62 8.26 -3.62 -9.66
CA ASP A 62 7.36 -4.42 -10.49
C ASP A 62 7.77 -5.90 -10.45
N VAL A 63 7.00 -6.70 -9.71
CA VAL A 63 7.29 -8.12 -9.57
C VAL A 63 7.22 -8.82 -10.93
N GLU A 64 8.34 -9.39 -11.36
CA GLU A 64 8.41 -10.08 -12.64
C GLU A 64 8.41 -11.59 -12.43
N LYS A 65 7.47 -12.27 -13.09
CA LYS A 65 7.36 -13.72 -12.98
C LYS A 65 7.90 -14.40 -14.23
N GLY A 66 7.63 -13.81 -15.39
CA GLY A 66 8.10 -14.37 -16.64
C GLY A 66 7.03 -14.39 -17.70
N PHE A 67 5.96 -15.15 -17.45
CA PHE A 67 4.85 -15.26 -18.39
C PHE A 67 3.52 -15.31 -17.67
N MET A 68 2.43 -15.18 -18.42
CA MET A 68 1.09 -15.20 -17.84
C MET A 68 1.01 -14.32 -16.61
N SER A 69 1.51 -13.09 -16.73
CA SER A 69 1.50 -12.15 -15.62
C SER A 69 0.20 -12.25 -14.83
N ASN A 70 0.32 -12.48 -13.53
CA ASN A 70 -0.84 -12.60 -12.66
C ASN A 70 -1.42 -11.23 -12.32
N LYS A 71 -2.45 -11.21 -11.49
CA LYS A 71 -3.09 -9.96 -11.08
C LYS A 71 -2.05 -8.87 -10.87
N HIS A 72 -2.47 -7.62 -11.05
CA HIS A 72 -1.58 -6.48 -10.88
C HIS A 72 -1.31 -6.22 -9.40
N VAL A 73 -0.14 -6.63 -8.93
CA VAL A 73 0.24 -6.44 -7.54
C VAL A 73 1.68 -5.96 -7.41
N PHE A 74 1.86 -4.86 -6.68
CA PHE A 74 3.19 -4.30 -6.48
C PHE A 74 3.65 -4.45 -5.04
N ALA A 75 4.86 -4.96 -4.85
CA ALA A 75 5.41 -5.16 -3.52
C ALA A 75 6.17 -3.94 -3.05
N ILE A 76 6.09 -3.64 -1.75
CA ILE A 76 6.77 -2.49 -1.19
C ILE A 76 7.86 -2.93 -0.21
N PHE A 77 9.10 -2.58 -0.52
CA PHE A 77 10.24 -2.93 0.32
C PHE A 77 10.90 -1.69 0.89
N ASN A 78 11.66 -1.87 1.97
CA ASN A 78 12.35 -0.76 2.62
C ASN A 78 13.76 -0.61 2.07
N THR A 79 14.02 0.52 1.43
CA THR A 79 15.34 0.79 0.86
C THR A 79 16.43 0.64 1.91
N GLU A 80 16.06 0.80 3.18
CA GLU A 80 17.01 0.68 4.27
C GLU A 80 17.28 -0.78 4.61
N GLN A 81 18.29 -1.03 5.42
CA GLN A 81 18.66 -2.38 5.82
C GLN A 81 17.75 -2.88 6.93
N ARG A 82 16.49 -3.14 6.60
CA ARG A 82 15.52 -3.62 7.57
C ARG A 82 14.27 -4.15 6.89
N ASN A 83 13.44 -4.88 7.64
CA ASN A 83 12.21 -5.43 7.10
C ASN A 83 11.15 -4.35 6.91
N VAL A 84 10.00 -4.74 6.40
CA VAL A 84 8.90 -3.80 6.17
C VAL A 84 7.79 -4.01 7.19
N TYR A 85 7.22 -5.21 7.21
CA TYR A 85 6.14 -5.54 8.14
C TYR A 85 6.66 -6.39 9.30
N LYS A 86 5.75 -6.76 10.20
CA LYS A 86 6.11 -7.59 11.35
C LYS A 86 7.07 -8.70 10.94
N ASP A 87 6.56 -9.64 10.15
CA ASP A 87 7.38 -10.76 9.70
C ASP A 87 7.19 -10.99 8.19
N LEU A 88 7.19 -9.91 7.44
CA LEU A 88 7.03 -9.98 5.99
C LEU A 88 8.00 -9.04 5.28
N ARG A 89 9.05 -9.63 4.69
CA ARG A 89 10.05 -8.84 3.98
C ARG A 89 9.41 -7.71 3.19
N GLN A 90 8.37 -8.04 2.43
CA GLN A 90 7.66 -7.05 1.63
C GLN A 90 6.16 -7.33 1.60
N ILE A 91 5.37 -6.27 1.64
CA ILE A 91 3.92 -6.41 1.61
C ILE A 91 3.37 -6.29 0.20
N GLU A 92 2.65 -7.31 -0.24
CA GLU A 92 2.07 -7.32 -1.58
C GLU A 92 0.66 -6.75 -1.57
N LEU A 93 0.35 -5.90 -2.53
CA LEU A 93 -0.96 -5.28 -2.64
C LEU A 93 -1.57 -5.50 -4.02
N ALA A 94 -2.68 -6.23 -4.07
CA ALA A 94 -3.36 -6.51 -5.32
C ALA A 94 -4.41 -5.45 -5.63
N CYS A 95 -4.93 -5.47 -6.85
CA CYS A 95 -5.95 -4.51 -7.27
C CYS A 95 -7.03 -5.19 -8.10
N ASP A 96 -8.03 -4.42 -8.51
CA ASP A 96 -9.13 -4.95 -9.31
C ASP A 96 -8.79 -4.92 -10.79
N SER A 97 -8.03 -3.90 -11.20
CA SER A 97 -7.64 -3.75 -12.59
C SER A 97 -6.47 -2.78 -12.72
N GLN A 98 -5.77 -2.86 -13.84
CA GLN A 98 -4.63 -1.99 -14.10
C GLN A 98 -4.94 -0.54 -13.71
N GLU A 99 -6.15 -0.10 -14.05
CA GLU A 99 -6.59 1.25 -13.74
C GLU A 99 -6.16 1.64 -12.33
N ASP A 100 -6.65 0.90 -11.34
CA ASP A 100 -6.32 1.16 -9.95
C ASP A 100 -4.82 1.36 -9.76
N VAL A 101 -4.06 0.30 -10.01
CA VAL A 101 -2.61 0.36 -9.88
C VAL A 101 -2.02 1.52 -10.67
N ASP A 102 -2.12 1.44 -11.99
CA ASP A 102 -1.61 2.50 -12.86
C ASP A 102 -1.78 3.86 -12.22
N SER A 103 -2.92 4.08 -11.59
CA SER A 103 -3.21 5.35 -10.93
C SER A 103 -2.47 5.46 -9.60
N TRP A 104 -2.51 4.37 -8.82
CA TRP A 104 -1.84 4.35 -7.52
C TRP A 104 -0.36 4.70 -7.66
N LYS A 105 0.31 4.06 -8.60
CA LYS A 105 1.73 4.31 -8.83
C LYS A 105 1.99 5.80 -9.03
N ALA A 106 1.23 6.42 -9.94
CA ALA A 106 1.38 7.84 -10.23
C ALA A 106 1.19 8.67 -8.97
N SER A 107 0.24 8.26 -8.13
CA SER A 107 -0.04 8.98 -6.89
C SER A 107 1.15 8.92 -5.95
N PHE A 108 1.83 7.79 -5.93
CA PHE A 108 3.00 7.60 -5.08
C PHE A 108 4.06 8.64 -5.37
N LEU A 109 4.24 8.95 -6.66
CA LEU A 109 5.24 9.93 -7.08
C LEU A 109 5.02 11.26 -6.38
N ARG A 110 3.77 11.71 -6.35
CA ARG A 110 3.42 12.98 -5.72
C ARG A 110 4.06 13.07 -4.33
N ALA A 111 3.92 12.02 -3.53
CA ALA A 111 4.48 11.99 -2.20
C ALA A 111 6.01 12.05 -2.23
N GLY A 112 6.58 11.47 -3.29
CA GLY A 112 8.03 11.47 -3.42
C GLY A 112 8.61 10.07 -3.50
N VAL A 113 7.91 9.19 -4.21
CA VAL A 113 8.36 7.81 -4.36
C VAL A 113 8.71 7.49 -5.81
N GLY A 1 -3.25 31.98 -3.87
CA GLY A 1 -3.90 30.88 -3.16
C GLY A 1 -4.22 29.71 -4.06
N SER A 2 -3.37 28.68 -4.02
CA SER A 2 -3.57 27.50 -4.85
C SER A 2 -4.65 26.60 -4.26
N SER A 3 -5.31 25.82 -5.13
CA SER A 3 -6.36 24.92 -4.68
C SER A 3 -5.82 23.92 -3.67
N GLY A 4 -6.02 24.23 -2.39
CA GLY A 4 -5.55 23.35 -1.34
C GLY A 4 -4.05 23.43 -1.13
N SER A 5 -3.59 22.96 0.02
CA SER A 5 -2.16 22.99 0.34
C SER A 5 -1.65 21.58 0.64
N SER A 6 -2.36 20.87 1.51
CA SER A 6 -1.98 19.51 1.88
C SER A 6 -3.21 18.70 2.28
N GLY A 7 -3.14 17.39 2.03
CA GLY A 7 -4.25 16.51 2.37
C GLY A 7 -4.15 15.17 1.68
N VAL A 8 -5.10 14.28 1.99
CA VAL A 8 -5.11 12.94 1.40
C VAL A 8 -4.73 12.99 -0.08
N ILE A 9 -3.92 12.02 -0.50
CA ILE A 9 -3.49 11.95 -1.89
C ILE A 9 -4.28 10.91 -2.66
N ARG A 10 -4.72 9.87 -1.96
CA ARG A 10 -5.49 8.79 -2.59
C ARG A 10 -6.13 7.90 -1.52
N ARG A 11 -7.34 7.42 -1.81
CA ARG A 11 -8.06 6.56 -0.88
C ARG A 11 -8.77 5.43 -1.63
N GLY A 12 -8.95 4.31 -0.94
CA GLY A 12 -9.62 3.17 -1.56
C GLY A 12 -9.48 1.91 -0.74
N TRP A 13 -10.18 0.86 -1.14
CA TRP A 13 -10.14 -0.41 -0.43
C TRP A 13 -9.24 -1.41 -1.15
N LEU A 14 -8.08 -1.69 -0.56
CA LEU A 14 -7.12 -2.62 -1.14
C LEU A 14 -7.05 -3.91 -0.33
N THR A 15 -6.38 -4.91 -0.88
CA THR A 15 -6.23 -6.20 -0.21
C THR A 15 -4.77 -6.61 -0.12
N ILE A 16 -4.28 -6.80 1.10
CA ILE A 16 -2.89 -7.20 1.31
C ILE A 16 -2.69 -8.68 0.99
N ASN A 17 -1.86 -8.95 -0.01
CA ASN A 17 -1.58 -10.32 -0.41
C ASN A 17 -0.69 -11.02 0.61
N ASN A 18 0.50 -10.48 0.83
CA ASN A 18 1.44 -11.06 1.78
C ASN A 18 0.70 -11.66 2.97
N ILE A 19 0.13 -10.80 3.81
CA ILE A 19 -0.60 -11.25 4.99
C ILE A 19 -1.52 -12.43 4.64
N SER A 20 -1.76 -13.28 5.62
CA SER A 20 -2.62 -14.45 5.43
C SER A 20 -3.08 -15.02 6.76
N LEU A 21 -4.38 -15.23 6.90
CA LEU A 21 -4.94 -15.78 8.13
C LEU A 21 -5.22 -17.27 7.98
N MET A 22 -5.37 -17.96 9.12
CA MET A 22 -5.64 -19.39 9.11
C MET A 22 -6.90 -19.70 8.30
N LYS A 23 -7.98 -18.98 8.59
CA LYS A 23 -9.24 -19.18 7.89
C LYS A 23 -9.17 -18.62 6.47
N GLY A 24 -10.09 -19.05 5.63
CA GLY A 24 -10.12 -18.57 4.25
C GLY A 24 -11.11 -17.45 4.04
N GLY A 25 -10.69 -16.23 4.38
CA GLY A 25 -11.55 -15.08 4.22
C GLY A 25 -10.93 -13.99 3.36
N SER A 26 -11.14 -12.75 3.75
CA SER A 26 -10.59 -11.61 3.00
C SER A 26 -9.68 -10.77 3.89
N LYS A 27 -8.68 -10.15 3.28
CA LYS A 27 -7.73 -9.31 4.01
C LYS A 27 -7.72 -7.88 3.44
N GLU A 28 -8.90 -7.29 3.31
CA GLU A 28 -9.03 -5.94 2.78
C GLU A 28 -8.78 -4.91 3.87
N TYR A 29 -8.35 -3.72 3.47
CA TYR A 29 -8.08 -2.64 4.42
C TYR A 29 -8.19 -1.28 3.74
N TRP A 30 -8.76 -0.32 4.45
CA TRP A 30 -8.93 1.03 3.91
C TRP A 30 -7.59 1.76 3.86
N PHE A 31 -6.94 1.70 2.70
CA PHE A 31 -5.65 2.37 2.52
C PHE A 31 -5.84 3.85 2.21
N VAL A 32 -5.10 4.69 2.93
CA VAL A 32 -5.19 6.13 2.73
C VAL A 32 -3.79 6.75 2.57
N LEU A 33 -3.39 6.97 1.33
CA LEU A 33 -2.09 7.55 1.04
C LEU A 33 -2.11 9.07 1.23
N THR A 34 -1.40 9.53 2.25
CA THR A 34 -1.34 10.96 2.54
C THR A 34 0.08 11.49 2.37
N ALA A 35 0.19 12.80 2.22
CA ALA A 35 1.49 13.45 2.04
C ALA A 35 2.43 13.11 3.19
N GLU A 36 1.86 12.84 4.35
CA GLU A 36 2.64 12.51 5.54
C GLU A 36 3.17 11.07 5.45
N SER A 37 2.26 10.11 5.46
CA SER A 37 2.63 8.70 5.40
C SER A 37 1.46 7.86 4.89
N LEU A 38 1.72 6.57 4.67
CA LEU A 38 0.69 5.66 4.19
C LEU A 38 0.19 4.75 5.31
N SER A 39 -1.08 4.91 5.67
CA SER A 39 -1.67 4.11 6.73
C SER A 39 -2.88 3.33 6.21
N TRP A 40 -3.05 2.12 6.73
CA TRP A 40 -4.16 1.27 6.32
C TRP A 40 -5.13 1.02 7.48
N TYR A 41 -6.37 1.45 7.33
CA TYR A 41 -7.37 1.26 8.36
C TYR A 41 -8.36 0.16 7.99
N LYS A 42 -9.38 -0.02 8.81
CA LYS A 42 -10.39 -1.03 8.57
C LYS A 42 -11.53 -0.48 7.73
N ASP A 43 -11.82 0.80 7.90
CA ASP A 43 -12.89 1.45 7.15
C ASP A 43 -12.53 2.91 6.85
N GLU A 44 -13.32 3.53 5.99
CA GLU A 44 -13.09 4.93 5.61
C GLU A 44 -13.12 5.83 6.84
N GLU A 45 -13.94 5.47 7.81
CA GLU A 45 -14.07 6.25 9.04
C GLU A 45 -12.74 6.30 9.79
N GLU A 46 -11.94 5.24 9.65
CA GLU A 46 -10.64 5.16 10.31
C GLU A 46 -10.80 5.32 11.82
N LYS A 47 -11.71 4.54 12.40
CA LYS A 47 -11.96 4.59 13.84
C LYS A 47 -10.70 4.17 14.62
N GLU A 48 -10.09 3.07 14.19
CA GLU A 48 -8.89 2.57 14.85
C GLU A 48 -7.82 2.20 13.83
N LYS A 49 -6.77 3.02 13.76
CA LYS A 49 -5.67 2.79 12.83
C LYS A 49 -4.98 1.46 13.13
N LYS A 50 -4.62 0.74 12.08
CA LYS A 50 -3.94 -0.55 12.23
C LYS A 50 -2.44 -0.35 12.36
N TYR A 51 -1.83 0.22 11.33
CA TYR A 51 -0.39 0.46 11.33
C TYR A 51 -0.02 1.58 10.37
N MET A 52 0.93 2.41 10.77
CA MET A 52 1.38 3.52 9.93
C MET A 52 2.74 3.23 9.31
N LEU A 53 2.97 3.74 8.11
CA LEU A 53 4.23 3.53 7.41
C LEU A 53 4.60 4.76 6.58
N PRO A 54 5.87 5.18 6.69
CA PRO A 54 6.37 6.34 5.95
C PRO A 54 6.50 6.06 4.45
N LEU A 55 6.86 7.09 3.70
CA LEU A 55 7.01 6.96 2.25
C LEU A 55 8.39 7.43 1.80
N ASP A 56 9.35 7.42 2.73
CA ASP A 56 10.71 7.85 2.42
C ASP A 56 11.64 6.64 2.33
N ASN A 57 11.39 5.64 3.17
CA ASN A 57 12.21 4.44 3.19
C ASN A 57 11.51 3.28 2.50
N LEU A 58 10.73 3.61 1.47
CA LEU A 58 9.99 2.60 0.71
C LEU A 58 10.35 2.66 -0.77
N LYS A 59 10.00 1.61 -1.50
CA LYS A 59 10.28 1.55 -2.92
C LYS A 59 9.35 0.54 -3.62
N ILE A 60 8.93 0.88 -4.83
CA ILE A 60 8.05 0.00 -5.59
C ILE A 60 8.78 -0.64 -6.76
N ARG A 61 8.57 -1.94 -6.95
CA ARG A 61 9.22 -2.67 -8.04
C ARG A 61 8.30 -3.76 -8.58
N ASP A 62 8.50 -4.11 -9.85
CA ASP A 62 7.70 -5.14 -10.49
C ASP A 62 7.95 -6.51 -9.86
N VAL A 63 6.99 -6.99 -9.07
CA VAL A 63 7.12 -8.27 -8.41
C VAL A 63 7.71 -9.32 -9.35
N GLU A 64 8.27 -10.37 -8.77
CA GLU A 64 8.88 -11.44 -9.56
C GLU A 64 7.92 -12.63 -9.69
N LYS A 65 7.34 -12.79 -10.87
CA LYS A 65 6.41 -13.89 -11.12
C LYS A 65 6.95 -14.82 -12.20
N GLY A 66 6.31 -15.97 -12.36
CA GLY A 66 6.74 -16.94 -13.35
C GLY A 66 6.06 -16.72 -14.69
N PHE A 67 5.23 -17.68 -15.09
CA PHE A 67 4.52 -17.59 -16.36
C PHE A 67 3.73 -16.29 -16.45
N MET A 68 2.80 -16.10 -15.51
CA MET A 68 1.98 -14.89 -15.50
C MET A 68 1.22 -14.78 -14.17
N SER A 69 1.02 -13.56 -13.72
CA SER A 69 0.31 -13.31 -12.48
C SER A 69 -1.20 -13.40 -12.68
N ASN A 70 -1.94 -13.45 -11.57
CA ASN A 70 -3.40 -13.53 -11.63
C ASN A 70 -4.02 -12.15 -11.62
N LYS A 71 -3.35 -11.21 -10.96
CA LYS A 71 -3.85 -9.84 -10.87
C LYS A 71 -2.69 -8.85 -10.71
N HIS A 72 -2.99 -7.57 -10.84
CA HIS A 72 -1.97 -6.53 -10.70
C HIS A 72 -1.54 -6.38 -9.25
N VAL A 73 -0.39 -6.96 -8.92
CA VAL A 73 0.15 -6.89 -7.57
C VAL A 73 1.54 -6.25 -7.55
N PHE A 74 1.68 -5.20 -6.76
CA PHE A 74 2.96 -4.50 -6.65
C PHE A 74 3.55 -4.65 -5.25
N ALA A 75 4.84 -4.98 -5.18
CA ALA A 75 5.52 -5.15 -3.91
C ALA A 75 6.23 -3.86 -3.49
N ILE A 76 6.37 -3.67 -2.18
CA ILE A 76 7.04 -2.49 -1.65
C ILE A 76 8.15 -2.87 -0.68
N PHE A 77 9.37 -2.51 -1.04
CA PHE A 77 10.53 -2.82 -0.20
C PHE A 77 11.18 -1.54 0.31
N ASN A 78 12.01 -1.68 1.34
CA ASN A 78 12.69 -0.53 1.93
C ASN A 78 14.12 -0.42 1.39
N THR A 79 14.44 0.72 0.81
CA THR A 79 15.77 0.95 0.26
C THR A 79 16.86 0.71 1.31
N GLU A 80 16.62 1.22 2.52
CA GLU A 80 17.57 1.06 3.61
C GLU A 80 17.36 -0.27 4.33
N GLN A 81 18.45 -0.83 4.84
CA GLN A 81 18.37 -2.10 5.56
C GLN A 81 17.41 -2.02 6.73
N ARG A 82 16.17 -2.44 6.51
CA ARG A 82 15.15 -2.40 7.55
C ARG A 82 14.04 -3.41 7.26
N ASN A 83 13.05 -3.47 8.15
CA ASN A 83 11.93 -4.39 8.00
C ASN A 83 10.64 -3.62 7.73
N VAL A 84 10.13 -3.75 6.51
CA VAL A 84 8.89 -3.07 6.13
C VAL A 84 7.76 -3.42 7.09
N TYR A 85 7.37 -4.69 7.12
CA TYR A 85 6.30 -5.15 7.99
C TYR A 85 6.86 -5.83 9.23
N LYS A 86 5.97 -6.35 10.07
CA LYS A 86 6.38 -7.02 11.30
C LYS A 86 7.44 -8.07 11.00
N ASP A 87 7.10 -9.04 10.17
CA ASP A 87 8.04 -10.11 9.82
C ASP A 87 8.01 -10.37 8.31
N LEU A 88 7.90 -9.30 7.54
CA LEU A 88 7.86 -9.41 6.09
C LEU A 88 8.74 -8.34 5.43
N ARG A 89 9.80 -8.77 4.76
CA ARG A 89 10.71 -7.86 4.09
C ARG A 89 9.95 -6.91 3.16
N GLN A 90 9.06 -7.48 2.35
CA GLN A 90 8.27 -6.68 1.42
C GLN A 90 6.79 -7.09 1.47
N ILE A 91 5.91 -6.12 1.25
CA ILE A 91 4.49 -6.37 1.27
C ILE A 91 3.89 -6.34 -0.13
N GLU A 92 3.09 -7.33 -0.46
CA GLU A 92 2.46 -7.41 -1.78
C GLU A 92 1.00 -6.97 -1.71
N LEU A 93 0.65 -5.97 -2.52
CA LEU A 93 -0.72 -5.46 -2.54
C LEU A 93 -1.37 -5.73 -3.90
N ALA A 94 -2.54 -6.36 -3.87
CA ALA A 94 -3.27 -6.68 -5.10
C ALA A 94 -4.25 -5.57 -5.45
N CYS A 95 -4.75 -5.59 -6.68
CA CYS A 95 -5.70 -4.59 -7.14
C CYS A 95 -6.75 -5.21 -8.05
N ASP A 96 -7.83 -4.48 -8.29
CA ASP A 96 -8.91 -4.96 -9.15
C ASP A 96 -8.47 -5.01 -10.60
N SER A 97 -7.88 -3.91 -11.08
CA SER A 97 -7.41 -3.83 -12.45
C SER A 97 -6.18 -2.94 -12.56
N GLN A 98 -5.51 -3.00 -13.71
CA GLN A 98 -4.31 -2.19 -13.93
C GLN A 98 -4.55 -0.74 -13.55
N GLU A 99 -5.66 -0.18 -14.03
CA GLU A 99 -6.01 1.21 -13.74
C GLU A 99 -5.72 1.54 -12.26
N ASP A 100 -6.36 0.79 -11.37
CA ASP A 100 -6.20 1.00 -9.93
C ASP A 100 -4.71 1.13 -9.58
N VAL A 101 -3.92 0.18 -10.07
CA VAL A 101 -2.49 0.18 -9.80
C VAL A 101 -1.82 1.43 -10.37
N ASP A 102 -2.15 1.75 -11.62
CA ASP A 102 -1.59 2.92 -12.27
C ASP A 102 -1.77 4.17 -11.42
N SER A 103 -2.98 4.37 -10.91
CA SER A 103 -3.29 5.53 -10.08
C SER A 103 -2.59 5.43 -8.73
N TRP A 104 -2.57 4.22 -8.17
CA TRP A 104 -1.93 3.99 -6.88
C TRP A 104 -0.44 4.30 -6.95
N LYS A 105 0.19 3.92 -8.04
CA LYS A 105 1.62 4.16 -8.24
C LYS A 105 1.89 5.63 -8.51
N ALA A 106 1.19 6.18 -9.51
CA ALA A 106 1.35 7.58 -9.88
C ALA A 106 1.15 8.49 -8.67
N SER A 107 0.27 8.08 -7.77
CA SER A 107 -0.02 8.86 -6.57
C SER A 107 1.18 8.89 -5.64
N PHE A 108 1.87 7.75 -5.53
CA PHE A 108 3.03 7.65 -4.67
C PHE A 108 4.09 8.67 -5.05
N LEU A 109 4.24 8.90 -6.35
CA LEU A 109 5.22 9.85 -6.87
C LEU A 109 5.02 11.23 -6.22
N ARG A 110 3.77 11.69 -6.20
CA ARG A 110 3.45 12.98 -5.61
C ARG A 110 4.02 13.11 -4.20
N ALA A 111 3.97 12.00 -3.45
CA ALA A 111 4.48 11.98 -2.09
C ALA A 111 6.01 12.06 -2.07
N GLY A 112 6.63 11.49 -3.10
CA GLY A 112 8.08 11.50 -3.18
C GLY A 112 8.68 10.11 -3.18
N VAL A 113 8.00 9.18 -3.85
CA VAL A 113 8.47 7.80 -3.94
C VAL A 113 8.81 7.43 -5.37
#